data_6LLQ
#
_entry.id   6LLQ
#
_entity_poly.entity_id   1
_entity_poly.type   'polypeptide(L)'
_entity_poly.pdbx_seq_one_letter_code
;GRVVVVVTSEQVKEEVRKKFPQVEVRVVTTEEDAKQVVKEVQKKGVQKVVVVGVSEKVVQKVKQEANVQVYRVTSNDEVE
QVVKDVKGSGLEHHHHHH
;
_entity_poly.pdbx_strand_id   A
#
# COMPACT_ATOMS: atom_id res chain seq x y z
N GLY A 1 12.19 -2.16 -7.75
CA GLY A 1 11.15 -2.62 -6.86
C GLY A 1 9.80 -2.02 -7.18
N ARG A 2 8.77 -2.85 -7.23
CA ARG A 2 7.42 -2.39 -7.52
C ARG A 2 6.65 -2.09 -6.24
N VAL A 3 5.73 -1.14 -6.32
CA VAL A 3 4.92 -0.75 -5.16
C VAL A 3 3.56 -0.23 -5.60
N VAL A 4 2.55 -0.48 -4.76
CA VAL A 4 1.19 -0.03 -5.06
C VAL A 4 0.55 0.63 -3.84
N VAL A 5 0.07 1.86 -4.03
CA VAL A 5 -0.57 2.60 -2.95
C VAL A 5 -2.08 2.41 -2.96
N VAL A 6 -2.62 1.91 -1.86
CA VAL A 6 -4.06 1.68 -1.75
C VAL A 6 -4.68 2.62 -0.71
N VAL A 7 -5.85 3.16 -1.05
CA VAL A 7 -6.55 4.07 -0.14
C VAL A 7 -7.99 3.62 0.08
N THR A 8 -8.59 4.07 1.18
CA THR A 8 -9.96 3.71 1.51
C THR A 8 -10.94 4.77 1.01
N SER A 9 -10.43 5.98 0.79
CA SER A 9 -11.26 7.09 0.32
C SER A 9 -10.74 7.62 -1.01
N GLU A 10 -11.66 8.05 -1.87
CA GLU A 10 -11.30 8.58 -3.18
C GLU A 10 -10.43 9.82 -3.04
N GLN A 11 -10.69 10.61 -2.00
CA GLN A 11 -9.93 11.82 -1.75
C GLN A 11 -8.44 11.54 -1.67
N VAL A 12 -8.08 10.54 -0.87
CA VAL A 12 -6.68 10.14 -0.72
C VAL A 12 -6.09 9.66 -2.03
N LYS A 13 -6.92 8.99 -2.82
CA LYS A 13 -6.47 8.46 -4.11
C LYS A 13 -6.00 9.58 -5.02
N GLU A 14 -6.82 10.62 -5.17
CA GLU A 14 -6.47 11.75 -6.01
C GLU A 14 -5.17 12.40 -5.54
N GLU A 15 -5.00 12.49 -4.23
CA GLU A 15 -3.80 13.08 -3.66
C GLU A 15 -2.57 12.21 -3.93
N VAL A 16 -2.76 10.90 -3.83
CA VAL A 16 -1.67 9.95 -4.07
C VAL A 16 -1.28 9.93 -5.55
N ARG A 17 -2.27 9.75 -6.41
CA ARG A 17 -2.02 9.70 -7.85
C ARG A 17 -1.38 11.00 -8.33
N LYS A 18 -1.72 12.09 -7.67
CA LYS A 18 -1.18 13.40 -8.04
C LYS A 18 0.28 13.53 -7.59
N LYS A 19 0.60 12.94 -6.44
CA LYS A 19 1.96 12.98 -5.92
C LYS A 19 2.89 12.09 -6.73
N PHE A 20 2.40 10.90 -7.09
CA PHE A 20 3.19 9.96 -7.87
C PHE A 20 2.33 9.30 -8.95
N PRO A 21 2.09 10.03 -10.05
CA PRO A 21 1.29 9.54 -11.18
C PRO A 21 2.00 8.42 -11.94
N GLN A 22 3.32 8.45 -11.93
CA GLN A 22 4.11 7.44 -12.63
C GLN A 22 4.02 6.10 -11.94
N VAL A 23 3.75 6.12 -10.64
CA VAL A 23 3.63 4.90 -9.85
C VAL A 23 2.24 4.30 -9.98
N GLU A 24 2.07 3.09 -9.46
CA GLU A 24 0.78 2.41 -9.51
C GLU A 24 -0.12 2.87 -8.35
N VAL A 25 -1.35 3.25 -8.69
CA VAL A 25 -2.29 3.70 -7.68
C VAL A 25 -3.65 3.04 -7.87
N ARG A 26 -4.14 2.39 -6.82
CA ARG A 26 -5.43 1.71 -6.86
C ARG A 26 -6.20 1.91 -5.57
N VAL A 27 -7.36 2.56 -5.67
CA VAL A 27 -8.19 2.81 -4.49
C VAL A 27 -9.22 1.71 -4.30
N VAL A 28 -9.29 1.16 -3.10
CA VAL A 28 -10.23 0.11 -2.78
C VAL A 28 -11.17 0.51 -1.64
N THR A 29 -12.42 0.10 -1.74
CA THR A 29 -13.41 0.42 -0.71
C THR A 29 -14.08 -0.85 -0.18
N THR A 30 -14.25 -1.83 -1.05
CA THR A 30 -14.87 -3.09 -0.66
C THR A 30 -13.93 -4.27 -0.88
N GLU A 31 -14.32 -5.44 -0.40
CA GLU A 31 -13.51 -6.64 -0.55
C GLU A 31 -13.39 -7.04 -2.02
N GLU A 32 -14.47 -6.85 -2.77
CA GLU A 32 -14.50 -7.19 -4.18
C GLU A 32 -13.60 -6.25 -4.98
N ASP A 33 -13.56 -4.98 -4.58
CA ASP A 33 -12.74 -3.98 -5.26
C ASP A 33 -11.27 -4.34 -5.16
N ALA A 34 -10.79 -4.54 -3.93
CA ALA A 34 -9.40 -4.87 -3.70
C ALA A 34 -9.00 -6.15 -4.45
N LYS A 35 -9.90 -7.13 -4.43
CA LYS A 35 -9.66 -8.40 -5.10
C LYS A 35 -9.27 -8.18 -6.57
N GLN A 36 -10.11 -7.45 -7.29
CA GLN A 36 -9.87 -7.15 -8.69
C GLN A 36 -8.56 -6.39 -8.87
N VAL A 37 -8.22 -5.57 -7.88
CA VAL A 37 -7.01 -4.78 -7.91
C VAL A 37 -5.77 -5.66 -7.76
N VAL A 38 -5.77 -6.49 -6.72
CA VAL A 38 -4.65 -7.39 -6.47
C VAL A 38 -4.30 -8.20 -7.71
N LYS A 39 -5.32 -8.74 -8.37
CA LYS A 39 -5.12 -9.54 -9.57
C LYS A 39 -4.55 -8.68 -10.69
N GLU A 40 -5.06 -7.45 -10.81
CA GLU A 40 -4.59 -6.54 -11.85
C GLU A 40 -3.10 -6.25 -11.70
N VAL A 41 -2.69 -5.87 -10.49
CA VAL A 41 -1.29 -5.57 -10.22
C VAL A 41 -0.44 -6.84 -10.26
N GLN A 42 -1.01 -7.95 -9.79
CA GLN A 42 -0.30 -9.22 -9.77
C GLN A 42 0.17 -9.60 -11.17
N LYS A 43 -0.65 -9.32 -12.17
CA LYS A 43 -0.32 -9.64 -13.55
C LYS A 43 0.69 -8.64 -14.10
N LYS A 44 0.56 -7.38 -13.68
CA LYS A 44 1.47 -6.33 -14.13
C LYS A 44 2.87 -6.55 -13.59
N GLY A 45 2.95 -7.05 -12.35
CA GLY A 45 4.25 -7.30 -11.74
C GLY A 45 4.49 -6.43 -10.53
N VAL A 46 3.70 -6.64 -9.48
CA VAL A 46 3.83 -5.86 -8.26
C VAL A 46 4.84 -6.49 -7.30
N GLN A 47 5.36 -5.69 -6.37
CA GLN A 47 6.33 -6.17 -5.40
C GLN A 47 5.93 -5.78 -3.98
N LYS A 48 5.41 -4.57 -3.84
CA LYS A 48 4.99 -4.09 -2.53
C LYS A 48 3.59 -3.46 -2.62
N VAL A 49 3.03 -3.11 -1.46
CA VAL A 49 1.71 -2.50 -1.40
C VAL A 49 1.53 -1.70 -0.11
N VAL A 50 1.26 -0.40 -0.25
CA VAL A 50 1.06 0.46 0.90
C VAL A 50 -0.38 0.93 0.99
N VAL A 51 -1.12 0.37 1.95
CA VAL A 51 -2.52 0.74 2.13
C VAL A 51 -2.66 1.83 3.19
N VAL A 52 -3.59 2.75 2.96
CA VAL A 52 -3.83 3.84 3.88
C VAL A 52 -5.27 3.83 4.40
N GLY A 53 -5.42 3.92 5.72
CA GLY A 53 -6.75 3.91 6.31
C GLY A 53 -7.45 2.58 6.16
N VAL A 54 -6.70 1.57 5.72
CA VAL A 54 -7.26 0.23 5.53
C VAL A 54 -6.97 -0.65 6.74
N SER A 55 -7.90 -1.55 7.04
CA SER A 55 -7.76 -2.46 8.17
C SER A 55 -6.62 -3.45 7.93
N GLU A 56 -5.90 -3.78 8.99
CA GLU A 56 -4.78 -4.73 8.90
C GLU A 56 -5.28 -6.13 8.62
N LYS A 57 -6.39 -6.50 9.25
CA LYS A 57 -6.98 -7.82 9.08
C LYS A 57 -7.33 -8.07 7.62
N VAL A 58 -7.73 -7.01 6.93
CA VAL A 58 -8.09 -7.12 5.52
C VAL A 58 -6.87 -7.32 4.64
N VAL A 59 -5.92 -6.39 4.75
CA VAL A 59 -4.68 -6.47 3.96
C VAL A 59 -3.89 -7.72 4.32
N GLN A 60 -3.89 -8.08 5.59
CA GLN A 60 -3.18 -9.26 6.06
C GLN A 60 -3.62 -10.51 5.31
N LYS A 61 -4.94 -10.72 5.25
CA LYS A 61 -5.50 -11.87 4.57
C LYS A 61 -5.06 -11.91 3.11
N VAL A 62 -5.47 -10.90 2.35
CA VAL A 62 -5.12 -10.82 0.93
C VAL A 62 -3.61 -10.96 0.74
N LYS A 63 -2.84 -10.22 1.54
CA LYS A 63 -1.39 -10.27 1.45
C LYS A 63 -0.89 -11.71 1.51
N GLN A 64 -1.48 -12.50 2.40
CA GLN A 64 -1.10 -13.89 2.56
C GLN A 64 -1.33 -14.67 1.27
N GLU A 65 -2.48 -14.48 0.65
CA GLU A 65 -2.82 -15.16 -0.58
C GLU A 65 -2.20 -14.45 -1.78
N ALA A 66 -1.51 -13.35 -1.52
CA ALA A 66 -0.88 -12.57 -2.58
C ALA A 66 0.61 -12.90 -2.68
N ASN A 67 1.20 -13.31 -1.57
CA ASN A 67 2.62 -13.66 -1.53
C ASN A 67 3.48 -12.43 -1.79
N VAL A 68 3.19 -11.35 -1.07
CA VAL A 68 3.93 -10.11 -1.21
C VAL A 68 4.05 -9.38 0.12
N GLN A 69 4.83 -8.30 0.14
CA GLN A 69 5.02 -7.52 1.35
C GLN A 69 3.97 -6.42 1.46
N VAL A 70 3.21 -6.44 2.54
CA VAL A 70 2.16 -5.45 2.77
C VAL A 70 2.61 -4.42 3.81
N TYR A 71 2.30 -3.16 3.54
CA TYR A 71 2.66 -2.07 4.45
C TYR A 71 1.46 -1.16 4.73
N ARG A 72 1.32 -0.73 5.97
CA ARG A 72 0.23 0.15 6.36
C ARG A 72 0.70 1.59 6.52
N VAL A 73 -0.13 2.53 6.10
CA VAL A 73 0.20 3.95 6.19
C VAL A 73 -0.40 4.57 7.45
N THR A 74 0.39 5.39 8.13
CA THR A 74 -0.06 6.06 9.34
C THR A 74 -0.14 7.57 9.15
N SER A 75 0.70 8.09 8.26
CA SER A 75 0.73 9.52 7.98
C SER A 75 1.31 9.79 6.59
N ASN A 76 1.12 11.02 6.12
CA ASN A 76 1.62 11.41 4.80
C ASN A 76 3.12 11.13 4.69
N ASP A 77 3.85 11.34 5.78
CA ASP A 77 5.28 11.10 5.81
C ASP A 77 5.59 9.63 5.59
N GLU A 78 4.64 8.77 5.96
CA GLU A 78 4.83 7.33 5.81
C GLU A 78 4.62 6.90 4.36
N VAL A 79 3.73 7.60 3.66
CA VAL A 79 3.44 7.30 2.27
C VAL A 79 4.64 7.60 1.38
N GLU A 80 5.18 8.82 1.52
CA GLU A 80 6.33 9.23 0.73
C GLU A 80 7.58 8.47 1.14
N GLN A 81 7.65 8.10 2.41
CA GLN A 81 8.79 7.37 2.94
C GLN A 81 8.82 5.94 2.40
N VAL A 82 7.70 5.24 2.55
CA VAL A 82 7.59 3.86 2.07
C VAL A 82 7.90 3.76 0.59
N VAL A 83 7.25 4.62 -0.20
CA VAL A 83 7.46 4.63 -1.64
C VAL A 83 8.89 5.05 -1.99
N LYS A 84 9.39 6.03 -1.26
CA LYS A 84 10.75 6.53 -1.48
C LYS A 84 11.74 5.38 -1.61
N ASP A 85 11.90 4.62 -0.54
CA ASP A 85 12.81 3.48 -0.54
C ASP A 85 12.30 2.37 -1.45
N VAL A 86 10.99 2.29 -1.60
CA VAL A 86 10.38 1.27 -2.45
C VAL A 86 10.49 -0.11 -1.82
N LYS A 87 11.70 -0.64 -1.78
CA LYS A 87 11.95 -1.95 -1.21
C LYS A 87 13.07 -1.89 -0.17
N GLY A 88 12.70 -2.01 1.10
CA GLY A 88 13.68 -1.96 2.17
C GLY A 88 13.09 -2.25 3.53
N SER A 89 13.17 -3.51 3.96
CA SER A 89 12.62 -3.91 5.25
C SER A 89 13.72 -4.45 6.16
N GLY A 90 13.58 -4.18 7.46
CA GLY A 90 14.57 -4.64 8.41
C GLY A 90 14.08 -5.84 9.22
N LEU A 91 13.71 -5.59 10.47
CA LEU A 91 13.23 -6.66 11.34
C LEU A 91 11.97 -6.23 12.08
N GLU A 92 11.43 -7.13 12.90
CA GLU A 92 10.22 -6.84 13.66
C GLU A 92 10.47 -5.71 14.66
N HIS A 93 9.39 -5.17 15.21
CA HIS A 93 9.49 -4.08 16.18
C HIS A 93 10.41 -4.46 17.33
N HIS A 94 10.16 -5.63 17.92
CA HIS A 94 10.96 -6.11 19.04
C HIS A 94 12.33 -6.59 18.57
N HIS A 95 13.38 -6.07 19.19
CA HIS A 95 14.75 -6.44 18.83
C HIS A 95 15.29 -7.50 19.79
N HIS A 96 16.57 -7.84 19.62
CA HIS A 96 17.21 -8.83 20.47
C HIS A 96 18.72 -8.89 20.20
N HIS A 97 19.49 -8.28 21.10
CA HIS A 97 20.94 -8.26 20.96
C HIS A 97 21.63 -8.32 22.32
N HIS A 98 22.06 -9.51 22.71
CA HIS A 98 22.72 -9.70 24.00
C HIS A 98 24.22 -9.95 23.80
N GLY A 1 12.59 -1.85 -6.19
CA GLY A 1 11.59 -2.86 -6.52
C GLY A 1 10.24 -2.24 -6.85
N ARG A 2 9.21 -3.07 -6.92
CA ARG A 2 7.86 -2.60 -7.23
C ARG A 2 7.09 -2.30 -5.95
N VAL A 3 6.17 -1.35 -6.03
CA VAL A 3 5.36 -0.96 -4.88
C VAL A 3 4.04 -0.35 -5.32
N VAL A 4 3.00 -0.53 -4.50
CA VAL A 4 1.69 0.02 -4.81
C VAL A 4 1.07 0.69 -3.60
N VAL A 5 0.47 1.86 -3.80
CA VAL A 5 -0.16 2.60 -2.72
C VAL A 5 -1.67 2.48 -2.78
N VAL A 6 -2.29 2.21 -1.64
CA VAL A 6 -3.74 2.08 -1.56
C VAL A 6 -4.32 2.91 -0.42
N VAL A 7 -5.52 3.44 -0.62
CA VAL A 7 -6.16 4.26 0.39
C VAL A 7 -7.63 3.85 0.57
N THR A 8 -8.27 4.41 1.58
CA THR A 8 -9.67 4.10 1.87
C THR A 8 -10.59 5.14 1.24
N SER A 9 -10.05 6.30 0.92
CA SER A 9 -10.82 7.38 0.32
C SER A 9 -10.25 7.75 -1.05
N GLU A 10 -11.14 8.13 -1.97
CA GLU A 10 -10.73 8.52 -3.31
C GLU A 10 -9.91 9.81 -3.28
N GLN A 11 -10.21 10.66 -2.32
CA GLN A 11 -9.50 11.93 -2.17
C GLN A 11 -8.00 11.70 -2.00
N VAL A 12 -7.65 10.83 -1.06
CA VAL A 12 -6.25 10.51 -0.79
C VAL A 12 -5.57 9.94 -2.03
N LYS A 13 -6.27 9.07 -2.73
CA LYS A 13 -5.75 8.45 -3.94
C LYS A 13 -5.35 9.50 -4.97
N GLU A 14 -6.25 10.45 -5.22
CA GLU A 14 -5.99 11.51 -6.18
C GLU A 14 -4.72 12.27 -5.82
N GLU A 15 -4.56 12.59 -4.54
CA GLU A 15 -3.38 13.30 -4.07
C GLU A 15 -2.12 12.46 -4.26
N VAL A 16 -2.25 11.16 -4.07
CA VAL A 16 -1.12 10.25 -4.21
C VAL A 16 -0.73 10.08 -5.68
N ARG A 17 -1.73 9.97 -6.54
CA ARG A 17 -1.49 9.81 -7.97
C ARG A 17 -0.84 11.06 -8.55
N LYS A 18 -1.16 12.22 -7.97
CA LYS A 18 -0.61 13.48 -8.44
C LYS A 18 0.85 13.63 -8.03
N LYS A 19 1.17 13.19 -6.80
CA LYS A 19 2.53 13.26 -6.30
C LYS A 19 3.45 12.32 -7.07
N PHE A 20 2.96 11.13 -7.36
CA PHE A 20 3.74 10.14 -8.09
C PHE A 20 2.86 9.37 -9.07
N PRO A 21 2.55 10.01 -10.22
CA PRO A 21 1.71 9.40 -11.26
C PRO A 21 2.42 8.24 -11.97
N GLN A 22 3.75 8.27 -11.95
CA GLN A 22 4.54 7.23 -12.59
C GLN A 22 4.42 5.91 -11.83
N VAL A 23 4.15 5.99 -10.54
CA VAL A 23 4.01 4.81 -9.70
C VAL A 23 2.60 4.24 -9.79
N GLU A 24 2.44 3.01 -9.30
CA GLU A 24 1.14 2.35 -9.33
C GLU A 24 0.28 2.78 -8.14
N VAL A 25 -0.94 3.18 -8.42
CA VAL A 25 -1.86 3.62 -7.38
C VAL A 25 -3.24 2.98 -7.54
N ARG A 26 -3.71 2.33 -6.49
CA ARG A 26 -5.00 1.66 -6.52
C ARG A 26 -5.75 1.86 -5.20
N VAL A 27 -6.89 2.51 -5.26
CA VAL A 27 -7.70 2.77 -4.08
C VAL A 27 -8.74 1.67 -3.86
N VAL A 28 -8.84 1.18 -2.63
CA VAL A 28 -9.78 0.13 -2.30
C VAL A 28 -10.66 0.53 -1.13
N THR A 29 -11.95 0.18 -1.21
CA THR A 29 -12.90 0.51 -0.15
C THR A 29 -13.61 -0.74 0.35
N THR A 30 -13.86 -1.69 -0.55
CA THR A 30 -14.53 -2.92 -0.20
C THR A 30 -13.63 -4.13 -0.46
N GLU A 31 -14.08 -5.30 0.00
CA GLU A 31 -13.32 -6.53 -0.19
C GLU A 31 -13.26 -6.92 -1.66
N GLU A 32 -14.38 -6.74 -2.36
CA GLU A 32 -14.46 -7.08 -3.77
C GLU A 32 -13.56 -6.16 -4.59
N ASP A 33 -13.53 -4.88 -4.22
CA ASP A 33 -12.71 -3.90 -4.93
C ASP A 33 -11.23 -4.27 -4.85
N ALA A 34 -10.74 -4.47 -3.65
CA ALA A 34 -9.34 -4.83 -3.45
C ALA A 34 -8.97 -6.08 -4.24
N LYS A 35 -9.88 -7.05 -4.24
CA LYS A 35 -9.66 -8.30 -4.97
C LYS A 35 -9.31 -8.03 -6.43
N GLN A 36 -10.17 -7.29 -7.11
CA GLN A 36 -9.96 -6.95 -8.52
C GLN A 36 -8.63 -6.24 -8.71
N VAL A 37 -8.25 -5.45 -7.71
CA VAL A 37 -7.00 -4.70 -7.77
C VAL A 37 -5.80 -5.63 -7.63
N VAL A 38 -5.83 -6.49 -6.63
CA VAL A 38 -4.76 -7.44 -6.38
C VAL A 38 -4.40 -8.21 -7.66
N LYS A 39 -5.43 -8.63 -8.39
CA LYS A 39 -5.23 -9.38 -9.62
C LYS A 39 -4.65 -8.47 -10.72
N GLU A 40 -5.17 -7.25 -10.80
CA GLU A 40 -4.70 -6.29 -11.79
C GLU A 40 -3.20 -6.06 -11.66
N VAL A 41 -2.76 -5.78 -10.43
CA VAL A 41 -1.34 -5.53 -10.17
C VAL A 41 -0.52 -6.80 -10.35
N GLN A 42 -1.10 -7.94 -9.96
CA GLN A 42 -0.42 -9.22 -10.08
C GLN A 42 0.05 -9.46 -11.51
N LYS A 43 -0.80 -9.09 -12.48
CA LYS A 43 -0.47 -9.27 -13.88
C LYS A 43 0.51 -8.20 -14.35
N LYS A 44 0.39 -7.00 -13.81
CA LYS A 44 1.27 -5.90 -14.17
C LYS A 44 2.69 -6.16 -13.67
N GLY A 45 2.80 -6.74 -12.49
CA GLY A 45 4.11 -7.04 -11.92
C GLY A 45 4.41 -6.22 -10.69
N VAL A 46 3.70 -6.50 -9.60
CA VAL A 46 3.90 -5.78 -8.35
C VAL A 46 4.77 -6.58 -7.38
N GLN A 47 5.45 -5.87 -6.49
CA GLN A 47 6.31 -6.51 -5.51
C GLN A 47 5.90 -6.14 -4.09
N LYS A 48 5.41 -4.92 -3.92
CA LYS A 48 4.97 -4.45 -2.61
C LYS A 48 3.51 -4.03 -2.65
N VAL A 49 2.91 -3.89 -1.46
CA VAL A 49 1.51 -3.48 -1.35
C VAL A 49 1.27 -2.68 -0.09
N VAL A 50 0.92 -1.40 -0.27
CA VAL A 50 0.66 -0.51 0.86
C VAL A 50 -0.80 -0.07 0.87
N VAL A 51 -1.37 0.04 2.07
CA VAL A 51 -2.76 0.47 2.22
C VAL A 51 -2.89 1.51 3.32
N VAL A 52 -3.83 2.43 3.14
CA VAL A 52 -4.06 3.49 4.12
C VAL A 52 -5.49 3.43 4.65
N GLY A 53 -5.63 3.51 5.97
CA GLY A 53 -6.94 3.47 6.59
C GLY A 53 -7.62 2.12 6.42
N VAL A 54 -6.86 1.13 5.95
CA VAL A 54 -7.40 -0.20 5.74
C VAL A 54 -7.08 -1.12 6.93
N SER A 55 -8.02 -1.99 7.26
CA SER A 55 -7.84 -2.92 8.38
C SER A 55 -6.70 -3.90 8.10
N GLU A 56 -5.95 -4.23 9.15
CA GLU A 56 -4.83 -5.16 9.01
C GLU A 56 -5.32 -6.57 8.74
N LYS A 57 -6.41 -6.95 9.40
CA LYS A 57 -6.98 -8.28 9.22
C LYS A 57 -7.37 -8.52 7.76
N VAL A 58 -7.82 -7.46 7.09
CA VAL A 58 -8.23 -7.55 5.69
C VAL A 58 -7.01 -7.72 4.79
N VAL A 59 -6.08 -6.78 4.87
CA VAL A 59 -4.87 -6.82 4.06
C VAL A 59 -4.05 -8.07 4.37
N GLN A 60 -4.02 -8.46 5.63
CA GLN A 60 -3.27 -9.63 6.06
C GLN A 60 -3.72 -10.87 5.29
N LYS A 61 -5.03 -11.10 5.26
CA LYS A 61 -5.59 -12.25 4.57
C LYS A 61 -5.19 -12.24 3.09
N VAL A 62 -5.64 -11.22 2.37
CA VAL A 62 -5.32 -11.09 0.95
C VAL A 62 -3.82 -11.21 0.71
N LYS A 63 -3.04 -10.46 1.47
CA LYS A 63 -1.60 -10.48 1.35
C LYS A 63 -1.06 -11.91 1.39
N GLN A 64 -1.63 -12.71 2.29
CA GLN A 64 -1.21 -14.11 2.44
C GLN A 64 -1.43 -14.87 1.15
N GLU A 65 -2.60 -14.69 0.55
CA GLU A 65 -2.94 -15.38 -0.70
C GLU A 65 -2.38 -14.63 -1.90
N ALA A 66 -1.72 -13.50 -1.63
CA ALA A 66 -1.13 -12.69 -2.69
C ALA A 66 0.37 -12.96 -2.83
N ASN A 67 0.99 -13.39 -1.74
CA ASN A 67 2.42 -13.68 -1.74
C ASN A 67 3.24 -12.41 -1.93
N VAL A 68 2.90 -11.38 -1.18
CA VAL A 68 3.59 -10.10 -1.27
C VAL A 68 3.71 -9.43 0.10
N GLN A 69 4.46 -8.34 0.16
CA GLN A 69 4.64 -7.61 1.40
C GLN A 69 3.54 -6.57 1.60
N VAL A 70 2.95 -6.55 2.79
CA VAL A 70 1.88 -5.60 3.11
C VAL A 70 2.38 -4.51 4.05
N TYR A 71 2.12 -3.26 3.69
CA TYR A 71 2.54 -2.13 4.49
C TYR A 71 1.35 -1.25 4.86
N ARG A 72 1.25 -0.90 6.15
CA ARG A 72 0.16 -0.06 6.62
C ARG A 72 0.60 1.39 6.77
N VAL A 73 -0.27 2.32 6.41
CA VAL A 73 0.03 3.74 6.49
C VAL A 73 -0.70 4.38 7.68
N THR A 74 0.01 5.27 8.37
CA THR A 74 -0.56 5.96 9.52
C THR A 74 -0.72 7.45 9.25
N SER A 75 0.04 7.96 8.30
CA SER A 75 -0.01 9.37 7.95
C SER A 75 0.51 9.60 6.53
N ASN A 76 0.23 10.78 5.99
CA ASN A 76 0.68 11.13 4.64
C ASN A 76 2.18 10.92 4.49
N ASP A 77 2.91 11.15 5.57
CA ASP A 77 4.36 11.00 5.56
C ASP A 77 4.74 9.56 5.24
N GLU A 78 3.87 8.63 5.58
CA GLU A 78 4.11 7.21 5.31
C GLU A 78 3.92 6.88 3.84
N VAL A 79 3.03 7.62 3.19
CA VAL A 79 2.74 7.40 1.77
C VAL A 79 3.92 7.85 0.91
N GLU A 80 4.36 9.08 1.12
CA GLU A 80 5.49 9.63 0.36
C GLU A 80 6.78 8.89 0.70
N GLN A 81 6.89 8.45 1.95
CA GLN A 81 8.08 7.74 2.40
C GLN A 81 8.22 6.39 1.68
N VAL A 82 7.16 5.60 1.71
CA VAL A 82 7.16 4.29 1.06
C VAL A 82 7.47 4.41 -0.42
N VAL A 83 6.75 5.30 -1.10
CA VAL A 83 6.95 5.52 -2.54
C VAL A 83 8.34 6.07 -2.81
N LYS A 84 8.76 7.03 -1.98
CA LYS A 84 10.08 7.63 -2.13
C LYS A 84 11.16 6.57 -2.37
N ASP A 85 11.40 5.76 -1.34
CA ASP A 85 12.40 4.71 -1.44
C ASP A 85 11.79 3.42 -1.98
N VAL A 86 10.55 3.51 -2.44
CA VAL A 86 9.84 2.36 -2.99
C VAL A 86 10.18 1.09 -2.21
N LYS A 87 10.23 1.21 -0.89
CA LYS A 87 10.53 0.08 -0.02
C LYS A 87 10.54 0.50 1.44
N GLY A 88 10.44 -0.48 2.33
CA GLY A 88 10.44 -0.19 3.75
C GLY A 88 9.44 0.87 4.13
N SER A 89 9.78 1.68 5.14
CA SER A 89 8.89 2.73 5.61
C SER A 89 7.59 2.16 6.15
N GLY A 90 7.69 1.50 7.31
CA GLY A 90 6.51 0.91 7.92
C GLY A 90 6.84 0.15 9.20
N LEU A 91 7.83 0.64 9.93
CA LEU A 91 8.24 0.02 11.18
C LEU A 91 7.06 -0.10 12.15
N GLU A 92 7.31 -0.70 13.31
CA GLU A 92 6.27 -0.87 14.31
C GLU A 92 6.79 -0.50 15.70
N HIS A 93 5.87 -0.27 16.63
CA HIS A 93 6.24 0.10 18.00
C HIS A 93 5.14 -0.30 18.98
N HIS A 94 5.07 -1.58 19.30
CA HIS A 94 4.06 -2.09 20.22
C HIS A 94 4.70 -2.51 21.54
N HIS A 95 5.42 -1.59 22.16
CA HIS A 95 6.09 -1.86 23.43
C HIS A 95 5.06 -2.07 24.55
N HIS A 96 4.98 -3.31 25.05
CA HIS A 96 4.05 -3.64 26.11
C HIS A 96 2.61 -3.45 25.64
N HIS A 97 2.02 -4.51 25.11
CA HIS A 97 0.64 -4.46 24.63
C HIS A 97 -0.31 -4.08 25.74
N HIS A 98 -0.50 -4.99 26.70
CA HIS A 98 -1.40 -4.75 27.83
C HIS A 98 -0.98 -5.57 29.03
N GLY A 1 11.50 -4.07 -7.82
CA GLY A 1 11.32 -2.84 -7.07
C GLY A 1 10.01 -2.16 -7.36
N ARG A 2 8.93 -2.95 -7.37
CA ARG A 2 7.60 -2.42 -7.65
C ARG A 2 6.87 -2.08 -6.35
N VAL A 3 5.98 -1.10 -6.41
CA VAL A 3 5.22 -0.68 -5.24
C VAL A 3 3.84 -0.16 -5.64
N VAL A 4 2.87 -0.36 -4.77
CA VAL A 4 1.50 0.09 -5.03
C VAL A 4 0.90 0.78 -3.80
N VAL A 5 0.23 1.89 -4.04
CA VAL A 5 -0.40 2.64 -2.94
C VAL A 5 -1.92 2.52 -2.99
N VAL A 6 -2.52 2.24 -1.84
CA VAL A 6 -3.96 2.09 -1.74
C VAL A 6 -4.53 2.96 -0.62
N VAL A 7 -5.72 3.51 -0.85
CA VAL A 7 -6.37 4.35 0.13
C VAL A 7 -7.83 3.93 0.34
N THR A 8 -8.45 4.49 1.39
CA THR A 8 -9.84 4.16 1.70
C THR A 8 -10.79 5.21 1.13
N SER A 9 -10.25 6.39 0.84
CA SER A 9 -11.05 7.48 0.28
C SER A 9 -10.50 7.92 -1.07
N GLU A 10 -11.40 8.31 -1.97
CA GLU A 10 -11.01 8.76 -3.30
C GLU A 10 -10.16 10.03 -3.22
N GLN A 11 -10.43 10.86 -2.22
CA GLN A 11 -9.70 12.10 -2.03
C GLN A 11 -8.20 11.83 -1.89
N VAL A 12 -7.85 10.91 -1.00
CA VAL A 12 -6.45 10.56 -0.77
C VAL A 12 -5.80 10.05 -2.05
N LYS A 13 -6.53 9.22 -2.79
CA LYS A 13 -6.03 8.66 -4.03
C LYS A 13 -5.62 9.76 -5.01
N GLU A 14 -6.50 10.75 -5.18
CA GLU A 14 -6.22 11.86 -6.09
C GLU A 14 -4.93 12.57 -5.69
N GLU A 15 -4.75 12.79 -4.38
CA GLU A 15 -3.56 13.46 -3.87
C GLU A 15 -2.32 12.61 -4.12
N VAL A 16 -2.46 11.29 -3.98
CA VAL A 16 -1.35 10.38 -4.18
C VAL A 16 -0.97 10.29 -5.66
N ARG A 17 -1.98 10.20 -6.52
CA ARG A 17 -1.75 10.10 -7.96
C ARG A 17 -1.09 11.38 -8.48
N LYS A 18 -1.39 12.50 -7.85
CA LYS A 18 -0.82 13.78 -8.26
C LYS A 18 0.65 13.88 -7.84
N LYS A 19 0.96 13.40 -6.65
CA LYS A 19 2.32 13.42 -6.14
C LYS A 19 3.22 12.49 -6.95
N PHE A 20 2.70 11.31 -7.27
CA PHE A 20 3.46 10.33 -8.04
C PHE A 20 2.56 9.62 -9.05
N PRO A 21 2.28 10.31 -10.17
CA PRO A 21 1.43 9.76 -11.23
C PRO A 21 2.10 8.62 -11.99
N GLN A 22 3.43 8.63 -11.99
CA GLN A 22 4.20 7.59 -12.67
C GLN A 22 4.07 6.25 -11.95
N VAL A 23 3.81 6.30 -10.66
CA VAL A 23 3.66 5.09 -9.86
C VAL A 23 2.25 4.54 -9.96
N GLU A 24 2.06 3.31 -9.49
CA GLU A 24 0.76 2.66 -9.53
C GLU A 24 -0.11 3.09 -8.35
N VAL A 25 -1.34 3.48 -8.64
CA VAL A 25 -2.26 3.92 -7.59
C VAL A 25 -3.63 3.26 -7.76
N ARG A 26 -4.09 2.59 -6.71
CA ARG A 26 -5.38 1.92 -6.74
C ARG A 26 -6.11 2.07 -5.41
N VAL A 27 -7.27 2.71 -5.45
CA VAL A 27 -8.07 2.92 -4.25
C VAL A 27 -9.07 1.79 -4.04
N VAL A 28 -9.11 1.26 -2.82
CA VAL A 28 -10.03 0.17 -2.49
C VAL A 28 -10.97 0.57 -1.35
N THR A 29 -12.20 0.09 -1.42
CA THR A 29 -13.20 0.39 -0.40
C THR A 29 -13.82 -0.88 0.15
N THR A 30 -13.99 -1.88 -0.71
CA THR A 30 -14.57 -3.14 -0.31
C THR A 30 -13.61 -4.30 -0.56
N GLU A 31 -13.98 -5.48 -0.07
CA GLU A 31 -13.13 -6.67 -0.23
C GLU A 31 -13.06 -7.07 -1.70
N GLU A 32 -14.15 -6.90 -2.42
CA GLU A 32 -14.21 -7.25 -3.84
C GLU A 32 -13.35 -6.29 -4.66
N ASP A 33 -13.41 -5.01 -4.32
CA ASP A 33 -12.64 -3.99 -5.03
C ASP A 33 -11.14 -4.29 -4.96
N ALA A 34 -10.64 -4.47 -3.74
CA ALA A 34 -9.23 -4.75 -3.53
C ALA A 34 -8.81 -6.02 -4.27
N LYS A 35 -9.67 -7.04 -4.23
CA LYS A 35 -9.39 -8.30 -4.89
C LYS A 35 -9.02 -8.08 -6.35
N GLN A 36 -9.85 -7.33 -7.07
CA GLN A 36 -9.60 -7.04 -8.48
C GLN A 36 -8.36 -6.17 -8.63
N VAL A 37 -8.07 -5.35 -7.63
CA VAL A 37 -6.92 -4.47 -7.66
C VAL A 37 -5.61 -5.27 -7.54
N VAL A 38 -5.50 -6.06 -6.48
CA VAL A 38 -4.32 -6.87 -6.25
C VAL A 38 -4.04 -7.79 -7.44
N LYS A 39 -5.11 -8.28 -8.05
CA LYS A 39 -4.99 -9.17 -9.20
C LYS A 39 -4.44 -8.42 -10.41
N GLU A 40 -4.93 -7.20 -10.62
CA GLU A 40 -4.49 -6.39 -11.74
C GLU A 40 -2.99 -6.09 -11.65
N VAL A 41 -2.55 -5.65 -10.47
CA VAL A 41 -1.14 -5.34 -10.26
C VAL A 41 -0.29 -6.61 -10.28
N GLN A 42 -0.85 -7.70 -9.78
CA GLN A 42 -0.14 -8.98 -9.74
C GLN A 42 0.28 -9.41 -11.15
N LYS A 43 -0.63 -9.22 -12.11
CA LYS A 43 -0.35 -9.59 -13.49
C LYS A 43 0.66 -8.63 -14.12
N LYS A 44 0.56 -7.36 -13.76
CA LYS A 44 1.47 -6.34 -14.29
C LYS A 44 2.88 -6.56 -13.76
N GLY A 45 2.99 -7.04 -12.52
CA GLY A 45 4.29 -7.28 -11.93
C GLY A 45 4.55 -6.39 -10.72
N VAL A 46 3.79 -6.61 -9.66
CA VAL A 46 3.93 -5.82 -8.44
C VAL A 46 4.91 -6.49 -7.47
N GLN A 47 5.46 -5.69 -6.56
CA GLN A 47 6.41 -6.22 -5.57
C GLN A 47 5.99 -5.82 -4.16
N LYS A 48 5.46 -4.61 -4.02
CA LYS A 48 5.03 -4.10 -2.72
C LYS A 48 3.54 -3.72 -2.76
N VAL A 49 2.93 -3.62 -1.58
CA VAL A 49 1.53 -3.26 -1.48
C VAL A 49 1.27 -2.45 -0.22
N VAL A 50 0.90 -1.18 -0.40
CA VAL A 50 0.62 -0.30 0.73
C VAL A 50 -0.85 0.14 0.73
N VAL A 51 -1.43 0.22 1.92
CA VAL A 51 -2.83 0.62 2.05
C VAL A 51 -2.99 1.68 3.14
N VAL A 52 -3.95 2.56 2.96
CA VAL A 52 -4.21 3.63 3.92
C VAL A 52 -5.64 3.55 4.45
N GLY A 53 -5.78 3.63 5.78
CA GLY A 53 -7.09 3.56 6.39
C GLY A 53 -7.72 2.19 6.26
N VAL A 54 -6.94 1.22 5.81
CA VAL A 54 -7.43 -0.14 5.64
C VAL A 54 -7.11 -1.00 6.85
N SER A 55 -8.04 -1.89 7.20
CA SER A 55 -7.85 -2.77 8.36
C SER A 55 -6.71 -3.75 8.11
N GLU A 56 -5.98 -4.07 9.17
CA GLU A 56 -4.85 -5.02 9.07
C GLU A 56 -5.35 -6.43 8.80
N LYS A 57 -6.47 -6.79 9.44
CA LYS A 57 -7.05 -8.12 9.27
C LYS A 57 -7.39 -8.37 7.81
N VAL A 58 -7.78 -7.32 7.09
CA VAL A 58 -8.14 -7.44 5.68
C VAL A 58 -6.90 -7.64 4.83
N VAL A 59 -5.96 -6.70 4.91
CA VAL A 59 -4.72 -6.79 4.14
C VAL A 59 -3.93 -8.03 4.50
N GLN A 60 -3.92 -8.38 5.78
CA GLN A 60 -3.20 -9.55 6.26
C GLN A 60 -3.67 -10.80 5.52
N LYS A 61 -4.98 -11.02 5.50
CA LYS A 61 -5.55 -12.18 4.84
C LYS A 61 -5.10 -12.26 3.39
N VAL A 62 -5.52 -11.27 2.59
CA VAL A 62 -5.15 -11.22 1.18
C VAL A 62 -3.64 -11.35 1.00
N LYS A 63 -2.89 -10.65 1.84
CA LYS A 63 -1.43 -10.68 1.76
C LYS A 63 -0.92 -12.12 1.77
N GLN A 64 -1.49 -12.94 2.65
CA GLN A 64 -1.08 -14.34 2.76
C GLN A 64 -1.39 -15.09 1.46
N GLU A 65 -2.57 -14.87 0.92
CA GLU A 65 -2.98 -15.52 -0.32
C GLU A 65 -2.37 -14.83 -1.54
N ALA A 66 -1.63 -13.76 -1.28
CA ALA A 66 -0.98 -13.00 -2.35
C ALA A 66 0.49 -13.36 -2.46
N ASN A 67 1.10 -13.70 -1.33
CA ASN A 67 2.52 -14.06 -1.31
C ASN A 67 3.39 -12.88 -1.68
N VAL A 68 3.10 -11.71 -1.09
CA VAL A 68 3.86 -10.50 -1.35
C VAL A 68 4.03 -9.67 -0.09
N GLN A 69 4.82 -8.61 -0.18
CA GLN A 69 5.06 -7.73 0.95
C GLN A 69 4.00 -6.64 1.04
N VAL A 70 3.29 -6.61 2.16
CA VAL A 70 2.23 -5.62 2.37
C VAL A 70 2.53 -4.74 3.59
N TYR A 71 2.09 -3.49 3.53
CA TYR A 71 2.31 -2.55 4.62
C TYR A 71 1.14 -1.58 4.75
N ARG A 72 1.04 -0.94 5.91
CA ARG A 72 -0.04 0.02 6.16
C ARG A 72 0.53 1.38 6.54
N VAL A 73 -0.29 2.42 6.39
CA VAL A 73 0.14 3.78 6.72
C VAL A 73 -1.03 4.61 7.25
N THR A 74 -0.74 5.49 8.19
CA THR A 74 -1.76 6.35 8.78
C THR A 74 -1.54 7.81 8.42
N SER A 75 -0.27 8.18 8.23
CA SER A 75 0.09 9.54 7.90
C SER A 75 0.58 9.64 6.45
N ASN A 76 0.65 10.86 5.94
CA ASN A 76 1.10 11.10 4.57
C ASN A 76 2.60 10.86 4.44
N ASP A 77 3.34 11.17 5.51
CA ASP A 77 4.78 10.98 5.51
C ASP A 77 5.14 9.50 5.34
N GLU A 78 4.23 8.63 5.76
CA GLU A 78 4.45 7.19 5.66
C GLU A 78 4.26 6.71 4.22
N VAL A 79 3.38 7.38 3.49
CA VAL A 79 3.11 7.03 2.10
C VAL A 79 4.29 7.38 1.20
N GLU A 80 4.79 8.60 1.35
CA GLU A 80 5.92 9.05 0.55
C GLU A 80 7.20 8.33 0.95
N GLN A 81 7.30 7.97 2.23
CA GLN A 81 8.47 7.27 2.75
C GLN A 81 8.61 5.89 2.10
N VAL A 82 7.55 5.10 2.18
CA VAL A 82 7.55 3.76 1.59
C VAL A 82 7.78 3.82 0.08
N VAL A 83 7.13 4.77 -0.57
CA VAL A 83 7.28 4.93 -2.02
C VAL A 83 8.67 5.39 -2.38
N LYS A 84 9.19 6.38 -1.66
CA LYS A 84 10.52 6.92 -1.91
C LYS A 84 11.54 5.80 -1.99
N ASP A 85 11.80 5.15 -0.86
CA ASP A 85 12.75 4.05 -0.79
C ASP A 85 12.32 2.90 -1.69
N VAL A 86 11.02 2.81 -1.96
CA VAL A 86 10.47 1.76 -2.80
C VAL A 86 10.51 0.41 -2.10
N LYS A 87 11.71 -0.12 -1.89
CA LYS A 87 11.88 -1.40 -1.22
C LYS A 87 11.18 -1.41 0.14
N GLY A 88 11.67 -0.58 1.05
CA GLY A 88 11.08 -0.51 2.37
C GLY A 88 11.98 0.20 3.37
N SER A 89 11.38 0.81 4.39
CA SER A 89 12.13 1.53 5.41
C SER A 89 11.36 1.55 6.73
N GLY A 90 12.00 2.09 7.77
CA GLY A 90 11.37 2.17 9.06
C GLY A 90 12.29 2.74 10.13
N LEU A 91 11.86 3.81 10.77
CA LEU A 91 12.65 4.46 11.80
C LEU A 91 11.96 4.36 13.16
N GLU A 92 12.75 4.36 14.23
CA GLU A 92 12.21 4.27 15.58
C GLU A 92 12.35 5.60 16.31
N HIS A 93 11.22 6.22 16.62
CA HIS A 93 11.21 7.51 17.32
C HIS A 93 11.63 7.33 18.78
N HIS A 94 12.06 8.42 19.39
CA HIS A 94 12.49 8.39 20.79
C HIS A 94 11.29 8.40 21.73
N HIS A 95 11.14 7.33 22.51
CA HIS A 95 10.04 7.22 23.46
C HIS A 95 10.13 8.29 24.54
N HIS A 96 8.97 8.72 25.03
CA HIS A 96 8.92 9.75 26.07
C HIS A 96 8.21 9.22 27.32
N HIS A 97 8.97 8.64 28.24
CA HIS A 97 8.41 8.11 29.47
C HIS A 97 8.77 8.99 30.66
N HIS A 98 10.02 9.45 30.70
CA HIS A 98 10.49 10.29 31.78
C HIS A 98 10.90 11.67 31.26
N GLY A 1 12.52 -2.06 -7.79
CA GLY A 1 11.46 -2.59 -6.95
C GLY A 1 10.12 -1.96 -7.27
N ARG A 2 9.07 -2.79 -7.30
CA ARG A 2 7.73 -2.31 -7.59
C ARG A 2 6.97 -1.98 -6.31
N VAL A 3 6.06 -1.03 -6.39
CA VAL A 3 5.27 -0.62 -5.23
C VAL A 3 3.90 -0.10 -5.66
N VAL A 4 2.90 -0.31 -4.80
CA VAL A 4 1.54 0.14 -5.09
C VAL A 4 0.92 0.83 -3.88
N VAL A 5 0.25 1.96 -4.13
CA VAL A 5 -0.39 2.71 -3.06
C VAL A 5 -1.90 2.56 -3.11
N VAL A 6 -2.50 2.28 -1.96
CA VAL A 6 -3.94 2.11 -1.87
C VAL A 6 -4.53 2.99 -0.76
N VAL A 7 -5.73 3.51 -1.01
CA VAL A 7 -6.40 4.36 -0.04
C VAL A 7 -7.85 3.92 0.17
N THR A 8 -8.47 4.46 1.22
CA THR A 8 -9.85 4.12 1.53
C THR A 8 -10.82 5.17 1.00
N SER A 9 -10.31 6.37 0.74
CA SER A 9 -11.12 7.46 0.22
C SER A 9 -10.60 7.94 -1.12
N GLU A 10 -11.51 8.35 -2.00
CA GLU A 10 -11.14 8.83 -3.32
C GLU A 10 -10.28 10.09 -3.22
N GLN A 11 -10.55 10.90 -2.20
CA GLN A 11 -9.80 12.13 -1.98
C GLN A 11 -8.31 11.86 -1.88
N VAL A 12 -7.94 10.91 -1.02
CA VAL A 12 -6.54 10.56 -0.82
C VAL A 12 -5.93 10.04 -2.12
N LYS A 13 -6.70 9.27 -2.86
CA LYS A 13 -6.24 8.71 -4.14
C LYS A 13 -5.79 9.82 -5.08
N GLU A 14 -6.63 10.83 -5.25
CA GLU A 14 -6.32 11.94 -6.13
C GLU A 14 -5.01 12.62 -5.70
N GLU A 15 -4.83 12.78 -4.40
CA GLU A 15 -3.63 13.41 -3.88
C GLU A 15 -2.41 12.54 -4.11
N VAL A 16 -2.57 11.23 -3.95
CA VAL A 16 -1.50 10.29 -4.14
C VAL A 16 -1.08 10.21 -5.61
N ARG A 17 -2.06 10.01 -6.48
CA ARG A 17 -1.81 9.91 -7.91
C ARG A 17 -1.18 11.20 -8.44
N LYS A 18 -1.51 12.32 -7.80
CA LYS A 18 -0.98 13.61 -8.20
C LYS A 18 0.49 13.74 -7.82
N LYS A 19 0.83 13.22 -6.65
CA LYS A 19 2.20 13.28 -6.16
C LYS A 19 3.11 12.38 -6.99
N PHE A 20 2.61 11.20 -7.35
CA PHE A 20 3.38 10.25 -8.15
C PHE A 20 2.48 9.54 -9.16
N PRO A 21 2.16 10.24 -10.26
CA PRO A 21 1.30 9.69 -11.32
C PRO A 21 1.99 8.58 -12.10
N GLN A 22 3.32 8.60 -12.12
CA GLN A 22 4.10 7.59 -12.84
C GLN A 22 4.00 6.25 -12.14
N VAL A 23 3.77 6.28 -10.83
CA VAL A 23 3.65 5.05 -10.04
C VAL A 23 2.25 4.47 -10.14
N GLU A 24 2.08 3.25 -9.63
CA GLU A 24 0.79 2.58 -9.64
C GLU A 24 -0.08 3.03 -8.47
N VAL A 25 -1.32 3.41 -8.77
CA VAL A 25 -2.24 3.87 -7.73
C VAL A 25 -3.61 3.19 -7.89
N ARG A 26 -4.07 2.55 -6.83
CA ARG A 26 -5.35 1.87 -6.85
C ARG A 26 -6.08 2.04 -5.52
N VAL A 27 -7.24 2.70 -5.57
CA VAL A 27 -8.04 2.94 -4.38
C VAL A 27 -9.06 1.83 -4.17
N VAL A 28 -9.10 1.29 -2.96
CA VAL A 28 -10.03 0.22 -2.63
C VAL A 28 -10.91 0.60 -1.45
N THR A 29 -12.17 0.18 -1.49
CA THR A 29 -13.11 0.48 -0.42
C THR A 29 -13.74 -0.79 0.14
N THR A 30 -13.86 -1.81 -0.71
CA THR A 30 -14.44 -3.08 -0.30
C THR A 30 -13.45 -4.22 -0.53
N GLU A 31 -13.80 -5.40 -0.01
CA GLU A 31 -12.94 -6.58 -0.16
C GLU A 31 -12.91 -7.04 -1.60
N GLU A 32 -14.08 -7.04 -2.25
CA GLU A 32 -14.18 -7.46 -3.64
C GLU A 32 -13.30 -6.61 -4.54
N ASP A 33 -13.30 -5.30 -4.31
CA ASP A 33 -12.50 -4.36 -5.09
C ASP A 33 -11.02 -4.71 -5.00
N ALA A 34 -10.54 -4.89 -3.78
CA ALA A 34 -9.13 -5.22 -3.55
C ALA A 34 -8.73 -6.45 -4.37
N LYS A 35 -9.58 -7.47 -4.37
CA LYS A 35 -9.32 -8.69 -5.11
C LYS A 35 -8.98 -8.39 -6.56
N GLN A 36 -9.86 -7.64 -7.23
CA GLN A 36 -9.65 -7.28 -8.62
C GLN A 36 -8.44 -6.37 -8.78
N VAL A 37 -8.16 -5.58 -7.75
CA VAL A 37 -7.03 -4.66 -7.76
C VAL A 37 -5.71 -5.42 -7.73
N VAL A 38 -5.54 -6.25 -6.71
CA VAL A 38 -4.32 -7.05 -6.55
C VAL A 38 -4.07 -7.92 -7.78
N LYS A 39 -5.15 -8.37 -8.41
CA LYS A 39 -5.05 -9.20 -9.61
C LYS A 39 -4.51 -8.40 -10.78
N GLU A 40 -5.01 -7.18 -10.94
CA GLU A 40 -4.57 -6.31 -12.03
C GLU A 40 -3.09 -6.00 -11.92
N VAL A 41 -2.65 -5.61 -10.72
CA VAL A 41 -1.25 -5.28 -10.48
C VAL A 41 -0.38 -6.52 -10.53
N GLN A 42 -0.92 -7.64 -10.06
CA GLN A 42 -0.18 -8.90 -10.06
C GLN A 42 0.24 -9.28 -11.47
N LYS A 43 -0.65 -9.09 -12.44
CA LYS A 43 -0.37 -9.41 -13.83
C LYS A 43 0.63 -8.42 -14.43
N LYS A 44 0.51 -7.15 -14.03
CA LYS A 44 1.39 -6.11 -14.52
C LYS A 44 2.81 -6.30 -13.99
N GLY A 45 2.92 -6.81 -12.77
CA GLY A 45 4.23 -7.04 -12.17
C GLY A 45 4.46 -6.20 -10.94
N VAL A 46 3.71 -6.48 -9.88
CA VAL A 46 3.84 -5.73 -8.63
C VAL A 46 4.81 -6.42 -7.68
N GLN A 47 5.40 -5.64 -6.78
CA GLN A 47 6.35 -6.18 -5.81
C GLN A 47 5.95 -5.81 -4.39
N LYS A 48 5.40 -4.60 -4.23
CA LYS A 48 4.97 -4.13 -2.92
C LYS A 48 3.50 -3.75 -2.94
N VAL A 49 2.90 -3.65 -1.75
CA VAL A 49 1.50 -3.29 -1.63
C VAL A 49 1.25 -2.47 -0.37
N VAL A 50 0.88 -1.20 -0.55
CA VAL A 50 0.60 -0.31 0.57
C VAL A 50 -0.85 0.13 0.58
N VAL A 51 -1.42 0.26 1.77
CA VAL A 51 -2.81 0.68 1.92
C VAL A 51 -2.95 1.73 3.01
N VAL A 52 -3.91 2.63 2.84
CA VAL A 52 -4.16 3.69 3.81
C VAL A 52 -5.59 3.63 4.34
N GLY A 53 -5.73 3.74 5.66
CA GLY A 53 -7.04 3.70 6.27
C GLY A 53 -7.69 2.33 6.17
N VAL A 54 -6.91 1.34 5.75
CA VAL A 54 -7.41 -0.02 5.62
C VAL A 54 -7.08 -0.86 6.86
N SER A 55 -8.01 -1.74 7.23
CA SER A 55 -7.83 -2.59 8.40
C SER A 55 -6.71 -3.60 8.17
N GLU A 56 -5.97 -3.90 9.23
CA GLU A 56 -4.86 -4.84 9.15
C GLU A 56 -5.38 -6.26 8.92
N LYS A 57 -6.48 -6.59 9.58
CA LYS A 57 -7.09 -7.91 9.45
C LYS A 57 -7.45 -8.22 7.99
N VAL A 58 -7.84 -7.17 7.27
CA VAL A 58 -8.20 -7.32 5.86
C VAL A 58 -6.98 -7.56 4.99
N VAL A 59 -6.03 -6.65 5.05
CA VAL A 59 -4.81 -6.75 4.27
C VAL A 59 -4.01 -8.00 4.66
N GLN A 60 -4.01 -8.31 5.95
CA GLN A 60 -3.31 -9.48 6.46
C GLN A 60 -3.77 -10.76 5.76
N LYS A 61 -5.08 -10.96 5.74
CA LYS A 61 -5.66 -12.14 5.10
C LYS A 61 -5.22 -12.24 3.64
N VAL A 62 -5.64 -11.26 2.84
CA VAL A 62 -5.29 -11.24 1.42
C VAL A 62 -3.78 -11.39 1.23
N LYS A 63 -3.01 -10.68 2.04
CA LYS A 63 -1.56 -10.73 1.97
C LYS A 63 -1.06 -12.17 2.00
N GLN A 64 -1.64 -12.97 2.89
CA GLN A 64 -1.25 -14.37 3.03
C GLN A 64 -1.54 -15.13 1.74
N GLU A 65 -2.73 -14.92 1.19
CA GLU A 65 -3.14 -15.59 -0.03
C GLU A 65 -2.53 -14.91 -1.26
N ALA A 66 -1.79 -13.84 -1.02
CA ALA A 66 -1.16 -13.09 -2.10
C ALA A 66 0.33 -13.43 -2.21
N ASN A 67 0.94 -13.75 -1.07
CA ASN A 67 2.36 -14.11 -1.04
C ASN A 67 3.23 -12.91 -1.41
N VAL A 68 2.93 -11.75 -0.79
CA VAL A 68 3.68 -10.53 -1.06
C VAL A 68 3.85 -9.71 0.21
N GLN A 69 4.64 -8.65 0.12
CA GLN A 69 4.87 -7.78 1.26
C GLN A 69 3.87 -6.63 1.29
N VAL A 70 3.11 -6.55 2.38
CA VAL A 70 2.10 -5.50 2.54
C VAL A 70 2.52 -4.50 3.62
N TYR A 71 2.18 -3.24 3.40
CA TYR A 71 2.51 -2.18 4.36
C TYR A 71 1.29 -1.32 4.66
N ARG A 72 1.17 -0.90 5.91
CA ARG A 72 0.04 -0.06 6.32
C ARG A 72 0.48 1.40 6.46
N VAL A 73 -0.42 2.31 6.11
CA VAL A 73 -0.13 3.74 6.20
C VAL A 73 -0.81 4.37 7.41
N THR A 74 -0.05 5.15 8.16
CA THR A 74 -0.60 5.82 9.35
C THR A 74 -0.60 7.33 9.18
N SER A 75 0.29 7.82 8.32
CA SER A 75 0.39 9.26 8.07
C SER A 75 0.97 9.53 6.69
N ASN A 76 0.79 10.75 6.20
CA ASN A 76 1.29 11.14 4.89
C ASN A 76 2.79 10.86 4.78
N ASP A 77 3.50 11.04 5.88
CA ASP A 77 4.94 10.80 5.91
C ASP A 77 5.25 9.34 5.62
N GLU A 78 4.31 8.46 5.93
CA GLU A 78 4.49 7.03 5.72
C GLU A 78 4.34 6.69 4.23
N VAL A 79 3.48 7.44 3.54
CA VAL A 79 3.24 7.21 2.12
C VAL A 79 4.46 7.62 1.29
N GLU A 80 4.95 8.83 1.52
CA GLU A 80 6.11 9.33 0.79
C GLU A 80 7.38 8.55 1.17
N GLN A 81 7.42 8.10 2.42
CA GLN A 81 8.57 7.34 2.90
C GLN A 81 8.63 5.97 2.26
N VAL A 82 7.52 5.23 2.32
CA VAL A 82 7.45 3.89 1.74
C VAL A 82 7.82 3.93 0.26
N VAL A 83 7.17 4.83 -0.48
CA VAL A 83 7.43 4.96 -1.92
C VAL A 83 8.85 5.44 -2.17
N LYS A 84 9.32 6.35 -1.35
CA LYS A 84 10.67 6.90 -1.49
C LYS A 84 11.69 5.78 -1.65
N ASP A 85 11.89 5.01 -0.58
CA ASP A 85 12.84 3.90 -0.61
C ASP A 85 12.36 2.80 -1.54
N VAL A 86 11.05 2.72 -1.74
CA VAL A 86 10.46 1.71 -2.61
C VAL A 86 10.53 0.33 -1.96
N LYS A 87 11.75 -0.22 -1.88
CA LYS A 87 11.96 -1.53 -1.29
C LYS A 87 13.14 -1.51 -0.33
N GLY A 88 13.00 -2.22 0.78
CA GLY A 88 14.07 -2.27 1.77
C GLY A 88 13.57 -2.67 3.14
N SER A 89 14.14 -2.08 4.18
CA SER A 89 13.77 -2.39 5.56
C SER A 89 13.78 -1.15 6.43
N GLY A 90 12.75 -0.97 7.23
CA GLY A 90 12.66 0.19 8.10
C GLY A 90 11.31 0.31 8.78
N LEU A 91 11.23 -0.19 10.01
CA LEU A 91 9.98 -0.15 10.77
C LEU A 91 10.27 -0.17 12.27
N GLU A 92 9.95 0.93 12.94
CA GLU A 92 10.16 1.04 14.38
C GLU A 92 9.13 0.23 15.15
N HIS A 93 9.56 -0.40 16.24
CA HIS A 93 8.68 -1.21 17.07
C HIS A 93 9.03 -1.08 18.54
N HIS A 94 8.03 -0.72 19.35
CA HIS A 94 8.25 -0.55 20.79
C HIS A 94 7.01 -0.98 21.57
N HIS A 95 7.18 -1.97 22.44
CA HIS A 95 6.07 -2.46 23.25
C HIS A 95 6.53 -2.79 24.67
N HIS A 96 7.39 -1.93 25.22
CA HIS A 96 7.90 -2.12 26.57
C HIS A 96 7.59 -0.92 27.45
N HIS A 97 7.63 -1.12 28.77
CA HIS A 97 7.36 -0.05 29.71
C HIS A 97 7.64 -0.51 31.14
N HIS A 98 8.76 -0.04 31.69
CA HIS A 98 9.14 -0.40 33.06
C HIS A 98 9.21 -1.91 33.22
N GLY A 1 11.86 -1.87 -5.71
CA GLY A 1 11.05 -2.82 -6.43
C GLY A 1 9.68 -2.26 -6.79
N ARG A 2 8.68 -3.13 -6.86
CA ARG A 2 7.32 -2.72 -7.18
C ARG A 2 6.51 -2.48 -5.92
N VAL A 3 5.53 -1.57 -6.02
CA VAL A 3 4.69 -1.25 -4.88
C VAL A 3 3.39 -0.57 -5.33
N VAL A 4 2.33 -0.73 -4.55
CA VAL A 4 1.05 -0.13 -4.87
C VAL A 4 0.44 0.56 -3.65
N VAL A 5 -0.03 1.80 -3.84
CA VAL A 5 -0.63 2.56 -2.75
C VAL A 5 -2.15 2.43 -2.78
N VAL A 6 -2.71 1.96 -1.67
CA VAL A 6 -4.16 1.80 -1.56
C VAL A 6 -4.74 2.71 -0.50
N VAL A 7 -5.90 3.30 -0.80
CA VAL A 7 -6.55 4.21 0.14
C VAL A 7 -8.01 3.82 0.33
N THR A 8 -8.58 4.25 1.46
CA THR A 8 -9.98 3.93 1.78
C THR A 8 -10.91 5.02 1.25
N SER A 9 -10.34 6.20 0.99
CA SER A 9 -11.13 7.32 0.49
C SER A 9 -10.57 7.83 -0.84
N GLU A 10 -11.45 8.27 -1.72
CA GLU A 10 -11.05 8.80 -3.02
C GLU A 10 -10.15 10.02 -2.87
N GLN A 11 -10.41 10.81 -1.83
CA GLN A 11 -9.64 12.01 -1.58
C GLN A 11 -8.15 11.69 -1.47
N VAL A 12 -7.82 10.69 -0.66
CA VAL A 12 -6.43 10.28 -0.47
C VAL A 12 -5.84 9.78 -1.79
N LYS A 13 -6.65 9.11 -2.59
CA LYS A 13 -6.20 8.57 -3.87
C LYS A 13 -5.70 9.69 -4.78
N GLU A 14 -6.50 10.73 -4.94
CA GLU A 14 -6.14 11.87 -5.78
C GLU A 14 -4.84 12.49 -5.31
N GLU A 15 -4.68 12.62 -3.99
CA GLU A 15 -3.49 13.20 -3.41
C GLU A 15 -2.26 12.33 -3.69
N VAL A 16 -2.45 11.01 -3.62
CA VAL A 16 -1.38 10.07 -3.86
C VAL A 16 -0.99 10.04 -5.34
N ARG A 17 -1.98 9.88 -6.20
CA ARG A 17 -1.75 9.84 -7.64
C ARG A 17 -1.03 11.10 -8.11
N LYS A 18 -1.31 12.21 -7.45
CA LYS A 18 -0.70 13.49 -7.80
C LYS A 18 0.76 13.53 -7.35
N LYS A 19 1.03 12.98 -6.17
CA LYS A 19 2.37 12.95 -5.63
C LYS A 19 3.28 12.04 -6.46
N PHE A 20 2.75 10.89 -6.85
CA PHE A 20 3.51 9.93 -7.65
C PHE A 20 2.61 9.26 -8.69
N PRO A 21 2.34 9.98 -9.78
CA PRO A 21 1.49 9.48 -10.87
C PRO A 21 2.16 8.36 -11.65
N GLN A 22 3.50 8.35 -11.65
CA GLN A 22 4.26 7.33 -12.36
C GLN A 22 4.11 5.97 -11.68
N VAL A 23 3.85 5.99 -10.38
CA VAL A 23 3.69 4.76 -9.62
C VAL A 23 2.28 4.21 -9.75
N GLU A 24 2.08 2.99 -9.25
CA GLU A 24 0.77 2.35 -9.32
C GLU A 24 -0.12 2.79 -8.16
N VAL A 25 -1.34 3.22 -8.48
CA VAL A 25 -2.28 3.68 -7.47
C VAL A 25 -3.65 3.04 -7.66
N ARG A 26 -4.15 2.39 -6.63
CA ARG A 26 -5.45 1.74 -6.69
C ARG A 26 -6.23 1.93 -5.38
N VAL A 27 -7.38 2.59 -5.48
CA VAL A 27 -8.21 2.84 -4.30
C VAL A 27 -9.23 1.73 -4.11
N VAL A 28 -9.35 1.23 -2.88
CA VAL A 28 -10.29 0.17 -2.56
C VAL A 28 -11.23 0.60 -1.44
N THR A 29 -12.49 0.18 -1.55
CA THR A 29 -13.49 0.51 -0.54
C THR A 29 -14.14 -0.75 0.04
N THR A 30 -14.28 -1.77 -0.81
CA THR A 30 -14.88 -3.02 -0.38
C THR A 30 -13.92 -4.19 -0.57
N GLU A 31 -14.30 -5.35 -0.07
CA GLU A 31 -13.46 -6.54 -0.17
C GLU A 31 -13.34 -6.99 -1.62
N GLU A 32 -14.42 -6.80 -2.38
CA GLU A 32 -14.43 -7.18 -3.79
C GLU A 32 -13.56 -6.26 -4.63
N ASP A 33 -13.53 -4.98 -4.25
CA ASP A 33 -12.74 -3.98 -4.96
C ASP A 33 -11.25 -4.31 -4.85
N ALA A 34 -10.77 -4.46 -3.62
CA ALA A 34 -9.37 -4.76 -3.37
C ALA A 34 -8.97 -6.07 -4.05
N LYS A 35 -9.84 -7.07 -3.97
CA LYS A 35 -9.58 -8.37 -4.58
C LYS A 35 -9.21 -8.21 -6.04
N GLN A 36 -10.06 -7.54 -6.80
CA GLN A 36 -9.81 -7.32 -8.22
C GLN A 36 -8.53 -6.53 -8.44
N VAL A 37 -8.22 -5.65 -7.50
CA VAL A 37 -7.01 -4.83 -7.59
C VAL A 37 -5.76 -5.67 -7.41
N VAL A 38 -5.71 -6.42 -6.31
CA VAL A 38 -4.57 -7.28 -6.02
C VAL A 38 -4.23 -8.16 -7.20
N LYS A 39 -5.25 -8.74 -7.82
CA LYS A 39 -5.07 -9.61 -8.97
C LYS A 39 -4.49 -8.83 -10.15
N GLU A 40 -4.98 -7.61 -10.35
CA GLU A 40 -4.52 -6.77 -11.45
C GLU A 40 -3.02 -6.49 -11.32
N VAL A 41 -2.60 -6.06 -10.14
CA VAL A 41 -1.20 -5.75 -9.89
C VAL A 41 -0.36 -7.03 -9.85
N GLN A 42 -0.95 -8.09 -9.32
CA GLN A 42 -0.27 -9.37 -9.21
C GLN A 42 0.19 -9.86 -10.58
N LYS A 43 -0.64 -9.63 -11.60
CA LYS A 43 -0.32 -10.04 -12.96
C LYS A 43 0.71 -9.11 -13.58
N LYS A 44 0.62 -7.82 -13.24
CA LYS A 44 1.55 -6.83 -13.77
C LYS A 44 2.94 -7.02 -13.18
N GLY A 45 2.99 -7.43 -11.92
CA GLY A 45 4.27 -7.64 -11.26
C GLY A 45 4.44 -6.78 -10.03
N VAL A 46 3.58 -6.99 -9.03
CA VAL A 46 3.64 -6.23 -7.79
C VAL A 46 4.67 -6.82 -6.83
N GLN A 47 5.11 -6.00 -5.88
CA GLN A 47 6.10 -6.44 -4.90
C GLN A 47 5.70 -6.01 -3.50
N LYS A 48 5.20 -4.78 -3.38
CA LYS A 48 4.77 -4.25 -2.09
C LYS A 48 3.38 -3.63 -2.20
N VAL A 49 2.80 -3.31 -1.05
CA VAL A 49 1.46 -2.72 -1.00
C VAL A 49 1.30 -1.84 0.23
N VAL A 50 1.08 -0.54 0.01
CA VAL A 50 0.91 0.40 1.11
C VAL A 50 -0.54 0.89 1.18
N VAL A 51 -1.29 0.34 2.13
CA VAL A 51 -2.68 0.71 2.31
C VAL A 51 -2.83 1.80 3.37
N VAL A 52 -3.77 2.72 3.15
CA VAL A 52 -4.01 3.81 4.09
C VAL A 52 -5.43 3.78 4.62
N GLY A 53 -5.58 3.77 5.93
CA GLY A 53 -6.89 3.74 6.54
C GLY A 53 -7.67 2.49 6.17
N VAL A 54 -6.98 1.49 5.64
CA VAL A 54 -7.62 0.24 5.24
C VAL A 54 -7.33 -0.86 6.25
N SER A 55 -8.29 -1.76 6.43
CA SER A 55 -8.15 -2.87 7.38
C SER A 55 -6.87 -3.65 7.09
N GLU A 56 -6.06 -3.83 8.12
CA GLU A 56 -4.81 -4.57 7.98
C GLU A 56 -5.07 -6.05 7.75
N LYS A 57 -6.06 -6.60 8.46
CA LYS A 57 -6.42 -8.01 8.32
C LYS A 57 -6.77 -8.34 6.87
N VAL A 58 -7.62 -7.51 6.28
CA VAL A 58 -8.04 -7.72 4.89
C VAL A 58 -6.86 -7.70 3.95
N VAL A 59 -6.12 -6.58 3.95
CA VAL A 59 -4.95 -6.44 3.09
C VAL A 59 -3.93 -7.54 3.36
N GLN A 60 -3.80 -7.93 4.62
CA GLN A 60 -2.86 -8.97 5.01
C GLN A 60 -3.21 -10.29 4.33
N LYS A 61 -4.51 -10.59 4.27
CA LYS A 61 -4.97 -11.83 3.67
C LYS A 61 -4.56 -11.90 2.20
N VAL A 62 -5.06 -10.95 1.40
CA VAL A 62 -4.75 -10.91 -0.02
C VAL A 62 -3.24 -10.95 -0.26
N LYS A 63 -2.50 -10.20 0.57
CA LYS A 63 -1.05 -10.16 0.45
C LYS A 63 -0.46 -11.56 0.51
N GLN A 64 -0.94 -12.37 1.43
CA GLN A 64 -0.46 -13.73 1.60
C GLN A 64 -0.67 -14.54 0.32
N GLU A 65 -1.85 -14.39 -0.28
CA GLU A 65 -2.18 -15.10 -1.50
C GLU A 65 -1.66 -14.34 -2.73
N ALA A 66 -1.03 -13.20 -2.49
CA ALA A 66 -0.49 -12.38 -3.57
C ALA A 66 1.03 -12.50 -3.63
N ASN A 67 1.63 -12.98 -2.55
CA ASN A 67 3.07 -13.15 -2.48
C ASN A 67 3.78 -11.79 -2.44
N VAL A 68 3.34 -10.94 -1.52
CA VAL A 68 3.92 -9.61 -1.37
C VAL A 68 3.87 -9.15 0.08
N GLN A 69 4.49 -8.00 0.35
CA GLN A 69 4.51 -7.45 1.70
C GLN A 69 3.40 -6.41 1.90
N VAL A 70 2.82 -6.40 3.09
CA VAL A 70 1.74 -5.46 3.39
C VAL A 70 2.22 -4.36 4.32
N TYR A 71 2.00 -3.11 3.92
CA TYR A 71 2.41 -1.97 4.72
C TYR A 71 1.25 -1.01 4.95
N ARG A 72 1.13 -0.52 6.19
CA ARG A 72 0.06 0.39 6.54
C ARG A 72 0.57 1.82 6.62
N VAL A 73 -0.21 2.76 6.10
CA VAL A 73 0.15 4.17 6.11
C VAL A 73 -0.38 4.87 7.35
N THR A 74 0.43 5.76 7.92
CA THR A 74 0.04 6.50 9.11
C THR A 74 -0.10 7.99 8.81
N SER A 75 0.65 8.47 7.81
CA SER A 75 0.61 9.87 7.44
C SER A 75 1.13 10.06 6.02
N ASN A 76 0.91 11.25 5.46
CA ASN A 76 1.37 11.56 4.11
C ASN A 76 2.85 11.29 3.96
N ASP A 77 3.61 11.58 5.02
CA ASP A 77 5.06 11.37 5.00
C ASP A 77 5.39 9.88 4.87
N GLU A 78 4.47 9.04 5.31
CA GLU A 78 4.66 7.59 5.25
C GLU A 78 4.44 7.08 3.83
N VAL A 79 3.54 7.73 3.10
CA VAL A 79 3.24 7.34 1.73
C VAL A 79 4.41 7.63 0.80
N GLU A 80 4.92 8.86 0.87
CA GLU A 80 6.05 9.26 0.04
C GLU A 80 7.33 8.55 0.46
N GLN A 81 7.43 8.26 1.76
CA GLN A 81 8.61 7.58 2.30
C GLN A 81 8.61 6.10 1.90
N VAL A 82 7.51 5.42 2.19
CA VAL A 82 7.39 4.00 1.86
C VAL A 82 7.55 3.76 0.36
N VAL A 83 6.82 4.54 -0.44
CA VAL A 83 6.88 4.41 -1.89
C VAL A 83 8.28 4.72 -2.40
N LYS A 84 8.87 5.79 -1.89
CA LYS A 84 10.22 6.19 -2.29
C LYS A 84 11.17 5.00 -2.30
N ASP A 85 11.42 4.44 -1.11
CA ASP A 85 12.30 3.30 -0.98
C ASP A 85 11.60 2.02 -1.39
N VAL A 86 10.31 2.13 -1.72
CA VAL A 86 9.52 0.97 -2.13
C VAL A 86 9.51 -0.10 -1.04
N LYS A 87 9.52 0.33 0.21
CA LYS A 87 9.51 -0.59 1.33
C LYS A 87 9.52 0.17 2.66
N GLY A 88 9.72 -0.56 3.75
CA GLY A 88 9.76 0.06 5.06
C GLY A 88 11.16 0.39 5.52
N SER A 89 11.34 1.58 6.05
CA SER A 89 12.65 2.02 6.52
C SER A 89 12.51 3.04 7.65
N GLY A 90 13.08 2.71 8.81
CA GLY A 90 13.01 3.60 9.95
C GLY A 90 12.12 3.06 11.06
N LEU A 91 12.68 2.96 12.26
CA LEU A 91 11.92 2.45 13.41
C LEU A 91 12.43 3.06 14.71
N GLU A 92 11.60 3.90 15.33
CA GLU A 92 11.97 4.54 16.59
C GLU A 92 10.74 4.75 17.47
N HIS A 93 10.67 3.98 18.54
CA HIS A 93 9.55 4.07 19.48
C HIS A 93 9.64 5.35 20.31
N HIS A 94 8.49 5.99 20.54
CA HIS A 94 8.44 7.22 21.31
C HIS A 94 7.06 7.40 21.94
N HIS A 95 6.46 6.30 22.39
CA HIS A 95 5.15 6.34 23.02
C HIS A 95 5.25 6.87 24.44
N HIS A 96 4.20 7.59 24.86
CA HIS A 96 4.17 8.16 26.21
C HIS A 96 2.89 7.78 26.93
N HIS A 97 3.01 6.96 27.97
CA HIS A 97 1.86 6.51 28.74
C HIS A 97 2.28 5.96 30.09
N HIS A 98 1.36 5.96 31.05
CA HIS A 98 1.65 5.47 32.39
C HIS A 98 1.67 3.93 32.41
N GLY A 1 12.27 -2.95 -8.23
CA GLY A 1 11.48 -2.72 -7.03
C GLY A 1 10.13 -2.10 -7.34
N ARG A 2 9.09 -2.94 -7.36
CA ARG A 2 7.74 -2.47 -7.64
C ARG A 2 7.01 -2.12 -6.36
N VAL A 3 6.09 -1.16 -6.44
CA VAL A 3 5.31 -0.73 -5.28
C VAL A 3 3.94 -0.21 -5.70
N VAL A 4 2.95 -0.40 -4.83
CA VAL A 4 1.59 0.06 -5.11
C VAL A 4 1.00 0.77 -3.91
N VAL A 5 0.32 1.89 -4.15
CA VAL A 5 -0.31 2.66 -3.10
C VAL A 5 -1.82 2.51 -3.12
N VAL A 6 -2.40 2.23 -1.96
CA VAL A 6 -3.85 2.05 -1.85
C VAL A 6 -4.41 2.93 -0.74
N VAL A 7 -5.62 3.46 -0.97
CA VAL A 7 -6.28 4.31 0.01
C VAL A 7 -7.71 3.86 0.26
N THR A 8 -8.33 4.41 1.30
CA THR A 8 -9.70 4.07 1.65
C THR A 8 -10.68 5.12 1.12
N SER A 9 -10.17 6.33 0.87
CA SER A 9 -11.00 7.41 0.36
C SER A 9 -10.49 7.91 -0.98
N GLU A 10 -11.41 8.31 -1.84
CA GLU A 10 -11.05 8.80 -3.17
C GLU A 10 -10.19 10.07 -3.06
N GLN A 11 -10.44 10.86 -2.03
CA GLN A 11 -9.69 12.10 -1.82
C GLN A 11 -8.20 11.82 -1.74
N VAL A 12 -7.82 10.86 -0.89
CA VAL A 12 -6.43 10.49 -0.73
C VAL A 12 -5.83 9.98 -2.03
N LYS A 13 -6.63 9.23 -2.78
CA LYS A 13 -6.18 8.67 -4.05
C LYS A 13 -5.76 9.77 -5.01
N GLU A 14 -6.61 10.78 -5.18
CA GLU A 14 -6.30 11.90 -6.06
C GLU A 14 -5.01 12.59 -5.65
N GLU A 15 -4.83 12.76 -4.35
CA GLU A 15 -3.63 13.42 -3.83
C GLU A 15 -2.40 12.57 -4.11
N VAL A 16 -2.54 11.26 -3.99
CA VAL A 16 -1.43 10.35 -4.23
C VAL A 16 -1.07 10.28 -5.71
N ARG A 17 -2.08 10.06 -6.55
CA ARG A 17 -1.89 9.97 -7.99
C ARG A 17 -1.23 11.25 -8.52
N LYS A 18 -1.53 12.38 -7.87
CA LYS A 18 -0.98 13.66 -8.28
C LYS A 18 0.50 13.77 -7.88
N LYS A 19 0.81 13.30 -6.68
CA LYS A 19 2.18 13.34 -6.17
C LYS A 19 3.08 12.40 -6.97
N PHE A 20 2.56 11.21 -7.26
CA PHE A 20 3.32 10.21 -8.02
C PHE A 20 2.45 9.57 -9.09
N PRO A 21 2.26 10.30 -10.20
CA PRO A 21 1.45 9.83 -11.33
C PRO A 21 2.11 8.68 -12.09
N GLN A 22 3.45 8.68 -12.08
CA GLN A 22 4.20 7.64 -12.77
C GLN A 22 4.07 6.31 -12.05
N VAL A 23 3.81 6.36 -10.74
CA VAL A 23 3.67 5.16 -9.94
C VAL A 23 2.25 4.61 -10.04
N GLU A 24 2.07 3.38 -9.56
CA GLU A 24 0.76 2.73 -9.60
C GLU A 24 -0.09 3.17 -8.42
N VAL A 25 -1.33 3.58 -8.71
CA VAL A 25 -2.25 4.02 -7.67
C VAL A 25 -3.62 3.39 -7.84
N ARG A 26 -4.08 2.70 -6.78
CA ARG A 26 -5.39 2.04 -6.82
C ARG A 26 -6.09 2.18 -5.48
N VAL A 27 -7.24 2.84 -5.49
CA VAL A 27 -8.03 3.04 -4.27
C VAL A 27 -9.06 1.93 -4.09
N VAL A 28 -9.05 1.31 -2.91
CA VAL A 28 -9.98 0.23 -2.61
C VAL A 28 -10.93 0.63 -1.49
N THR A 29 -12.16 0.11 -1.55
CA THR A 29 -13.16 0.41 -0.54
C THR A 29 -13.76 -0.87 0.05
N THR A 30 -13.90 -1.89 -0.80
CA THR A 30 -14.45 -3.16 -0.37
C THR A 30 -13.45 -4.30 -0.57
N GLU A 31 -13.78 -5.47 -0.05
CA GLU A 31 -12.92 -6.63 -0.18
C GLU A 31 -12.86 -7.12 -1.62
N GLU A 32 -14.00 -7.04 -2.30
CA GLU A 32 -14.09 -7.46 -3.70
C GLU A 32 -13.33 -6.52 -4.62
N ASP A 33 -13.48 -5.22 -4.36
CA ASP A 33 -12.81 -4.21 -5.18
C ASP A 33 -11.29 -4.39 -5.13
N ALA A 34 -10.76 -4.52 -3.91
CA ALA A 34 -9.33 -4.71 -3.73
C ALA A 34 -8.84 -5.98 -4.39
N LYS A 35 -9.63 -7.05 -4.26
CA LYS A 35 -9.28 -8.34 -4.85
C LYS A 35 -8.95 -8.18 -6.34
N GLN A 36 -9.85 -7.53 -7.07
CA GLN A 36 -9.66 -7.32 -8.50
C GLN A 36 -8.50 -6.36 -8.75
N VAL A 37 -8.28 -5.43 -7.82
CA VAL A 37 -7.20 -4.46 -7.94
C VAL A 37 -5.84 -5.13 -7.83
N VAL A 38 -5.63 -5.86 -6.74
CA VAL A 38 -4.37 -6.56 -6.51
C VAL A 38 -4.07 -7.54 -7.64
N LYS A 39 -5.12 -8.17 -8.15
CA LYS A 39 -4.98 -9.13 -9.24
C LYS A 39 -4.50 -8.45 -10.51
N GLU A 40 -5.03 -7.26 -10.79
CA GLU A 40 -4.65 -6.51 -11.97
C GLU A 40 -3.17 -6.15 -11.94
N VAL A 41 -2.74 -5.54 -10.83
CA VAL A 41 -1.34 -5.15 -10.67
C VAL A 41 -0.44 -6.36 -10.59
N GLN A 42 -0.87 -7.38 -9.84
CA GLN A 42 -0.08 -8.59 -9.68
C GLN A 42 0.30 -9.18 -11.04
N LYS A 43 -0.64 -9.14 -11.98
CA LYS A 43 -0.39 -9.66 -13.32
C LYS A 43 0.63 -8.81 -14.07
N LYS A 44 0.55 -7.49 -13.86
CA LYS A 44 1.47 -6.56 -14.51
C LYS A 44 2.88 -6.75 -13.98
N GLY A 45 3.01 -7.15 -12.73
CA GLY A 45 4.31 -7.35 -12.13
C GLY A 45 4.54 -6.49 -10.92
N VAL A 46 3.79 -6.75 -9.85
CA VAL A 46 3.91 -5.98 -8.61
C VAL A 46 4.92 -6.62 -7.67
N GLN A 47 5.45 -5.81 -6.75
CA GLN A 47 6.43 -6.30 -5.79
C GLN A 47 6.04 -5.91 -4.36
N LYS A 48 5.49 -4.71 -4.22
CA LYS A 48 5.07 -4.21 -2.92
C LYS A 48 3.60 -3.82 -2.93
N VAL A 49 3.00 -3.69 -1.75
CA VAL A 49 1.60 -3.31 -1.63
C VAL A 49 1.35 -2.50 -0.37
N VAL A 50 0.99 -1.23 -0.55
CA VAL A 50 0.73 -0.34 0.57
C VAL A 50 -0.73 0.10 0.59
N VAL A 51 -1.30 0.22 1.79
CA VAL A 51 -2.68 0.64 1.94
C VAL A 51 -2.81 1.71 3.02
N VAL A 52 -3.79 2.60 2.84
CA VAL A 52 -4.02 3.68 3.80
C VAL A 52 -5.43 3.62 4.35
N GLY A 53 -5.55 3.71 5.67
CA GLY A 53 -6.86 3.66 6.31
C GLY A 53 -7.51 2.30 6.19
N VAL A 54 -6.74 1.31 5.76
CA VAL A 54 -7.25 -0.05 5.61
C VAL A 54 -6.94 -0.88 6.83
N SER A 55 -7.89 -1.75 7.22
CA SER A 55 -7.71 -2.60 8.38
C SER A 55 -6.59 -3.62 8.15
N GLU A 56 -5.85 -3.94 9.20
CA GLU A 56 -4.76 -4.90 9.10
C GLU A 56 -5.29 -6.31 8.87
N LYS A 57 -6.41 -6.64 9.51
CA LYS A 57 -7.02 -7.95 9.38
C LYS A 57 -7.38 -8.23 7.92
N VAL A 58 -7.76 -7.18 7.21
CA VAL A 58 -8.13 -7.31 5.80
C VAL A 58 -6.91 -7.55 4.93
N VAL A 59 -5.94 -6.65 5.00
CA VAL A 59 -4.71 -6.77 4.22
C VAL A 59 -3.94 -8.03 4.59
N GLN A 60 -3.95 -8.35 5.88
CA GLN A 60 -3.25 -9.53 6.37
C GLN A 60 -3.74 -10.79 5.67
N LYS A 61 -5.05 -10.98 5.65
CA LYS A 61 -5.65 -12.14 5.00
C LYS A 61 -5.22 -12.23 3.55
N VAL A 62 -5.62 -11.25 2.74
CA VAL A 62 -5.27 -11.23 1.33
C VAL A 62 -3.77 -11.40 1.13
N LYS A 63 -2.99 -10.69 1.94
CA LYS A 63 -1.53 -10.77 1.86
C LYS A 63 -1.06 -12.23 1.93
N GLN A 64 -1.66 -12.98 2.84
CA GLN A 64 -1.29 -14.40 3.01
C GLN A 64 -1.56 -15.18 1.73
N GLU A 65 -2.73 -14.96 1.14
CA GLU A 65 -3.10 -15.66 -0.08
C GLU A 65 -2.50 -14.97 -1.30
N ALA A 66 -1.78 -13.89 -1.07
CA ALA A 66 -1.15 -13.14 -2.14
C ALA A 66 0.33 -13.48 -2.27
N ASN A 67 0.95 -13.81 -1.14
CA ASN A 67 2.37 -14.17 -1.12
C ASN A 67 3.23 -12.97 -1.51
N VAL A 68 2.93 -11.81 -0.92
CA VAL A 68 3.69 -10.60 -1.20
C VAL A 68 3.88 -9.77 0.06
N GLN A 69 4.70 -8.73 -0.04
CA GLN A 69 4.98 -7.85 1.09
C GLN A 69 3.97 -6.70 1.15
N VAL A 70 3.23 -6.63 2.25
CA VAL A 70 2.24 -5.57 2.43
C VAL A 70 2.65 -4.61 3.54
N TYR A 71 2.29 -3.34 3.37
CA TYR A 71 2.62 -2.32 4.35
C TYR A 71 1.43 -1.42 4.63
N ARG A 72 1.32 -0.95 5.87
CA ARG A 72 0.22 -0.08 6.26
C ARG A 72 0.73 1.34 6.54
N VAL A 73 -0.15 2.32 6.33
CA VAL A 73 0.20 3.72 6.55
C VAL A 73 -1.00 4.51 7.04
N THR A 74 -0.78 5.37 8.04
CA THR A 74 -1.85 6.19 8.59
C THR A 74 -1.58 7.66 8.35
N SER A 75 -0.30 8.02 8.24
CA SER A 75 0.09 9.41 8.00
C SER A 75 0.63 9.59 6.58
N ASN A 76 0.51 10.81 6.06
CA ASN A 76 0.99 11.12 4.72
C ASN A 76 2.51 10.92 4.63
N ASP A 77 3.21 11.21 5.71
CA ASP A 77 4.66 11.06 5.75
C ASP A 77 5.06 9.60 5.56
N GLU A 78 4.18 8.69 6.00
CA GLU A 78 4.45 7.26 5.89
C GLU A 78 4.26 6.78 4.45
N VAL A 79 3.39 7.47 3.72
CA VAL A 79 3.12 7.12 2.32
C VAL A 79 4.30 7.47 1.43
N GLU A 80 4.82 8.67 1.59
CA GLU A 80 5.97 9.13 0.80
C GLU A 80 7.23 8.38 1.20
N GLN A 81 7.32 8.01 2.47
CA GLN A 81 8.48 7.29 2.98
C GLN A 81 8.60 5.92 2.33
N VAL A 82 7.53 5.14 2.41
CA VAL A 82 7.52 3.80 1.83
C VAL A 82 7.75 3.85 0.32
N VAL A 83 7.09 4.81 -0.34
CA VAL A 83 7.22 4.96 -1.78
C VAL A 83 8.64 5.41 -2.16
N LYS A 84 9.15 6.41 -1.43
CA LYS A 84 10.48 6.93 -1.68
C LYS A 84 11.50 5.79 -1.78
N ASP A 85 11.72 5.11 -0.67
CA ASP A 85 12.67 4.00 -0.63
C ASP A 85 12.23 2.88 -1.58
N VAL A 86 10.94 2.81 -1.84
CA VAL A 86 10.39 1.79 -2.73
C VAL A 86 10.41 0.42 -2.06
N LYS A 87 11.61 -0.12 -1.88
CA LYS A 87 11.78 -1.43 -1.25
C LYS A 87 12.02 -1.29 0.24
N GLY A 88 12.76 -0.25 0.62
CA GLY A 88 13.06 -0.02 2.02
C GLY A 88 14.47 -0.44 2.38
N SER A 89 15.22 0.47 3.00
CA SER A 89 16.59 0.20 3.40
C SER A 89 16.67 -0.10 4.89
N GLY A 90 16.05 -1.20 5.30
CA GLY A 90 16.07 -1.58 6.71
C GLY A 90 15.10 -0.76 7.54
N LEU A 91 14.05 -1.40 8.02
CA LEU A 91 13.05 -0.73 8.84
C LEU A 91 13.58 -0.45 10.24
N GLU A 92 13.54 0.81 10.64
CA GLU A 92 14.02 1.21 11.96
C GLU A 92 13.04 2.19 12.61
N HIS A 93 13.19 2.37 13.93
CA HIS A 93 12.33 3.27 14.67
C HIS A 93 12.95 3.64 16.02
N HIS A 94 12.44 4.70 16.64
CA HIS A 94 12.95 5.13 17.93
C HIS A 94 11.81 5.29 18.94
N HIS A 95 12.14 5.21 20.22
CA HIS A 95 11.16 5.34 21.29
C HIS A 95 10.47 6.70 21.22
N HIS A 96 9.26 6.73 20.67
CA HIS A 96 8.50 7.97 20.56
C HIS A 96 8.36 8.65 21.91
N HIS A 97 7.95 9.92 21.89
CA HIS A 97 7.78 10.69 23.11
C HIS A 97 6.31 11.06 23.31
N HIS A 98 5.75 10.66 24.45
CA HIS A 98 4.36 10.96 24.77
C HIS A 98 4.24 12.28 25.52
N GLY A 1 12.08 -2.00 -6.50
CA GLY A 1 11.09 -2.97 -6.94
C GLY A 1 9.75 -2.34 -7.24
N ARG A 2 8.70 -3.15 -7.24
CA ARG A 2 7.35 -2.67 -7.53
C ARG A 2 6.64 -2.27 -6.24
N VAL A 3 5.76 -1.27 -6.34
CA VAL A 3 5.02 -0.78 -5.19
C VAL A 3 3.66 -0.22 -5.61
N VAL A 4 2.67 -0.37 -4.73
CA VAL A 4 1.33 0.12 -5.01
C VAL A 4 0.77 0.88 -3.82
N VAL A 5 0.12 2.01 -4.09
CA VAL A 5 -0.47 2.84 -3.04
C VAL A 5 -1.99 2.72 -3.04
N VAL A 6 -2.55 2.33 -1.90
CA VAL A 6 -3.99 2.18 -1.76
C VAL A 6 -4.53 3.03 -0.62
N VAL A 7 -5.73 3.58 -0.80
CA VAL A 7 -6.35 4.42 0.21
C VAL A 7 -7.81 4.01 0.43
N THR A 8 -8.41 4.54 1.49
CA THR A 8 -9.79 4.23 1.81
C THR A 8 -10.74 5.29 1.22
N SER A 9 -10.19 6.46 0.93
CA SER A 9 -10.98 7.55 0.36
C SER A 9 -10.41 7.98 -0.99
N GLU A 10 -11.31 8.37 -1.90
CA GLU A 10 -10.90 8.80 -3.23
C GLU A 10 -10.07 10.08 -3.15
N GLN A 11 -10.36 10.91 -2.16
CA GLN A 11 -9.63 12.16 -1.97
C GLN A 11 -8.13 11.91 -1.87
N VAL A 12 -7.75 10.98 -1.00
CA VAL A 12 -6.34 10.65 -0.81
C VAL A 12 -5.72 10.12 -2.09
N LYS A 13 -6.51 9.37 -2.86
CA LYS A 13 -6.03 8.80 -4.12
C LYS A 13 -5.60 9.91 -5.08
N GLU A 14 -6.47 10.90 -5.26
CA GLU A 14 -6.18 12.01 -6.16
C GLU A 14 -4.87 12.71 -5.75
N GLU A 15 -4.67 12.85 -4.44
CA GLU A 15 -3.48 13.49 -3.92
C GLU A 15 -2.24 12.64 -4.16
N VAL A 16 -2.41 11.32 -4.06
CA VAL A 16 -1.31 10.38 -4.27
C VAL A 16 -0.92 10.31 -5.74
N ARG A 17 -1.91 10.07 -6.59
CA ARG A 17 -1.67 9.97 -8.03
C ARG A 17 -1.07 11.27 -8.57
N LYS A 18 -1.43 12.38 -7.96
CA LYS A 18 -0.93 13.69 -8.37
C LYS A 18 0.53 13.85 -7.98
N LYS A 19 0.89 13.39 -6.79
CA LYS A 19 2.26 13.48 -6.29
C LYS A 19 3.18 12.56 -7.09
N PHE A 20 2.69 11.36 -7.41
CA PHE A 20 3.47 10.39 -8.15
C PHE A 20 2.59 9.63 -9.14
N PRO A 21 2.28 10.27 -10.28
CA PRO A 21 1.44 9.67 -11.32
C PRO A 21 2.14 8.53 -12.04
N GLN A 22 3.46 8.54 -12.01
CA GLN A 22 4.25 7.50 -12.67
C GLN A 22 4.10 6.17 -11.95
N VAL A 23 3.80 6.22 -10.65
CA VAL A 23 3.62 5.02 -9.85
C VAL A 23 2.19 4.51 -9.95
N GLU A 24 1.99 3.27 -9.51
CA GLU A 24 0.68 2.65 -9.55
C GLU A 24 -0.17 3.09 -8.36
N VAL A 25 -1.41 3.50 -8.64
CA VAL A 25 -2.31 3.95 -7.59
C VAL A 25 -3.69 3.30 -7.74
N ARG A 26 -4.15 2.65 -6.68
CA ARG A 26 -5.45 1.98 -6.70
C ARG A 26 -6.16 2.16 -5.36
N VAL A 27 -7.32 2.84 -5.39
CA VAL A 27 -8.09 3.07 -4.19
C VAL A 27 -9.12 1.96 -3.97
N VAL A 28 -9.17 1.44 -2.75
CA VAL A 28 -10.10 0.38 -2.41
C VAL A 28 -11.04 0.80 -1.28
N THR A 29 -12.29 0.35 -1.35
CA THR A 29 -13.28 0.69 -0.34
C THR A 29 -13.89 -0.57 0.27
N THR A 30 -14.05 -1.61 -0.56
CA THR A 30 -14.63 -2.87 -0.10
C THR A 30 -13.63 -4.02 -0.27
N GLU A 31 -13.98 -5.17 0.28
CA GLU A 31 -13.13 -6.35 0.18
C GLU A 31 -13.02 -6.84 -1.27
N GLU A 32 -14.13 -6.75 -1.99
CA GLU A 32 -14.17 -7.18 -3.38
C GLU A 32 -13.32 -6.26 -4.25
N ASP A 33 -13.40 -4.96 -4.00
CA ASP A 33 -12.65 -3.97 -4.76
C ASP A 33 -11.15 -4.24 -4.65
N ALA A 34 -10.66 -4.37 -3.42
CA ALA A 34 -9.25 -4.62 -3.19
C ALA A 34 -8.79 -5.91 -3.89
N LYS A 35 -9.62 -6.94 -3.81
CA LYS A 35 -9.31 -8.22 -4.44
C LYS A 35 -8.93 -8.02 -5.91
N GLN A 36 -9.77 -7.33 -6.65
CA GLN A 36 -9.52 -7.06 -8.06
C GLN A 36 -8.29 -6.18 -8.24
N VAL A 37 -8.04 -5.33 -7.25
CA VAL A 37 -6.90 -4.43 -7.30
C VAL A 37 -5.59 -5.18 -7.15
N VAL A 38 -5.47 -5.93 -6.06
CA VAL A 38 -4.26 -6.71 -5.80
C VAL A 38 -3.95 -7.66 -6.95
N LYS A 39 -5.00 -8.16 -7.60
CA LYS A 39 -4.84 -9.07 -8.72
C LYS A 39 -4.27 -8.35 -9.94
N GLU A 40 -4.77 -7.14 -10.19
CA GLU A 40 -4.30 -6.34 -11.32
C GLU A 40 -2.81 -6.08 -11.21
N VAL A 41 -2.38 -5.60 -10.05
CA VAL A 41 -0.97 -5.29 -9.81
C VAL A 41 -0.14 -6.57 -9.76
N GLN A 42 -0.74 -7.65 -9.27
CA GLN A 42 -0.05 -8.92 -9.16
C GLN A 42 0.45 -9.39 -10.53
N LYS A 43 -0.38 -9.22 -11.55
CA LYS A 43 -0.03 -9.62 -12.90
C LYS A 43 0.99 -8.65 -13.50
N LYS A 44 0.88 -7.38 -13.13
CA LYS A 44 1.80 -6.36 -13.63
C LYS A 44 3.21 -6.58 -13.09
N GLY A 45 3.29 -7.06 -11.85
CA GLY A 45 4.59 -7.30 -11.24
C GLY A 45 4.72 -6.65 -9.88
N VAL A 46 3.60 -6.49 -9.19
CA VAL A 46 3.59 -5.87 -7.87
C VAL A 46 4.61 -6.52 -6.95
N GLN A 47 5.17 -5.74 -6.04
CA GLN A 47 6.18 -6.24 -5.10
C GLN A 47 5.84 -5.81 -3.67
N LYS A 48 5.37 -4.57 -3.53
CA LYS A 48 5.02 -4.04 -2.23
C LYS A 48 3.65 -3.37 -2.25
N VAL A 49 2.67 -4.01 -1.62
CA VAL A 49 1.31 -3.47 -1.58
C VAL A 49 1.11 -2.59 -0.36
N VAL A 50 0.84 -1.31 -0.60
CA VAL A 50 0.62 -0.35 0.48
C VAL A 50 -0.83 0.11 0.51
N VAL A 51 -1.39 0.20 1.72
CA VAL A 51 -2.76 0.64 1.89
C VAL A 51 -2.89 1.63 3.04
N VAL A 52 -3.85 2.55 2.92
CA VAL A 52 -4.07 3.56 3.94
C VAL A 52 -5.50 3.49 4.49
N GLY A 53 -5.62 3.51 5.81
CA GLY A 53 -6.92 3.45 6.44
C GLY A 53 -7.66 2.16 6.10
N VAL A 54 -6.90 1.10 5.88
CA VAL A 54 -7.49 -0.20 5.56
C VAL A 54 -7.22 -1.22 6.66
N SER A 55 -8.21 -2.05 6.94
CA SER A 55 -8.08 -3.08 7.98
C SER A 55 -6.90 -3.99 7.69
N GLU A 56 -6.09 -4.25 8.71
CA GLU A 56 -4.92 -5.11 8.56
C GLU A 56 -5.34 -6.56 8.33
N LYS A 57 -6.40 -6.98 9.00
CA LYS A 57 -6.91 -8.34 8.86
C LYS A 57 -7.31 -8.64 7.42
N VAL A 58 -7.79 -7.61 6.72
CA VAL A 58 -8.19 -7.77 5.33
C VAL A 58 -6.98 -7.90 4.41
N VAL A 59 -6.09 -6.92 4.46
CA VAL A 59 -4.89 -6.93 3.65
C VAL A 59 -4.01 -8.12 3.99
N GLN A 60 -3.95 -8.46 5.27
CA GLN A 60 -3.13 -9.59 5.72
C GLN A 60 -3.55 -10.88 5.03
N LYS A 61 -4.85 -11.14 5.01
CA LYS A 61 -5.39 -12.33 4.38
C LYS A 61 -4.98 -12.40 2.90
N VAL A 62 -5.47 -11.45 2.12
CA VAL A 62 -5.15 -11.40 0.70
C VAL A 62 -3.65 -11.45 0.46
N LYS A 63 -2.90 -10.69 1.25
CA LYS A 63 -1.45 -10.66 1.14
C LYS A 63 -0.87 -12.06 1.24
N GLN A 64 -1.40 -12.86 2.16
CA GLN A 64 -0.92 -14.23 2.35
C GLN A 64 -1.13 -15.06 1.08
N GLU A 65 -2.32 -14.94 0.49
CA GLU A 65 -2.65 -15.68 -0.72
C GLU A 65 -2.10 -14.96 -1.96
N ALA A 66 -1.49 -13.80 -1.74
CA ALA A 66 -0.93 -13.02 -2.83
C ALA A 66 0.57 -13.26 -2.98
N ASN A 67 1.21 -13.67 -1.89
CA ASN A 67 2.65 -13.94 -1.90
C ASN A 67 3.44 -12.66 -2.14
N VAL A 68 3.07 -11.60 -1.42
CA VAL A 68 3.75 -10.31 -1.56
C VAL A 68 3.87 -9.62 -0.21
N GLN A 69 4.61 -8.51 -0.18
CA GLN A 69 4.81 -7.75 1.04
C GLN A 69 3.75 -6.66 1.19
N VAL A 70 3.05 -6.66 2.32
CA VAL A 70 2.01 -5.67 2.58
C VAL A 70 2.48 -4.63 3.59
N TYR A 71 2.20 -3.37 3.30
CA TYR A 71 2.58 -2.28 4.19
C TYR A 71 1.39 -1.39 4.53
N ARG A 72 1.28 -0.99 5.79
CA ARG A 72 0.19 -0.16 6.24
C ARG A 72 0.65 1.29 6.41
N VAL A 73 -0.23 2.23 6.09
CA VAL A 73 0.09 3.65 6.20
C VAL A 73 -1.06 4.42 6.85
N THR A 74 -0.71 5.30 7.77
CA THR A 74 -1.71 6.11 8.47
C THR A 74 -1.55 7.59 8.16
N SER A 75 -0.30 8.02 7.96
CA SER A 75 -0.01 9.40 7.65
C SER A 75 0.50 9.55 6.22
N ASN A 76 0.51 10.79 5.72
CA ASN A 76 0.97 11.06 4.37
C ASN A 76 2.47 10.83 4.25
N ASP A 77 3.20 11.13 5.32
CA ASP A 77 4.65 10.96 5.33
C ASP A 77 5.02 9.48 5.17
N GLU A 78 4.11 8.60 5.58
CA GLU A 78 4.34 7.17 5.48
C GLU A 78 4.19 6.69 4.04
N VAL A 79 3.31 7.35 3.30
CA VAL A 79 3.07 7.00 1.90
C VAL A 79 4.27 7.36 1.02
N GLU A 80 4.77 8.58 1.20
CA GLU A 80 5.92 9.05 0.43
C GLU A 80 7.19 8.31 0.84
N GLN A 81 7.26 7.91 2.10
CA GLN A 81 8.42 7.19 2.61
C GLN A 81 8.52 5.80 1.99
N VAL A 82 7.43 5.04 2.09
CA VAL A 82 7.39 3.68 1.54
C VAL A 82 7.64 3.70 0.04
N VAL A 83 7.06 4.70 -0.64
CA VAL A 83 7.22 4.82 -2.08
C VAL A 83 8.63 5.29 -2.45
N LYS A 84 9.11 6.30 -1.73
CA LYS A 84 10.44 6.85 -1.98
C LYS A 84 11.47 5.72 -2.08
N ASP A 85 11.68 5.02 -0.97
CA ASP A 85 12.65 3.92 -0.93
C ASP A 85 12.15 2.75 -1.77
N VAL A 86 10.85 2.62 -1.89
CA VAL A 86 10.24 1.53 -2.67
C VAL A 86 10.41 0.20 -1.96
N LYS A 87 11.65 -0.29 -1.92
CA LYS A 87 11.94 -1.56 -1.27
C LYS A 87 11.83 -1.44 0.24
N GLY A 88 12.05 -2.56 0.94
CA GLY A 88 11.97 -2.55 2.39
C GLY A 88 12.37 -3.88 3.00
N SER A 89 12.97 -3.83 4.18
CA SER A 89 13.40 -5.04 4.87
C SER A 89 12.50 -5.35 6.06
N GLY A 90 12.07 -4.30 6.75
CA GLY A 90 11.21 -4.48 7.90
C GLY A 90 10.50 -3.20 8.31
N LEU A 91 10.22 -3.06 9.60
CA LEU A 91 9.55 -1.87 10.11
C LEU A 91 10.55 -0.87 10.67
N GLU A 92 10.48 0.37 10.18
CA GLU A 92 11.39 1.42 10.62
C GLU A 92 11.14 1.76 12.09
N HIS A 93 11.90 1.12 12.97
CA HIS A 93 11.76 1.35 14.40
C HIS A 93 12.87 2.25 14.91
N HIS A 94 12.53 3.48 15.27
CA HIS A 94 13.50 4.45 15.78
C HIS A 94 12.92 5.24 16.94
N HIS A 95 12.19 4.56 17.81
CA HIS A 95 11.58 5.20 18.97
C HIS A 95 11.97 4.50 20.26
N HIS A 96 12.02 3.17 20.20
CA HIS A 96 12.38 2.37 21.37
C HIS A 96 13.89 2.11 21.41
N HIS A 97 14.35 1.48 22.49
CA HIS A 97 15.76 1.18 22.65
C HIS A 97 16.24 0.22 21.57
N HIS A 98 17.54 -0.10 21.59
CA HIS A 98 18.11 -1.00 20.61
C HIS A 98 17.98 -0.45 19.19
N GLY A 1 12.42 -2.54 -8.13
CA GLY A 1 11.63 -2.34 -6.93
C GLY A 1 10.28 -1.73 -7.23
N ARG A 2 9.25 -2.57 -7.27
CA ARG A 2 7.89 -2.10 -7.54
C ARG A 2 7.16 -1.77 -6.24
N VAL A 3 6.24 -0.82 -6.31
CA VAL A 3 5.46 -0.42 -5.15
C VAL A 3 4.08 0.10 -5.56
N VAL A 4 3.09 -0.14 -4.70
CA VAL A 4 1.72 0.30 -4.97
C VAL A 4 1.12 0.97 -3.74
N VAL A 5 0.42 2.09 -3.96
CA VAL A 5 -0.22 2.82 -2.88
C VAL A 5 -1.72 2.63 -2.90
N VAL A 6 -2.30 2.30 -1.75
CA VAL A 6 -3.73 2.09 -1.64
C VAL A 6 -4.32 2.93 -0.51
N VAL A 7 -5.55 3.42 -0.73
CA VAL A 7 -6.22 4.24 0.27
C VAL A 7 -7.65 3.76 0.49
N THR A 8 -8.33 4.38 1.46
CA THR A 8 -9.71 4.02 1.77
C THR A 8 -10.69 5.03 1.19
N SER A 9 -10.19 6.23 0.90
CA SER A 9 -11.02 7.28 0.33
C SER A 9 -10.51 7.71 -1.03
N GLU A 10 -11.43 8.07 -1.92
CA GLU A 10 -11.07 8.50 -3.28
C GLU A 10 -10.25 9.79 -3.23
N GLN A 11 -10.55 10.64 -2.25
CA GLN A 11 -9.84 11.91 -2.09
C GLN A 11 -8.34 11.68 -1.97
N VAL A 12 -7.96 10.79 -1.06
CA VAL A 12 -6.54 10.48 -0.83
C VAL A 12 -5.91 9.89 -2.09
N LYS A 13 -6.68 9.09 -2.81
CA LYS A 13 -6.19 8.45 -4.03
C LYS A 13 -5.79 9.50 -5.06
N GLU A 14 -6.67 10.47 -5.30
CA GLU A 14 -6.40 11.53 -6.26
C GLU A 14 -5.11 12.26 -5.90
N GLU A 15 -4.94 12.56 -4.62
CA GLU A 15 -3.75 13.28 -4.16
C GLU A 15 -2.49 12.43 -4.38
N VAL A 16 -2.64 11.12 -4.19
CA VAL A 16 -1.51 10.20 -4.37
C VAL A 16 -1.15 10.05 -5.85
N ARG A 17 -2.16 9.77 -6.67
CA ARG A 17 -1.95 9.60 -8.10
C ARG A 17 -1.31 10.84 -8.71
N LYS A 18 -1.61 12.01 -8.13
CA LYS A 18 -1.07 13.27 -8.61
C LYS A 18 0.40 13.42 -8.19
N LYS A 19 0.71 13.00 -6.97
CA LYS A 19 2.06 13.09 -6.46
C LYS A 19 2.99 12.15 -7.20
N PHE A 20 2.52 10.93 -7.46
CA PHE A 20 3.32 9.94 -8.18
C PHE A 20 2.49 9.26 -9.26
N PRO A 21 2.30 9.97 -10.39
CA PRO A 21 1.52 9.46 -11.53
C PRO A 21 2.23 8.31 -12.25
N GLN A 22 3.57 8.35 -12.22
CA GLN A 22 4.36 7.32 -12.88
C GLN A 22 4.27 5.99 -12.11
N VAL A 23 4.02 6.09 -10.82
CA VAL A 23 3.91 4.90 -9.97
C VAL A 23 2.50 4.31 -10.04
N GLU A 24 2.36 3.09 -9.55
CA GLU A 24 1.07 2.40 -9.56
C GLU A 24 0.29 2.71 -8.29
N VAL A 25 -0.96 3.14 -8.45
CA VAL A 25 -1.82 3.47 -7.32
C VAL A 25 -3.21 2.86 -7.49
N ARG A 26 -3.64 2.09 -6.48
CA ARG A 26 -4.95 1.46 -6.53
C ARG A 26 -5.68 1.65 -5.20
N VAL A 27 -6.84 2.30 -5.26
CA VAL A 27 -7.64 2.55 -4.07
C VAL A 27 -8.66 1.44 -3.84
N VAL A 28 -8.74 0.96 -2.61
CA VAL A 28 -9.68 -0.10 -2.27
C VAL A 28 -10.55 0.29 -1.08
N THR A 29 -11.82 -0.08 -1.14
CA THR A 29 -12.77 0.23 -0.06
C THR A 29 -13.45 -1.03 0.45
N THR A 30 -13.70 -1.97 -0.45
CA THR A 30 -14.35 -3.21 -0.08
C THR A 30 -13.45 -4.42 -0.37
N GLU A 31 -13.87 -5.59 0.09
CA GLU A 31 -13.10 -6.81 -0.11
C GLU A 31 -13.04 -7.19 -1.58
N GLU A 32 -14.16 -7.04 -2.27
CA GLU A 32 -14.25 -7.36 -3.69
C GLU A 32 -13.35 -6.43 -4.50
N ASP A 33 -13.33 -5.16 -4.13
CA ASP A 33 -12.52 -4.17 -4.83
C ASP A 33 -11.04 -4.54 -4.77
N ALA A 34 -10.53 -4.75 -3.56
CA ALA A 34 -9.13 -5.11 -3.37
C ALA A 34 -8.77 -6.34 -4.19
N LYS A 35 -9.67 -7.32 -4.23
CA LYS A 35 -9.44 -8.54 -4.98
C LYS A 35 -9.10 -8.23 -6.43
N GLN A 36 -9.98 -7.49 -7.09
CA GLN A 36 -9.78 -7.13 -8.48
C GLN A 36 -8.45 -6.39 -8.67
N VAL A 37 -8.06 -5.62 -7.66
CA VAL A 37 -6.81 -4.88 -7.71
C VAL A 37 -5.60 -5.80 -7.60
N VAL A 38 -5.64 -6.71 -6.61
CA VAL A 38 -4.55 -7.65 -6.41
C VAL A 38 -4.20 -8.37 -7.71
N LYS A 39 -5.22 -8.80 -8.44
CA LYS A 39 -5.01 -9.49 -9.70
C LYS A 39 -4.47 -8.54 -10.76
N GLU A 40 -5.00 -7.33 -10.79
CA GLU A 40 -4.58 -6.33 -11.76
C GLU A 40 -3.09 -6.05 -11.64
N VAL A 41 -2.64 -5.79 -10.41
CA VAL A 41 -1.23 -5.51 -10.16
C VAL A 41 -0.38 -6.75 -10.38
N GLN A 42 -0.92 -7.91 -10.04
CA GLN A 42 -0.21 -9.17 -10.21
C GLN A 42 0.25 -9.36 -11.65
N LYS A 43 -0.62 -8.99 -12.59
CA LYS A 43 -0.31 -9.12 -14.00
C LYS A 43 0.64 -8.02 -14.46
N LYS A 44 0.47 -6.82 -13.88
CA LYS A 44 1.32 -5.69 -14.21
C LYS A 44 2.75 -5.91 -13.75
N GLY A 45 2.89 -6.52 -12.57
CA GLY A 45 4.21 -6.79 -12.04
C GLY A 45 4.53 -5.93 -10.83
N VAL A 46 3.85 -6.21 -9.71
CA VAL A 46 4.06 -5.45 -8.49
C VAL A 46 5.02 -6.19 -7.56
N GLN A 47 5.69 -5.43 -6.69
CA GLN A 47 6.64 -6.01 -5.74
C GLN A 47 6.23 -5.68 -4.30
N LYS A 48 5.66 -4.50 -4.10
CA LYS A 48 5.23 -4.08 -2.77
C LYS A 48 3.75 -3.71 -2.77
N VAL A 49 3.16 -3.61 -1.59
CA VAL A 49 1.75 -3.27 -1.46
C VAL A 49 1.51 -2.42 -0.21
N VAL A 50 1.16 -1.15 -0.42
CA VAL A 50 0.91 -0.24 0.69
C VAL A 50 -0.56 0.18 0.71
N VAL A 51 -1.11 0.28 1.92
CA VAL A 51 -2.51 0.67 2.08
C VAL A 51 -2.66 1.68 3.21
N VAL A 52 -3.64 2.58 3.07
CA VAL A 52 -3.89 3.60 4.07
C VAL A 52 -5.33 3.55 4.57
N GLY A 53 -5.51 3.72 5.88
CA GLY A 53 -6.84 3.68 6.45
C GLY A 53 -7.52 2.34 6.28
N VAL A 54 -6.73 1.33 5.92
CA VAL A 54 -7.26 -0.02 5.72
C VAL A 54 -6.98 -0.90 6.92
N SER A 55 -7.94 -1.75 7.26
CA SER A 55 -7.80 -2.65 8.40
C SER A 55 -6.72 -3.70 8.13
N GLU A 56 -5.99 -4.07 9.17
CA GLU A 56 -4.93 -5.05 9.05
C GLU A 56 -5.50 -6.45 8.80
N LYS A 57 -6.62 -6.74 9.46
CA LYS A 57 -7.28 -8.04 9.31
C LYS A 57 -7.70 -8.27 7.86
N VAL A 58 -8.11 -7.20 7.18
CA VAL A 58 -8.53 -7.29 5.80
C VAL A 58 -7.34 -7.55 4.87
N VAL A 59 -6.34 -6.67 4.95
CA VAL A 59 -5.15 -6.80 4.12
C VAL A 59 -4.39 -8.08 4.44
N GLN A 60 -4.40 -8.45 5.71
CA GLN A 60 -3.71 -9.67 6.16
C GLN A 60 -4.22 -10.89 5.40
N LYS A 61 -5.53 -11.06 5.36
CA LYS A 61 -6.14 -12.18 4.66
C LYS A 61 -5.75 -12.18 3.19
N VAL A 62 -6.16 -11.14 2.47
CA VAL A 62 -5.85 -11.03 1.05
C VAL A 62 -4.36 -11.21 0.79
N LYS A 63 -3.55 -10.46 1.53
CA LYS A 63 -2.09 -10.55 1.39
C LYS A 63 -1.63 -12.00 1.49
N GLN A 64 -2.22 -12.75 2.40
CA GLN A 64 -1.87 -14.15 2.61
C GLN A 64 -2.05 -14.95 1.32
N GLU A 65 -3.19 -14.73 0.66
CA GLU A 65 -3.49 -15.44 -0.58
C GLU A 65 -2.93 -14.68 -1.79
N ALA A 66 -2.29 -13.55 -1.52
CA ALA A 66 -1.72 -12.73 -2.58
C ALA A 66 -0.22 -13.00 -2.72
N ASN A 67 0.41 -13.41 -1.62
CA ASN A 67 1.84 -13.69 -1.63
C ASN A 67 2.66 -12.42 -1.80
N VAL A 68 2.33 -11.40 -1.01
CA VAL A 68 3.04 -10.13 -1.07
C VAL A 68 3.20 -9.52 0.31
N GLN A 69 3.95 -8.42 0.39
CA GLN A 69 4.18 -7.74 1.66
C GLN A 69 3.31 -6.50 1.78
N VAL A 70 2.67 -6.34 2.94
CA VAL A 70 1.80 -5.20 3.18
C VAL A 70 2.52 -4.12 4.01
N TYR A 71 2.44 -2.89 3.53
CA TYR A 71 3.08 -1.77 4.22
C TYR A 71 2.06 -0.71 4.60
N ARG A 72 1.09 -1.09 5.42
CA ARG A 72 0.05 -0.17 5.87
C ARG A 72 0.65 1.19 6.24
N VAL A 73 -0.17 2.23 6.15
CA VAL A 73 0.27 3.57 6.48
C VAL A 73 -0.81 4.35 7.22
N THR A 74 -0.39 5.15 8.20
CA THR A 74 -1.33 5.95 8.99
C THR A 74 -1.12 7.43 8.75
N SER A 75 0.14 7.82 8.53
CA SER A 75 0.48 9.21 8.30
C SER A 75 0.98 9.43 6.87
N ASN A 76 0.75 10.62 6.34
CA ASN A 76 1.16 10.95 4.99
C ASN A 76 2.67 10.79 4.84
N ASP A 77 3.41 11.08 5.90
CA ASP A 77 4.86 10.97 5.89
C ASP A 77 5.29 9.53 5.61
N GLU A 78 4.45 8.58 5.99
CA GLU A 78 4.74 7.16 5.79
C GLU A 78 4.53 6.77 4.32
N VAL A 79 3.61 7.45 3.66
CA VAL A 79 3.32 7.18 2.25
C VAL A 79 4.47 7.63 1.36
N GLU A 80 4.92 8.87 1.56
CA GLU A 80 6.02 9.42 0.77
C GLU A 80 7.34 8.72 1.11
N GLN A 81 7.46 8.29 2.36
CA GLN A 81 8.67 7.62 2.82
C GLN A 81 8.81 6.25 2.16
N VAL A 82 7.76 5.43 2.26
CA VAL A 82 7.78 4.09 1.67
C VAL A 82 7.95 4.16 0.16
N VAL A 83 7.34 5.18 -0.45
CA VAL A 83 7.43 5.36 -1.90
C VAL A 83 8.80 5.89 -2.30
N LYS A 84 9.27 6.91 -1.59
CA LYS A 84 10.56 7.51 -1.87
C LYS A 84 11.63 6.44 -2.04
N ASP A 85 11.89 5.70 -0.97
CA ASP A 85 12.90 4.64 -0.99
C ASP A 85 12.44 3.49 -1.88
N VAL A 86 11.12 3.29 -1.97
CA VAL A 86 10.57 2.22 -2.79
C VAL A 86 10.82 0.85 -2.17
N LYS A 87 12.08 0.43 -2.19
CA LYS A 87 12.47 -0.86 -1.62
C LYS A 87 12.03 -0.96 -0.16
N GLY A 88 12.65 -0.16 0.70
CA GLY A 88 12.31 -0.17 2.11
C GLY A 88 13.54 -0.29 3.00
N SER A 89 13.45 0.28 4.20
CA SER A 89 14.56 0.24 5.14
C SER A 89 14.15 0.83 6.49
N GLY A 90 13.84 -0.04 7.44
CA GLY A 90 13.43 0.40 8.76
C GLY A 90 13.89 -0.55 9.86
N LEU A 91 12.96 -0.92 10.72
CA LEU A 91 13.26 -1.83 11.83
C LEU A 91 14.33 -1.23 12.74
N GLU A 92 13.88 -0.63 13.84
CA GLU A 92 14.80 -0.02 14.80
C GLU A 92 15.79 -1.04 15.34
N HIS A 93 16.90 -0.56 15.89
CA HIS A 93 17.93 -1.42 16.45
C HIS A 93 17.42 -2.13 17.70
N HIS A 94 17.89 -3.37 17.91
CA HIS A 94 17.48 -4.15 19.07
C HIS A 94 18.63 -4.28 20.06
N HIS A 95 18.69 -3.35 21.01
CA HIS A 95 19.74 -3.35 22.02
C HIS A 95 19.22 -3.94 23.34
N HIS A 96 18.70 -5.17 23.27
CA HIS A 96 18.16 -5.83 24.46
C HIS A 96 18.04 -7.34 24.21
N HIS A 97 18.32 -8.12 25.25
CA HIS A 97 18.24 -9.58 25.15
C HIS A 97 18.22 -10.22 26.53
N HIS A 98 17.29 -9.75 27.37
CA HIS A 98 17.16 -10.28 28.72
C HIS A 98 18.46 -10.10 29.51
N GLY A 1 11.83 -2.38 -5.70
CA GLY A 1 11.26 -2.80 -6.96
C GLY A 1 9.94 -2.12 -7.26
N ARG A 2 8.86 -2.90 -7.28
CA ARG A 2 7.53 -2.37 -7.55
C ARG A 2 6.81 -2.00 -6.25
N VAL A 3 5.95 -1.00 -6.33
CA VAL A 3 5.20 -0.55 -5.16
C VAL A 3 3.84 0.01 -5.56
N VAL A 4 2.84 -0.19 -4.72
CA VAL A 4 1.49 0.30 -4.98
C VAL A 4 0.89 0.96 -3.74
N VAL A 5 0.25 2.10 -3.94
CA VAL A 5 -0.36 2.84 -2.84
C VAL A 5 -1.89 2.70 -2.88
N VAL A 6 -2.47 2.38 -1.73
CA VAL A 6 -3.92 2.22 -1.62
C VAL A 6 -4.48 3.04 -0.46
N VAL A 7 -5.69 3.56 -0.65
CA VAL A 7 -6.34 4.36 0.37
C VAL A 7 -7.79 3.93 0.57
N THR A 8 -8.43 4.48 1.60
CA THR A 8 -9.81 4.16 1.90
C THR A 8 -10.77 5.16 1.26
N SER A 9 -10.26 6.34 0.94
CA SER A 9 -11.06 7.39 0.33
C SER A 9 -10.51 7.76 -1.04
N GLU A 10 -11.42 8.10 -1.96
CA GLU A 10 -11.04 8.47 -3.32
C GLU A 10 -10.24 9.77 -3.31
N GLN A 11 -10.56 10.66 -2.38
CA GLN A 11 -9.88 11.94 -2.27
C GLN A 11 -8.37 11.74 -2.09
N VAL A 12 -8.01 10.87 -1.14
CA VAL A 12 -6.60 10.59 -0.87
C VAL A 12 -5.91 10.01 -2.10
N LYS A 13 -6.60 9.12 -2.81
CA LYS A 13 -6.05 8.50 -4.00
C LYS A 13 -5.70 9.55 -5.04
N GLU A 14 -6.63 10.46 -5.32
CA GLU A 14 -6.40 11.52 -6.30
C GLU A 14 -5.11 12.28 -5.98
N GLU A 15 -4.96 12.68 -4.73
CA GLU A 15 -3.78 13.42 -4.29
C GLU A 15 -2.52 12.58 -4.49
N VAL A 16 -2.64 11.28 -4.32
CA VAL A 16 -1.51 10.37 -4.47
C VAL A 16 -1.13 10.21 -5.94
N ARG A 17 -2.13 9.94 -6.78
CA ARG A 17 -1.90 9.77 -8.21
C ARG A 17 -1.25 11.01 -8.81
N LYS A 18 -1.58 12.17 -8.24
CA LYS A 18 -1.04 13.43 -8.72
C LYS A 18 0.42 13.59 -8.31
N LYS A 19 0.72 13.20 -7.07
CA LYS A 19 2.08 13.29 -6.55
C LYS A 19 3.02 12.34 -7.29
N PHE A 20 2.53 11.13 -7.56
CA PHE A 20 3.33 10.13 -8.25
C PHE A 20 2.49 9.41 -9.30
N PRO A 21 2.27 10.07 -10.45
CA PRO A 21 1.48 9.52 -11.55
C PRO A 21 2.19 8.36 -12.25
N GLN A 22 3.52 8.38 -12.21
CA GLN A 22 4.32 7.35 -12.84
C GLN A 22 4.20 6.03 -12.07
N VAL A 23 3.94 6.14 -10.77
CA VAL A 23 3.80 4.96 -9.92
C VAL A 23 2.40 4.38 -10.00
N GLU A 24 2.23 3.17 -9.49
CA GLU A 24 0.93 2.50 -9.50
C GLU A 24 0.15 2.82 -8.24
N VAL A 25 -1.09 3.28 -8.42
CA VAL A 25 -1.95 3.62 -7.29
C VAL A 25 -3.36 3.07 -7.48
N ARG A 26 -3.82 2.32 -6.48
CA ARG A 26 -5.15 1.72 -6.54
C ARG A 26 -5.89 1.90 -5.22
N VAL A 27 -7.05 2.54 -5.28
CA VAL A 27 -7.85 2.79 -4.09
C VAL A 27 -8.87 1.67 -3.86
N VAL A 28 -8.95 1.19 -2.63
CA VAL A 28 -9.88 0.12 -2.28
C VAL A 28 -10.78 0.52 -1.12
N THR A 29 -12.04 0.13 -1.19
CA THR A 29 -13.01 0.45 -0.14
C THR A 29 -13.65 -0.81 0.41
N THR A 30 -13.85 -1.81 -0.45
CA THR A 30 -14.45 -3.06 -0.05
C THR A 30 -13.50 -4.23 -0.26
N GLU A 31 -13.88 -5.40 0.26
CA GLU A 31 -13.04 -6.59 0.12
C GLU A 31 -12.99 -7.05 -1.34
N GLU A 32 -14.12 -6.97 -2.03
CA GLU A 32 -14.19 -7.38 -3.43
C GLU A 32 -13.36 -6.46 -4.31
N ASP A 33 -13.46 -5.15 -4.04
CA ASP A 33 -12.71 -4.17 -4.81
C ASP A 33 -11.21 -4.43 -4.75
N ALA A 34 -10.70 -4.61 -3.52
CA ALA A 34 -9.29 -4.88 -3.32
C ALA A 34 -8.86 -6.15 -4.05
N LYS A 35 -9.69 -7.18 -4.00
CA LYS A 35 -9.40 -8.44 -4.66
C LYS A 35 -9.02 -8.22 -6.12
N GLN A 36 -9.88 -7.50 -6.84
CA GLN A 36 -9.64 -7.21 -8.25
C GLN A 36 -8.43 -6.31 -8.42
N VAL A 37 -8.16 -5.48 -7.42
CA VAL A 37 -7.03 -4.57 -7.46
C VAL A 37 -5.71 -5.32 -7.35
N VAL A 38 -5.56 -6.10 -6.28
CA VAL A 38 -4.36 -6.88 -6.05
C VAL A 38 -4.06 -7.79 -7.24
N LYS A 39 -5.11 -8.31 -7.86
CA LYS A 39 -4.97 -9.20 -9.01
C LYS A 39 -4.44 -8.43 -10.22
N GLU A 40 -4.97 -7.23 -10.44
CA GLU A 40 -4.55 -6.40 -11.56
C GLU A 40 -3.08 -6.02 -11.43
N VAL A 41 -2.69 -5.59 -10.25
CA VAL A 41 -1.30 -5.19 -10.00
C VAL A 41 -0.37 -6.39 -10.04
N GLN A 42 -0.86 -7.53 -9.55
CA GLN A 42 -0.07 -8.75 -9.53
C GLN A 42 0.36 -9.15 -10.94
N LYS A 43 -0.55 -8.98 -11.90
CA LYS A 43 -0.27 -9.32 -13.29
C LYS A 43 0.75 -8.35 -13.89
N LYS A 44 0.65 -7.09 -13.50
CA LYS A 44 1.58 -6.07 -13.99
C LYS A 44 3.00 -6.35 -13.54
N GLY A 45 3.13 -6.97 -12.37
CA GLY A 45 4.45 -7.30 -11.84
C GLY A 45 4.72 -6.59 -10.53
N VAL A 46 3.67 -6.17 -9.84
CA VAL A 46 3.81 -5.48 -8.56
C VAL A 46 4.71 -6.26 -7.61
N GLN A 47 5.33 -5.54 -6.69
CA GLN A 47 6.24 -6.17 -5.71
C GLN A 47 5.84 -5.79 -4.29
N LYS A 48 5.35 -4.56 -4.12
CA LYS A 48 4.93 -4.09 -2.81
C LYS A 48 3.46 -3.68 -2.82
N VAL A 49 2.87 -3.60 -1.63
CA VAL A 49 1.47 -3.24 -1.50
C VAL A 49 1.23 -2.42 -0.24
N VAL A 50 0.89 -1.15 -0.40
CA VAL A 50 0.62 -0.27 0.73
C VAL A 50 -0.82 0.18 0.75
N VAL A 51 -1.39 0.26 1.95
CA VAL A 51 -2.77 0.68 2.12
C VAL A 51 -2.91 1.72 3.23
N VAL A 52 -3.87 2.63 3.07
CA VAL A 52 -4.11 3.67 4.06
C VAL A 52 -5.53 3.60 4.62
N GLY A 53 -5.64 3.62 5.93
CA GLY A 53 -6.95 3.55 6.57
C GLY A 53 -7.62 2.21 6.37
N VAL A 54 -6.87 1.24 5.85
CA VAL A 54 -7.39 -0.10 5.61
C VAL A 54 -7.09 -1.03 6.77
N SER A 55 -8.05 -1.90 7.10
CA SER A 55 -7.87 -2.85 8.19
C SER A 55 -6.73 -3.81 7.91
N GLU A 56 -5.97 -4.14 8.94
CA GLU A 56 -4.84 -5.05 8.80
C GLU A 56 -5.32 -6.47 8.53
N LYS A 57 -6.41 -6.87 9.17
CA LYS A 57 -6.98 -8.20 9.00
C LYS A 57 -7.38 -8.43 7.54
N VAL A 58 -7.81 -7.36 6.87
CA VAL A 58 -8.22 -7.45 5.48
C VAL A 58 -7.01 -7.62 4.56
N VAL A 59 -6.08 -6.68 4.65
CA VAL A 59 -4.88 -6.72 3.83
C VAL A 59 -4.04 -7.96 4.14
N GLN A 60 -4.02 -8.35 5.41
CA GLN A 60 -3.26 -9.51 5.84
C GLN A 60 -3.71 -10.77 5.09
N LYS A 61 -5.02 -10.99 5.07
CA LYS A 61 -5.58 -12.15 4.38
C LYS A 61 -5.18 -12.16 2.91
N VAL A 62 -5.64 -11.14 2.17
CA VAL A 62 -5.33 -11.03 0.74
C VAL A 62 -3.83 -11.14 0.50
N LYS A 63 -3.04 -10.40 1.27
CA LYS A 63 -1.59 -10.42 1.13
C LYS A 63 -1.07 -11.85 1.18
N GLN A 64 -1.63 -12.66 2.07
CA GLN A 64 -1.22 -14.05 2.22
C GLN A 64 -1.47 -14.82 0.92
N GLU A 65 -2.64 -14.64 0.34
CA GLU A 65 -2.99 -15.32 -0.90
C GLU A 65 -2.43 -14.58 -2.11
N ALA A 66 -1.76 -13.46 -1.85
CA ALA A 66 -1.17 -12.66 -2.91
C ALA A 66 0.33 -12.95 -3.05
N ASN A 67 0.94 -13.37 -1.96
CA ASN A 67 2.37 -13.67 -1.96
C ASN A 67 3.19 -12.40 -2.16
N VAL A 68 2.86 -11.36 -1.42
CA VAL A 68 3.57 -10.09 -1.52
C VAL A 68 3.71 -9.41 -0.16
N GLN A 69 4.46 -8.32 -0.11
CA GLN A 69 4.67 -7.60 1.14
C GLN A 69 3.59 -6.55 1.34
N VAL A 70 2.94 -6.58 2.51
CA VAL A 70 1.89 -5.62 2.83
C VAL A 70 2.37 -4.59 3.84
N TYR A 71 2.10 -3.33 3.55
CA TYR A 71 2.50 -2.24 4.43
C TYR A 71 1.32 -1.31 4.73
N ARG A 72 1.24 -0.87 5.99
CA ARG A 72 0.16 0.02 6.41
C ARG A 72 0.70 1.41 6.74
N VAL A 73 -0.13 2.43 6.52
CA VAL A 73 0.26 3.80 6.80
C VAL A 73 -0.93 4.62 7.30
N THR A 74 -0.66 5.54 8.22
CA THR A 74 -1.71 6.39 8.77
C THR A 74 -1.49 7.85 8.40
N SER A 75 -0.22 8.22 8.19
CA SER A 75 0.13 9.58 7.84
C SER A 75 0.61 9.66 6.39
N ASN A 76 0.65 10.87 5.85
CA ASN A 76 1.09 11.09 4.47
C ASN A 76 2.59 10.87 4.35
N ASP A 77 3.33 11.19 5.40
CA ASP A 77 4.77 11.04 5.42
C ASP A 77 5.16 9.56 5.31
N GLU A 78 4.27 8.69 5.78
CA GLU A 78 4.52 7.25 5.74
C GLU A 78 4.41 6.72 4.31
N VAL A 79 3.52 7.33 3.53
CA VAL A 79 3.32 6.92 2.14
C VAL A 79 4.49 7.34 1.26
N GLU A 80 4.98 8.55 1.48
CA GLU A 80 6.10 9.07 0.70
C GLU A 80 7.39 8.35 1.07
N GLN A 81 7.48 7.92 2.32
CA GLN A 81 8.66 7.22 2.80
C GLN A 81 8.74 5.81 2.23
N VAL A 82 7.67 5.05 2.38
CA VAL A 82 7.61 3.68 1.86
C VAL A 82 7.91 3.65 0.37
N VAL A 83 7.30 4.57 -0.37
CA VAL A 83 7.51 4.64 -1.81
C VAL A 83 8.90 5.15 -2.14
N LYS A 84 9.37 6.14 -1.37
CA LYS A 84 10.68 6.71 -1.59
C LYS A 84 11.75 5.62 -1.72
N ASP A 85 11.98 4.90 -0.64
CA ASP A 85 12.97 3.83 -0.64
C ASP A 85 12.48 2.65 -1.48
N VAL A 86 11.17 2.53 -1.63
CA VAL A 86 10.58 1.46 -2.42
C VAL A 86 10.79 0.11 -1.73
N LYS A 87 10.31 0.00 -0.50
CA LYS A 87 10.44 -1.23 0.27
C LYS A 87 9.80 -1.09 1.65
N GLY A 88 9.91 0.10 2.22
CA GLY A 88 9.34 0.35 3.54
C GLY A 88 10.12 -0.33 4.65
N SER A 89 10.57 0.47 5.62
CA SER A 89 11.35 -0.06 6.73
C SER A 89 10.56 0.06 8.03
N GLY A 90 9.80 1.14 8.16
CA GLY A 90 9.01 1.35 9.36
C GLY A 90 9.85 1.79 10.54
N LEU A 91 9.25 2.62 11.40
CA LEU A 91 9.96 3.12 12.58
C LEU A 91 8.97 3.62 13.63
N GLU A 92 9.16 3.16 14.87
CA GLU A 92 8.29 3.57 15.97
C GLU A 92 8.94 4.67 16.80
N HIS A 93 8.11 5.56 17.35
CA HIS A 93 8.60 6.66 18.17
C HIS A 93 8.74 6.23 19.62
N HIS A 94 9.07 7.18 20.48
CA HIS A 94 9.24 6.90 21.91
C HIS A 94 9.39 8.21 22.70
N HIS A 95 9.50 8.07 24.03
CA HIS A 95 9.65 9.23 24.89
C HIS A 95 10.74 8.99 25.93
N HIS A 96 10.54 7.99 26.77
CA HIS A 96 11.51 7.65 27.81
C HIS A 96 11.77 8.85 28.71
N HIS A 97 12.70 8.69 29.65
CA HIS A 97 13.04 9.77 30.57
C HIS A 97 14.47 9.59 31.09
N HIS A 98 15.43 10.19 30.39
CA HIS A 98 16.83 10.10 30.77
C HIS A 98 17.59 11.35 30.36
N GLY A 1 12.51 -1.64 -6.83
CA GLY A 1 11.44 -2.60 -6.94
C GLY A 1 10.10 -1.95 -7.24
N ARG A 2 9.04 -2.75 -7.29
CA ARG A 2 7.71 -2.25 -7.57
C ARG A 2 6.96 -1.92 -6.27
N VAL A 3 6.07 -0.93 -6.35
CA VAL A 3 5.29 -0.52 -5.18
C VAL A 3 3.94 0.03 -5.60
N VAL A 4 2.94 -0.18 -4.76
CA VAL A 4 1.58 0.30 -5.04
C VAL A 4 0.98 0.96 -3.81
N VAL A 5 0.32 2.09 -4.01
CA VAL A 5 -0.32 2.82 -2.92
C VAL A 5 -1.84 2.67 -2.96
N VAL A 6 -2.43 2.35 -1.83
CA VAL A 6 -3.88 2.18 -1.74
C VAL A 6 -4.45 2.99 -0.59
N VAL A 7 -5.67 3.50 -0.78
CA VAL A 7 -6.33 4.30 0.25
C VAL A 7 -7.78 3.86 0.42
N THR A 8 -8.46 4.44 1.41
CA THR A 8 -9.85 4.11 1.68
C THR A 8 -10.79 5.14 1.07
N SER A 9 -10.25 6.32 0.76
CA SER A 9 -11.05 7.39 0.17
C SER A 9 -10.49 7.79 -1.19
N GLU A 10 -11.38 8.16 -2.11
CA GLU A 10 -10.98 8.56 -3.45
C GLU A 10 -10.15 9.85 -3.40
N GLN A 11 -10.46 10.71 -2.44
CA GLN A 11 -9.75 11.97 -2.29
C GLN A 11 -8.25 11.74 -2.10
N VAL A 12 -7.91 10.87 -1.16
CA VAL A 12 -6.51 10.56 -0.88
C VAL A 12 -5.82 9.99 -2.12
N LYS A 13 -6.52 9.12 -2.84
CA LYS A 13 -5.97 8.51 -4.04
C LYS A 13 -5.58 9.57 -5.06
N GLU A 14 -6.48 10.52 -5.30
CA GLU A 14 -6.23 11.60 -6.25
C GLU A 14 -4.94 12.34 -5.91
N GLU A 15 -4.78 12.67 -4.64
CA GLU A 15 -3.59 13.38 -4.18
C GLU A 15 -2.34 12.53 -4.38
N VAL A 16 -2.48 11.22 -4.20
CA VAL A 16 -1.36 10.30 -4.36
C VAL A 16 -0.97 10.16 -5.83
N ARG A 17 -1.97 10.02 -6.69
CA ARG A 17 -1.73 9.87 -8.12
C ARG A 17 -1.07 11.13 -8.68
N LYS A 18 -1.38 12.28 -8.09
CA LYS A 18 -0.82 13.54 -8.53
C LYS A 18 0.64 13.67 -8.12
N LYS A 19 0.95 13.21 -6.91
CA LYS A 19 2.31 13.26 -6.39
C LYS A 19 3.23 12.34 -7.17
N PHE A 20 2.74 11.15 -7.51
CA PHE A 20 3.51 10.18 -8.26
C PHE A 20 2.63 9.45 -9.28
N PRO A 21 2.36 10.14 -10.41
CA PRO A 21 1.52 9.58 -11.48
C PRO A 21 2.23 8.44 -12.22
N GLN A 22 3.56 8.47 -12.22
CA GLN A 22 4.34 7.45 -12.89
C GLN A 22 4.23 6.12 -12.16
N VAL A 23 3.98 6.17 -10.86
CA VAL A 23 3.86 4.96 -10.04
C VAL A 23 2.45 4.40 -10.13
N GLU A 24 2.28 3.18 -9.61
CA GLU A 24 0.98 2.51 -9.63
C GLU A 24 0.20 2.81 -8.36
N VAL A 25 -1.04 3.27 -8.52
CA VAL A 25 -1.89 3.60 -7.38
C VAL A 25 -3.29 3.05 -7.58
N ARG A 26 -3.75 2.27 -6.60
CA ARG A 26 -5.09 1.68 -6.66
C ARG A 26 -5.84 1.87 -5.35
N VAL A 27 -6.99 2.51 -5.41
CA VAL A 27 -7.80 2.75 -4.22
C VAL A 27 -8.82 1.65 -4.01
N VAL A 28 -8.91 1.16 -2.78
CA VAL A 28 -9.86 0.09 -2.45
C VAL A 28 -10.77 0.51 -1.30
N THR A 29 -12.03 0.09 -1.38
CA THR A 29 -13.01 0.43 -0.35
C THR A 29 -13.68 -0.83 0.19
N THR A 30 -13.88 -1.82 -0.67
CA THR A 30 -14.49 -3.08 -0.28
C THR A 30 -13.55 -4.25 -0.49
N GLU A 31 -13.95 -5.42 0.00
CA GLU A 31 -13.14 -6.62 -0.14
C GLU A 31 -13.07 -7.06 -1.60
N GLU A 32 -14.19 -6.93 -2.30
CA GLU A 32 -14.25 -7.33 -3.71
C GLU A 32 -13.40 -6.40 -4.56
N ASP A 33 -13.47 -5.10 -4.29
CA ASP A 33 -12.71 -4.11 -5.03
C ASP A 33 -11.21 -4.41 -4.96
N ALA A 34 -10.71 -4.60 -3.74
CA ALA A 34 -9.30 -4.89 -3.53
C ALA A 34 -8.89 -6.15 -4.27
N LYS A 35 -9.75 -7.16 -4.21
CA LYS A 35 -9.48 -8.44 -4.87
C LYS A 35 -9.09 -8.23 -6.33
N GLN A 36 -9.94 -7.49 -7.06
CA GLN A 36 -9.69 -7.22 -8.47
C GLN A 36 -8.44 -6.33 -8.64
N VAL A 37 -8.18 -5.51 -7.63
CA VAL A 37 -7.02 -4.62 -7.67
C VAL A 37 -5.72 -5.40 -7.57
N VAL A 38 -5.59 -6.20 -6.51
CA VAL A 38 -4.39 -7.01 -6.30
C VAL A 38 -4.13 -7.92 -7.48
N LYS A 39 -5.20 -8.41 -8.09
CA LYS A 39 -5.09 -9.31 -9.25
C LYS A 39 -4.60 -8.54 -10.47
N GLU A 40 -5.25 -7.41 -10.75
CA GLU A 40 -4.88 -6.59 -11.90
C GLU A 40 -3.44 -6.10 -11.78
N VAL A 41 -3.08 -5.62 -10.60
CA VAL A 41 -1.74 -5.11 -10.35
C VAL A 41 -0.71 -6.25 -10.37
N GLN A 42 -1.14 -7.42 -9.94
CA GLN A 42 -0.27 -8.59 -9.90
C GLN A 42 0.17 -8.98 -11.31
N LYS A 43 -0.75 -8.88 -12.26
CA LYS A 43 -0.46 -9.22 -13.65
C LYS A 43 0.51 -8.21 -14.26
N LYS A 44 0.35 -6.95 -13.90
CA LYS A 44 1.22 -5.90 -14.41
C LYS A 44 2.66 -6.07 -13.92
N GLY A 45 2.80 -6.67 -12.75
CA GLY A 45 4.12 -6.89 -12.19
C GLY A 45 4.37 -6.07 -10.95
N VAL A 46 3.64 -6.37 -9.88
CA VAL A 46 3.79 -5.64 -8.62
C VAL A 46 4.76 -6.35 -7.68
N GLN A 47 5.37 -5.59 -6.79
CA GLN A 47 6.32 -6.14 -5.84
C GLN A 47 5.91 -5.82 -4.41
N LYS A 48 5.34 -4.64 -4.20
CA LYS A 48 4.90 -4.23 -2.89
C LYS A 48 3.43 -3.80 -2.90
N VAL A 49 2.84 -3.69 -1.72
CA VAL A 49 1.43 -3.29 -1.61
C VAL A 49 1.20 -2.48 -0.34
N VAL A 50 0.88 -1.20 -0.51
CA VAL A 50 0.63 -0.33 0.62
C VAL A 50 -0.83 0.13 0.65
N VAL A 51 -1.40 0.19 1.85
CA VAL A 51 -2.79 0.61 2.01
C VAL A 51 -2.92 1.64 3.13
N VAL A 52 -3.87 2.55 2.98
CA VAL A 52 -4.11 3.60 3.97
C VAL A 52 -5.54 3.54 4.50
N GLY A 53 -5.69 3.63 5.82
CA GLY A 53 -7.01 3.58 6.42
C GLY A 53 -7.66 2.23 6.29
N VAL A 54 -6.89 1.24 5.85
CA VAL A 54 -7.41 -0.12 5.68
C VAL A 54 -7.10 -0.98 6.90
N SER A 55 -8.04 -1.85 7.24
CA SER A 55 -7.87 -2.73 8.40
C SER A 55 -6.75 -3.73 8.16
N GLU A 56 -6.03 -4.07 9.22
CA GLU A 56 -4.92 -5.02 9.13
C GLU A 56 -5.43 -6.43 8.86
N LYS A 57 -6.55 -6.77 9.49
CA LYS A 57 -7.14 -8.09 9.32
C LYS A 57 -7.49 -8.34 7.86
N VAL A 58 -7.87 -7.29 7.15
CA VAL A 58 -8.22 -7.40 5.74
C VAL A 58 -6.98 -7.62 4.88
N VAL A 59 -6.03 -6.70 4.97
CA VAL A 59 -4.79 -6.80 4.20
C VAL A 59 -4.01 -8.04 4.57
N GLN A 60 -4.03 -8.39 5.85
CA GLN A 60 -3.31 -9.57 6.33
C GLN A 60 -3.78 -10.82 5.60
N LYS A 61 -5.09 -11.03 5.56
CA LYS A 61 -5.67 -12.19 4.89
C LYS A 61 -5.22 -12.25 3.43
N VAL A 62 -5.62 -11.26 2.64
CA VAL A 62 -5.26 -11.20 1.24
C VAL A 62 -3.75 -11.35 1.05
N LYS A 63 -2.99 -10.66 1.90
CA LYS A 63 -1.54 -10.71 1.83
C LYS A 63 -1.03 -12.15 1.84
N GLN A 64 -1.62 -12.97 2.71
CA GLN A 64 -1.23 -14.37 2.81
C GLN A 64 -1.52 -15.11 1.50
N GLU A 65 -2.71 -14.87 0.95
CA GLU A 65 -3.09 -15.52 -0.30
C GLU A 65 -2.49 -14.80 -1.50
N ALA A 66 -1.74 -13.74 -1.23
CA ALA A 66 -1.09 -12.97 -2.28
C ALA A 66 0.38 -13.33 -2.40
N ASN A 67 0.99 -13.68 -1.27
CA ASN A 67 2.40 -14.05 -1.24
C ASN A 67 3.28 -12.84 -1.56
N VAL A 68 3.00 -11.71 -0.91
CA VAL A 68 3.76 -10.49 -1.13
C VAL A 68 3.90 -9.69 0.16
N GLN A 69 4.70 -8.63 0.12
CA GLN A 69 4.91 -7.79 1.28
C GLN A 69 3.92 -6.63 1.31
N VAL A 70 3.14 -6.56 2.39
CA VAL A 70 2.14 -5.50 2.54
C VAL A 70 2.55 -4.52 3.63
N TYR A 71 2.23 -3.25 3.42
CA TYR A 71 2.55 -2.21 4.39
C TYR A 71 1.34 -1.34 4.69
N ARG A 72 1.21 -0.94 5.95
CA ARG A 72 0.08 -0.10 6.38
C ARG A 72 0.52 1.36 6.54
N VAL A 73 -0.37 2.28 6.19
CA VAL A 73 -0.07 3.70 6.30
C VAL A 73 -0.79 4.32 7.50
N THR A 74 -0.07 5.17 8.22
CA THR A 74 -0.64 5.83 9.40
C THR A 74 -0.74 7.34 9.19
N SER A 75 0.08 7.86 8.27
CA SER A 75 0.09 9.29 7.97
C SER A 75 0.68 9.55 6.60
N ASN A 76 0.60 10.80 6.15
CA ASN A 76 1.12 11.19 4.84
C ASN A 76 2.61 10.89 4.75
N ASP A 77 3.31 11.03 5.86
CA ASP A 77 4.75 10.78 5.91
C ASP A 77 5.05 9.31 5.63
N GLU A 78 4.09 8.45 5.94
CA GLU A 78 4.26 7.02 5.72
C GLU A 78 4.15 6.68 4.23
N VAL A 79 3.32 7.44 3.52
CA VAL A 79 3.13 7.22 2.09
C VAL A 79 4.36 7.62 1.30
N GLU A 80 4.91 8.80 1.60
CA GLU A 80 6.09 9.30 0.92
C GLU A 80 7.32 8.48 1.29
N GLN A 81 7.33 7.95 2.52
CA GLN A 81 8.45 7.15 2.99
C GLN A 81 8.54 5.84 2.22
N VAL A 82 7.44 5.09 2.18
CA VAL A 82 7.40 3.82 1.47
C VAL A 82 7.70 4.01 -0.01
N VAL A 83 7.16 5.07 -0.60
CA VAL A 83 7.37 5.36 -2.01
C VAL A 83 8.81 5.81 -2.26
N LYS A 84 9.29 6.70 -1.41
CA LYS A 84 10.66 7.22 -1.54
C LYS A 84 11.66 6.08 -1.73
N ASP A 85 11.82 5.27 -0.69
CA ASP A 85 12.74 4.14 -0.73
C ASP A 85 12.24 3.08 -1.69
N VAL A 86 10.92 3.01 -1.85
CA VAL A 86 10.31 2.02 -2.74
C VAL A 86 10.41 0.61 -2.16
N LYS A 87 11.62 0.08 -2.12
CA LYS A 87 11.85 -1.26 -1.59
C LYS A 87 11.79 -1.25 -0.07
N GLY A 88 10.62 -1.56 0.48
CA GLY A 88 10.45 -1.58 1.92
C GLY A 88 10.75 -0.24 2.56
N SER A 89 11.75 -0.20 3.43
CA SER A 89 12.11 1.03 4.12
C SER A 89 13.39 0.83 4.94
N GLY A 90 14.08 1.93 5.22
CA GLY A 90 15.31 1.85 6.00
C GLY A 90 15.34 2.87 7.13
N LEU A 91 14.20 3.06 7.77
CA LEU A 91 14.09 4.01 8.88
C LEU A 91 13.15 3.48 9.96
N GLU A 92 13.59 2.49 10.71
CA GLU A 92 12.78 1.90 11.77
C GLU A 92 12.87 2.74 13.05
N HIS A 93 14.09 3.07 13.46
CA HIS A 93 14.31 3.87 14.65
C HIS A 93 13.66 3.22 15.87
N HIS A 94 14.30 2.17 16.38
CA HIS A 94 13.79 1.46 17.55
C HIS A 94 14.89 0.60 18.18
N HIS A 95 15.28 0.95 19.40
CA HIS A 95 16.31 0.22 20.12
C HIS A 95 16.56 0.81 21.49
N HIS A 96 16.60 -0.04 22.51
CA HIS A 96 16.83 0.41 23.87
C HIS A 96 18.21 0.00 24.37
N HIS A 97 18.62 0.53 25.51
CA HIS A 97 19.92 0.22 26.09
C HIS A 97 19.81 -0.02 27.58
N HIS A 98 19.21 -1.14 27.96
CA HIS A 98 19.04 -1.48 29.38
C HIS A 98 19.70 -2.82 29.69
N GLY A 1 12.49 -2.51 -7.79
CA GLY A 1 11.51 -2.72 -6.74
C GLY A 1 10.16 -2.13 -7.07
N ARG A 2 9.12 -2.97 -7.05
CA ARG A 2 7.77 -2.53 -7.36
C ARG A 2 7.00 -2.22 -6.07
N VAL A 3 6.07 -1.27 -6.17
CA VAL A 3 5.26 -0.88 -5.02
C VAL A 3 3.94 -0.26 -5.46
N VAL A 4 2.91 -0.43 -4.65
CA VAL A 4 1.59 0.12 -4.95
C VAL A 4 0.98 0.79 -3.72
N VAL A 5 0.38 1.96 -3.94
CA VAL A 5 -0.25 2.71 -2.87
C VAL A 5 -1.77 2.58 -2.91
N VAL A 6 -2.37 2.31 -1.76
CA VAL A 6 -3.82 2.16 -1.67
C VAL A 6 -4.39 3.03 -0.55
N VAL A 7 -5.59 3.55 -0.77
CA VAL A 7 -6.25 4.39 0.23
C VAL A 7 -7.70 3.96 0.44
N THR A 8 -8.32 4.52 1.48
CA THR A 8 -9.71 4.19 1.79
C THR A 8 -10.67 5.25 1.23
N SER A 9 -10.13 6.43 0.95
CA SER A 9 -10.93 7.53 0.41
C SER A 9 -10.40 7.99 -0.93
N GLU A 10 -11.31 8.39 -1.82
CA GLU A 10 -10.92 8.85 -3.15
C GLU A 10 -10.05 10.11 -3.06
N GLN A 11 -10.32 10.93 -2.05
CA GLN A 11 -9.56 12.16 -1.85
C GLN A 11 -8.07 11.88 -1.74
N VAL A 12 -7.72 10.94 -0.87
CA VAL A 12 -6.32 10.56 -0.67
C VAL A 12 -5.70 10.01 -1.95
N LYS A 13 -6.51 9.25 -2.69
CA LYS A 13 -6.04 8.65 -3.94
C LYS A 13 -5.59 9.74 -4.92
N GLU A 14 -6.43 10.75 -5.11
CA GLU A 14 -6.13 11.84 -6.02
C GLU A 14 -4.82 12.52 -5.64
N GLU A 15 -4.64 12.77 -4.34
CA GLU A 15 -3.44 13.41 -3.84
C GLU A 15 -2.21 12.54 -4.10
N VAL A 16 -2.38 11.22 -3.96
CA VAL A 16 -1.29 10.28 -4.19
C VAL A 16 -0.93 10.20 -5.66
N ARG A 17 -1.95 9.98 -6.50
CA ARG A 17 -1.73 9.88 -7.94
C ARG A 17 -1.03 11.13 -8.48
N LYS A 18 -1.31 12.26 -7.85
CA LYS A 18 -0.71 13.53 -8.27
C LYS A 18 0.75 13.61 -7.86
N LYS A 19 1.05 13.10 -6.66
CA LYS A 19 2.41 13.11 -6.15
C LYS A 19 3.31 12.18 -6.97
N PHE A 20 2.79 11.00 -7.30
CA PHE A 20 3.53 10.02 -8.07
C PHE A 20 2.64 9.37 -9.12
N PRO A 21 2.40 10.10 -10.23
CA PRO A 21 1.57 9.61 -11.33
C PRO A 21 2.23 8.47 -12.11
N GLN A 22 3.55 8.48 -12.12
CA GLN A 22 4.31 7.44 -12.82
C GLN A 22 4.19 6.10 -12.12
N VAL A 23 3.96 6.15 -10.80
CA VAL A 23 3.82 4.94 -10.02
C VAL A 23 2.40 4.38 -10.10
N GLU A 24 2.21 3.17 -9.57
CA GLU A 24 0.90 2.53 -9.60
C GLU A 24 0.13 2.82 -8.31
N VAL A 25 -1.11 3.29 -8.45
CA VAL A 25 -1.95 3.61 -7.31
C VAL A 25 -3.35 3.04 -7.48
N ARG A 26 -3.78 2.23 -6.52
CA ARG A 26 -5.10 1.62 -6.56
C ARG A 26 -5.85 1.86 -5.25
N VAL A 27 -7.00 2.52 -5.35
CA VAL A 27 -7.81 2.81 -4.17
C VAL A 27 -8.83 1.71 -3.94
N VAL A 28 -8.92 1.25 -2.69
CA VAL A 28 -9.87 0.20 -2.32
C VAL A 28 -10.73 0.62 -1.14
N THR A 29 -12.00 0.23 -1.18
CA THR A 29 -12.93 0.57 -0.10
C THR A 29 -13.56 -0.68 0.49
N THR A 30 -13.70 -1.71 -0.34
CA THR A 30 -14.30 -2.97 0.11
C THR A 30 -13.32 -4.14 -0.09
N GLU A 31 -13.68 -5.29 0.47
CA GLU A 31 -12.84 -6.47 0.36
C GLU A 31 -12.81 -7.00 -1.07
N GLU A 32 -13.97 -7.00 -1.71
CA GLU A 32 -14.08 -7.48 -3.09
C GLU A 32 -13.21 -6.65 -4.02
N ASP A 33 -13.22 -5.34 -3.83
CA ASP A 33 -12.42 -4.44 -4.64
C ASP A 33 -10.94 -4.78 -4.55
N ALA A 34 -10.46 -4.96 -3.33
CA ALA A 34 -9.06 -5.28 -3.10
C ALA A 34 -8.66 -6.54 -3.87
N LYS A 35 -9.51 -7.56 -3.84
CA LYS A 35 -9.26 -8.81 -4.54
C LYS A 35 -8.92 -8.55 -6.00
N GLN A 36 -9.80 -7.81 -6.69
CA GLN A 36 -9.59 -7.50 -8.10
C GLN A 36 -8.37 -6.60 -8.28
N VAL A 37 -8.08 -5.79 -7.27
CA VAL A 37 -6.94 -4.88 -7.33
C VAL A 37 -5.62 -5.66 -7.27
N VAL A 38 -5.46 -6.46 -6.22
CA VAL A 38 -4.26 -7.26 -6.05
C VAL A 38 -4.00 -8.16 -7.26
N LYS A 39 -5.09 -8.60 -7.88
CA LYS A 39 -4.99 -9.47 -9.05
C LYS A 39 -4.46 -8.69 -10.26
N GLU A 40 -4.98 -7.50 -10.47
CA GLU A 40 -4.57 -6.66 -11.58
C GLU A 40 -3.08 -6.32 -11.47
N VAL A 41 -2.65 -5.92 -10.29
CA VAL A 41 -1.25 -5.57 -10.06
C VAL A 41 -0.36 -6.80 -10.16
N GLN A 42 -0.86 -7.94 -9.69
CA GLN A 42 -0.11 -9.18 -9.74
C GLN A 42 0.30 -9.52 -11.17
N LYS A 43 -0.62 -9.33 -12.11
CA LYS A 43 -0.35 -9.62 -13.51
C LYS A 43 0.64 -8.61 -14.09
N LYS A 44 0.51 -7.36 -13.67
CA LYS A 44 1.40 -6.31 -14.15
C LYS A 44 2.82 -6.51 -13.65
N GLY A 45 2.94 -7.05 -12.43
CA GLY A 45 4.25 -7.31 -11.86
C GLY A 45 4.53 -6.43 -10.65
N VAL A 46 3.78 -6.65 -9.58
CA VAL A 46 3.95 -5.88 -8.35
C VAL A 46 4.89 -6.58 -7.39
N GLN A 47 5.49 -5.81 -6.47
CA GLN A 47 6.40 -6.36 -5.49
C GLN A 47 5.98 -5.99 -4.07
N LYS A 48 5.45 -4.77 -3.93
CA LYS A 48 5.00 -4.30 -2.62
C LYS A 48 3.54 -3.86 -2.68
N VAL A 49 2.93 -3.69 -1.51
CA VAL A 49 1.54 -3.28 -1.42
C VAL A 49 1.27 -2.47 -0.16
N VAL A 50 0.92 -1.20 -0.33
CA VAL A 50 0.64 -0.32 0.80
C VAL A 50 -0.80 0.13 0.79
N VAL A 51 -1.38 0.27 1.98
CA VAL A 51 -2.77 0.70 2.12
C VAL A 51 -2.91 1.77 3.20
N VAL A 52 -3.86 2.68 3.00
CA VAL A 52 -4.10 3.75 3.95
C VAL A 52 -5.52 3.71 4.51
N GLY A 53 -5.64 3.74 5.82
CA GLY A 53 -6.94 3.69 6.45
C GLY A 53 -7.67 2.38 6.19
N VAL A 54 -6.95 1.40 5.67
CA VAL A 54 -7.52 0.09 5.37
C VAL A 54 -7.24 -0.90 6.50
N SER A 55 -8.23 -1.74 6.80
CA SER A 55 -8.10 -2.73 7.85
C SER A 55 -6.93 -3.67 7.57
N GLU A 56 -6.13 -3.95 8.59
CA GLU A 56 -4.98 -4.84 8.45
C GLU A 56 -5.43 -6.27 8.22
N LYS A 57 -6.49 -6.68 8.91
CA LYS A 57 -7.02 -8.04 8.79
C LYS A 57 -7.43 -8.33 7.35
N VAL A 58 -7.92 -7.30 6.65
CA VAL A 58 -8.34 -7.44 5.26
C VAL A 58 -7.14 -7.58 4.34
N VAL A 59 -6.24 -6.60 4.38
CA VAL A 59 -5.05 -6.61 3.54
C VAL A 59 -4.17 -7.82 3.86
N GLN A 60 -4.10 -8.17 5.13
CA GLN A 60 -3.30 -9.31 5.57
C GLN A 60 -3.74 -10.59 4.87
N LYS A 61 -5.05 -10.84 4.88
CA LYS A 61 -5.61 -12.03 4.25
C LYS A 61 -5.21 -12.09 2.77
N VAL A 62 -5.68 -11.14 1.99
CA VAL A 62 -5.39 -11.09 0.57
C VAL A 62 -3.87 -11.14 0.33
N LYS A 63 -3.12 -10.40 1.12
CA LYS A 63 -1.68 -10.36 1.00
C LYS A 63 -1.09 -11.77 1.01
N GLN A 64 -1.59 -12.61 1.92
CA GLN A 64 -1.12 -13.98 2.03
C GLN A 64 -1.41 -14.76 0.75
N GLU A 65 -2.62 -14.61 0.23
CA GLU A 65 -3.01 -15.30 -0.99
C GLU A 65 -2.45 -14.58 -2.22
N ALA A 66 -1.78 -13.47 -2.00
CA ALA A 66 -1.20 -12.69 -3.09
C ALA A 66 0.29 -12.95 -3.21
N ASN A 67 0.91 -13.38 -2.11
CA ASN A 67 2.34 -13.66 -2.10
C ASN A 67 3.15 -12.38 -2.26
N VAL A 68 2.83 -11.36 -1.47
CA VAL A 68 3.53 -10.10 -1.53
C VAL A 68 3.62 -9.45 -0.15
N GLN A 69 4.35 -8.36 -0.05
CA GLN A 69 4.52 -7.65 1.21
C GLN A 69 3.45 -6.58 1.39
N VAL A 70 2.85 -6.54 2.57
CA VAL A 70 1.81 -5.56 2.86
C VAL A 70 2.29 -4.54 3.88
N TYR A 71 2.02 -3.26 3.61
CA TYR A 71 2.43 -2.18 4.50
C TYR A 71 1.25 -1.27 4.82
N ARG A 72 1.16 -0.86 6.08
CA ARG A 72 0.08 0.03 6.51
C ARG A 72 0.61 1.42 6.82
N VAL A 73 -0.23 2.42 6.58
CA VAL A 73 0.16 3.81 6.83
C VAL A 73 -1.03 4.63 7.32
N THR A 74 -0.78 5.51 8.29
CA THR A 74 -1.83 6.35 8.84
C THR A 74 -1.58 7.83 8.53
N SER A 75 -0.31 8.17 8.35
CA SER A 75 0.07 9.55 8.05
C SER A 75 0.55 9.67 6.61
N ASN A 76 0.61 10.91 6.11
CA ASN A 76 1.06 11.17 4.75
C ASN A 76 2.57 10.94 4.63
N ASP A 77 3.29 11.23 5.69
CA ASP A 77 4.74 11.05 5.70
C ASP A 77 5.12 9.61 5.41
N GLU A 78 4.23 8.68 5.77
CA GLU A 78 4.47 7.27 5.56
C GLU A 78 4.23 6.90 4.09
N VAL A 79 3.32 7.61 3.45
CA VAL A 79 3.00 7.36 2.05
C VAL A 79 4.16 7.72 1.14
N GLU A 80 4.66 8.94 1.29
CA GLU A 80 5.79 9.41 0.48
C GLU A 80 7.07 8.67 0.86
N GLN A 81 7.19 8.31 2.13
CA GLN A 81 8.36 7.61 2.62
C GLN A 81 8.44 6.21 2.04
N VAL A 82 7.35 5.45 2.18
CA VAL A 82 7.29 4.08 1.66
C VAL A 82 7.53 4.06 0.16
N VAL A 83 6.80 4.91 -0.57
CA VAL A 83 6.93 4.98 -2.01
C VAL A 83 8.33 5.42 -2.42
N LYS A 84 8.84 6.45 -1.75
CA LYS A 84 10.17 6.96 -2.05
C LYS A 84 11.19 5.82 -2.15
N ASP A 85 11.41 5.13 -1.03
CA ASP A 85 12.36 4.02 -1.00
C ASP A 85 11.83 2.83 -1.81
N VAL A 86 10.51 2.75 -1.93
CA VAL A 86 9.87 1.67 -2.67
C VAL A 86 10.00 0.34 -1.93
N LYS A 87 11.22 -0.19 -1.88
CA LYS A 87 11.48 -1.44 -1.20
C LYS A 87 12.58 -1.29 -0.15
N GLY A 88 12.47 -2.05 0.94
CA GLY A 88 13.46 -1.97 2.00
C GLY A 88 12.87 -2.22 3.36
N SER A 89 13.51 -1.68 4.39
CA SER A 89 13.05 -1.85 5.77
C SER A 89 11.78 -1.02 6.01
N GLY A 90 11.38 -0.94 7.28
CA GLY A 90 10.20 -0.18 7.63
C GLY A 90 10.39 0.66 8.88
N LEU A 91 10.99 0.06 9.90
CA LEU A 91 11.23 0.77 11.16
C LEU A 91 9.92 1.20 11.80
N GLU A 92 9.21 0.24 12.39
CA GLU A 92 7.94 0.53 13.04
C GLU A 92 8.13 0.75 14.54
N HIS A 93 7.40 1.71 15.09
CA HIS A 93 7.50 2.02 16.51
C HIS A 93 6.25 2.77 17.00
N HIS A 94 6.15 2.97 18.30
CA HIS A 94 5.01 3.67 18.89
C HIS A 94 5.31 4.10 20.31
N HIS A 95 4.35 4.77 20.93
CA HIS A 95 4.52 5.25 22.31
C HIS A 95 3.35 4.81 23.18
N HIS A 96 3.51 4.95 24.50
CA HIS A 96 2.47 4.56 25.44
C HIS A 96 2.85 4.96 26.86
N HIS A 97 4.06 4.57 27.27
CA HIS A 97 4.55 4.88 28.61
C HIS A 97 3.67 4.22 29.67
N HIS A 98 3.96 4.50 30.94
CA HIS A 98 3.21 3.93 32.04
C HIS A 98 2.98 4.98 33.13
N GLY A 1 12.49 -1.73 -6.65
CA GLY A 1 11.45 -2.76 -6.62
C GLY A 1 10.08 -2.21 -6.97
N ARG A 2 9.09 -3.09 -7.00
CA ARG A 2 7.72 -2.69 -7.32
C ARG A 2 6.92 -2.42 -6.05
N VAL A 3 5.95 -1.52 -6.16
CA VAL A 3 5.10 -1.17 -5.03
C VAL A 3 3.79 -0.54 -5.48
N VAL A 4 2.75 -0.68 -4.66
CA VAL A 4 1.45 -0.12 -4.98
C VAL A 4 0.84 0.59 -3.77
N VAL A 5 0.26 1.75 -4.01
CA VAL A 5 -0.36 2.53 -2.95
C VAL A 5 -1.88 2.40 -2.97
N VAL A 6 -2.45 2.10 -1.81
CA VAL A 6 -3.90 1.93 -1.69
C VAL A 6 -4.47 2.85 -0.62
N VAL A 7 -5.66 3.39 -0.88
CA VAL A 7 -6.32 4.28 0.06
C VAL A 7 -7.76 3.86 0.30
N THR A 8 -8.34 4.33 1.40
CA THR A 8 -9.71 3.99 1.75
C THR A 8 -10.67 5.09 1.30
N SER A 9 -10.12 6.27 1.03
CA SER A 9 -10.94 7.41 0.59
C SER A 9 -10.42 7.96 -0.74
N GLU A 10 -11.34 8.42 -1.57
CA GLU A 10 -10.98 8.98 -2.87
C GLU A 10 -10.08 10.19 -2.72
N GLN A 11 -10.29 10.95 -1.64
CA GLN A 11 -9.50 12.13 -1.38
C GLN A 11 -8.00 11.80 -1.34
N VAL A 12 -7.65 10.80 -0.54
CA VAL A 12 -6.26 10.37 -0.42
C VAL A 12 -5.71 9.91 -1.77
N LYS A 13 -6.54 9.23 -2.55
CA LYS A 13 -6.14 8.74 -3.85
C LYS A 13 -5.67 9.87 -4.75
N GLU A 14 -6.50 10.91 -4.86
CA GLU A 14 -6.17 12.07 -5.69
C GLU A 14 -4.85 12.70 -5.24
N GLU A 15 -4.64 12.75 -3.92
CA GLU A 15 -3.43 13.32 -3.37
C GLU A 15 -2.21 12.45 -3.66
N VAL A 16 -2.40 11.14 -3.56
CA VAL A 16 -1.32 10.19 -3.84
C VAL A 16 -0.95 10.18 -5.32
N ARG A 17 -1.96 10.02 -6.18
CA ARG A 17 -1.74 10.00 -7.61
C ARG A 17 -1.10 11.30 -8.08
N LYS A 18 -1.43 12.39 -7.41
CA LYS A 18 -0.88 13.70 -7.77
C LYS A 18 0.59 13.80 -7.38
N LYS A 19 0.94 13.21 -6.24
CA LYS A 19 2.31 13.24 -5.76
C LYS A 19 3.20 12.34 -6.61
N PHE A 20 2.68 11.17 -6.97
CA PHE A 20 3.43 10.22 -7.78
C PHE A 20 2.52 9.55 -8.81
N PRO A 21 2.22 10.26 -9.90
CA PRO A 21 1.35 9.76 -10.97
C PRO A 21 2.01 8.64 -11.77
N GLN A 22 3.35 8.65 -11.80
CA GLN A 22 4.10 7.65 -12.53
C GLN A 22 4.01 6.28 -11.84
N VAL A 23 3.77 6.31 -10.53
CA VAL A 23 3.64 5.09 -9.76
C VAL A 23 2.24 4.50 -9.86
N GLU A 24 2.07 3.28 -9.36
CA GLU A 24 0.77 2.62 -9.40
C GLU A 24 -0.11 3.08 -8.24
N VAL A 25 -1.34 3.47 -8.56
CA VAL A 25 -2.28 3.93 -7.55
C VAL A 25 -3.64 3.27 -7.73
N ARG A 26 -4.13 2.62 -6.68
CA ARG A 26 -5.42 1.95 -6.73
C ARG A 26 -6.16 2.11 -5.40
N VAL A 27 -7.33 2.74 -5.45
CA VAL A 27 -8.14 2.95 -4.26
C VAL A 27 -9.14 1.83 -4.06
N VAL A 28 -9.13 1.24 -2.87
CA VAL A 28 -10.05 0.14 -2.55
C VAL A 28 -11.02 0.54 -1.45
N THR A 29 -12.24 0.00 -1.51
CA THR A 29 -13.26 0.31 -0.52
C THR A 29 -13.84 -0.97 0.08
N THR A 30 -13.96 -2.00 -0.75
CA THR A 30 -14.50 -3.28 -0.29
C THR A 30 -13.48 -4.40 -0.49
N GLU A 31 -13.80 -5.58 0.05
CA GLU A 31 -12.91 -6.73 -0.07
C GLU A 31 -12.84 -7.21 -1.51
N GLU A 32 -13.96 -7.11 -2.22
CA GLU A 32 -14.01 -7.55 -3.61
C GLU A 32 -13.24 -6.60 -4.52
N ASP A 33 -13.36 -5.30 -4.25
CA ASP A 33 -12.67 -4.28 -5.04
C ASP A 33 -11.15 -4.48 -4.97
N ALA A 34 -10.64 -4.61 -3.75
CA ALA A 34 -9.21 -4.80 -3.55
C ALA A 34 -8.74 -6.09 -4.20
N LYS A 35 -9.53 -7.15 -4.07
CA LYS A 35 -9.19 -8.44 -4.66
C LYS A 35 -8.84 -8.29 -6.14
N GLN A 36 -9.72 -7.62 -6.88
CA GLN A 36 -9.50 -7.42 -8.31
C GLN A 36 -8.31 -6.48 -8.54
N VAL A 37 -8.08 -5.57 -7.61
CA VAL A 37 -6.99 -4.61 -7.71
C VAL A 37 -5.63 -5.31 -7.57
N VAL A 38 -5.46 -6.03 -6.47
CA VAL A 38 -4.22 -6.75 -6.22
C VAL A 38 -3.92 -7.74 -7.33
N LYS A 39 -4.96 -8.35 -7.88
CA LYS A 39 -4.81 -9.31 -8.96
C LYS A 39 -4.30 -8.64 -10.23
N GLU A 40 -4.80 -7.44 -10.49
CA GLU A 40 -4.40 -6.69 -11.67
C GLU A 40 -2.91 -6.38 -11.64
N VAL A 41 -2.46 -5.77 -10.54
CA VAL A 41 -1.05 -5.43 -10.39
C VAL A 41 -0.20 -6.68 -10.24
N GLN A 42 -0.76 -7.71 -9.64
CA GLN A 42 -0.05 -8.97 -9.43
C GLN A 42 0.39 -9.57 -10.76
N LYS A 43 -0.48 -9.50 -11.76
CA LYS A 43 -0.19 -10.03 -13.08
C LYS A 43 0.84 -9.16 -13.80
N LYS A 44 0.76 -7.85 -13.57
CA LYS A 44 1.67 -6.91 -14.19
C LYS A 44 3.09 -7.07 -13.64
N GLY A 45 3.18 -7.41 -12.37
CA GLY A 45 4.48 -7.60 -11.74
C GLY A 45 4.65 -6.74 -10.50
N VAL A 46 3.85 -7.01 -9.48
CA VAL A 46 3.92 -6.25 -8.23
C VAL A 46 4.92 -6.87 -7.27
N GLN A 47 5.42 -6.06 -6.34
CA GLN A 47 6.39 -6.54 -5.36
C GLN A 47 5.98 -6.12 -3.95
N LYS A 48 5.45 -4.91 -3.83
CA LYS A 48 5.02 -4.38 -2.54
C LYS A 48 3.55 -3.96 -2.58
N VAL A 49 2.96 -3.78 -1.41
CA VAL A 49 1.56 -3.38 -1.32
C VAL A 49 1.32 -2.54 -0.07
N VAL A 50 0.97 -1.27 -0.27
CA VAL A 50 0.70 -0.36 0.84
C VAL A 50 -0.74 0.10 0.83
N VAL A 51 -1.32 0.26 2.03
CA VAL A 51 -2.69 0.70 2.16
C VAL A 51 -2.82 1.82 3.19
N VAL A 52 -3.76 2.72 2.97
CA VAL A 52 -3.99 3.84 3.89
C VAL A 52 -5.39 3.81 4.45
N GLY A 53 -5.50 3.88 5.77
CA GLY A 53 -6.81 3.87 6.41
C GLY A 53 -7.56 2.57 6.16
N VAL A 54 -6.85 1.56 5.67
CA VAL A 54 -7.47 0.27 5.39
C VAL A 54 -7.19 -0.73 6.50
N SER A 55 -8.19 -1.55 6.82
CA SER A 55 -8.06 -2.56 7.87
C SER A 55 -6.89 -3.49 7.59
N GLU A 56 -6.09 -3.76 8.60
CA GLU A 56 -4.94 -4.64 8.47
C GLU A 56 -5.38 -6.09 8.26
N LYS A 57 -6.44 -6.47 8.94
CA LYS A 57 -6.97 -7.83 8.84
C LYS A 57 -7.37 -8.15 7.40
N VAL A 58 -7.85 -7.13 6.68
CA VAL A 58 -8.26 -7.30 5.30
C VAL A 58 -7.06 -7.47 4.38
N VAL A 59 -6.15 -6.51 4.42
CA VAL A 59 -4.95 -6.55 3.59
C VAL A 59 -4.09 -7.76 3.95
N GLN A 60 -4.03 -8.08 5.24
CA GLN A 60 -3.24 -9.20 5.71
C GLN A 60 -3.67 -10.50 5.03
N LYS A 61 -4.98 -10.76 5.04
CA LYS A 61 -5.52 -11.96 4.42
C LYS A 61 -5.13 -12.04 2.95
N VAL A 62 -5.60 -11.08 2.16
CA VAL A 62 -5.30 -11.04 0.73
C VAL A 62 -3.79 -11.13 0.49
N LYS A 63 -3.03 -10.36 1.25
CA LYS A 63 -1.58 -10.35 1.12
C LYS A 63 -1.02 -11.77 1.18
N GLN A 64 -1.55 -12.57 2.11
CA GLN A 64 -1.10 -13.95 2.28
C GLN A 64 -1.36 -14.76 1.01
N GLU A 65 -2.55 -14.61 0.45
CA GLU A 65 -2.93 -15.33 -0.76
C GLU A 65 -2.37 -14.63 -2.00
N ALA A 66 -1.69 -13.50 -1.79
CA ALA A 66 -1.11 -12.74 -2.89
C ALA A 66 0.39 -13.02 -3.01
N ASN A 67 1.01 -13.43 -1.91
CA ASN A 67 2.43 -13.74 -1.91
C ASN A 67 3.25 -12.46 -2.10
N VAL A 68 2.93 -11.43 -1.33
CA VAL A 68 3.64 -10.16 -1.42
C VAL A 68 3.75 -9.49 -0.05
N GLN A 69 4.50 -8.40 0.01
CA GLN A 69 4.68 -7.67 1.26
C GLN A 69 3.60 -6.61 1.43
N VAL A 70 2.97 -6.60 2.60
CA VAL A 70 1.91 -5.63 2.89
C VAL A 70 2.37 -4.62 3.94
N TYR A 71 2.07 -3.35 3.71
CA TYR A 71 2.46 -2.29 4.62
C TYR A 71 1.29 -1.34 4.88
N ARG A 72 1.20 -0.84 6.10
CA ARG A 72 0.13 0.08 6.48
C ARG A 72 0.69 1.48 6.76
N VAL A 73 -0.13 2.49 6.53
CA VAL A 73 0.28 3.88 6.77
C VAL A 73 -0.88 4.71 7.33
N THR A 74 -0.56 5.65 8.21
CA THR A 74 -1.58 6.51 8.80
C THR A 74 -1.38 7.96 8.38
N SER A 75 -0.13 8.34 8.14
CA SER A 75 0.18 9.70 7.73
C SER A 75 0.64 9.74 6.27
N ASN A 76 0.64 10.94 5.69
CA ASN A 76 1.05 11.11 4.30
C ASN A 76 2.55 10.89 4.13
N ASP A 77 3.31 11.26 5.17
CA ASP A 77 4.76 11.10 5.15
C ASP A 77 5.15 9.64 4.96
N GLU A 78 4.28 8.74 5.40
CA GLU A 78 4.52 7.30 5.27
C GLU A 78 4.28 6.83 3.84
N VAL A 79 3.33 7.49 3.17
CA VAL A 79 2.99 7.12 1.80
C VAL A 79 4.14 7.46 0.84
N GLU A 80 4.61 8.70 0.90
CA GLU A 80 5.71 9.13 0.04
C GLU A 80 7.01 8.46 0.43
N GLN A 81 7.16 8.16 1.72
CA GLN A 81 8.37 7.52 2.24
C GLN A 81 8.48 6.09 1.71
N VAL A 82 7.42 5.31 1.87
CA VAL A 82 7.41 3.94 1.40
C VAL A 82 7.63 3.86 -0.10
N VAL A 83 6.87 4.65 -0.85
CA VAL A 83 6.98 4.67 -2.31
C VAL A 83 8.37 5.15 -2.73
N LYS A 84 8.85 6.21 -2.10
CA LYS A 84 10.15 6.76 -2.41
C LYS A 84 11.21 5.66 -2.51
N ASP A 85 11.47 4.99 -1.40
CA ASP A 85 12.44 3.91 -1.35
C ASP A 85 11.79 2.58 -1.72
N VAL A 86 10.55 2.64 -2.18
CA VAL A 86 9.82 1.43 -2.55
C VAL A 86 10.15 0.27 -1.63
N LYS A 87 10.19 0.55 -0.33
CA LYS A 87 10.49 -0.48 0.67
C LYS A 87 10.31 0.08 2.08
N GLY A 88 9.84 -0.78 2.99
CA GLY A 88 9.63 -0.36 4.36
C GLY A 88 10.62 -1.01 5.31
N SER A 89 10.41 -0.80 6.60
CA SER A 89 11.30 -1.36 7.63
C SER A 89 10.61 -2.49 8.38
N GLY A 90 11.41 -3.39 8.94
CA GLY A 90 10.86 -4.51 9.69
C GLY A 90 11.54 -5.83 9.35
N LEU A 91 12.86 -5.84 9.44
CA LEU A 91 13.63 -7.04 9.13
C LEU A 91 13.77 -7.93 10.37
N GLU A 92 13.73 -9.24 10.15
CA GLU A 92 13.84 -10.20 11.24
C GLU A 92 15.08 -11.08 11.07
N HIS A 93 16.21 -10.61 11.61
CA HIS A 93 17.47 -11.35 11.52
C HIS A 93 18.24 -11.26 12.82
N HIS A 94 18.40 -12.40 13.49
CA HIS A 94 19.12 -12.45 14.76
C HIS A 94 20.44 -13.21 14.59
N HIS A 95 21.27 -12.76 13.66
CA HIS A 95 22.56 -13.41 13.41
C HIS A 95 23.57 -13.04 14.50
N HIS A 96 24.34 -14.03 14.93
CA HIS A 96 25.34 -13.82 15.97
C HIS A 96 26.75 -13.93 15.38
N HIS A 97 27.57 -12.92 15.64
CA HIS A 97 28.94 -12.90 15.14
C HIS A 97 29.75 -11.81 15.82
N HIS A 98 31.01 -12.11 16.12
CA HIS A 98 31.89 -11.15 16.77
C HIS A 98 33.36 -11.52 16.55
N GLY A 1 12.61 -1.49 -6.66
CA GLY A 1 11.59 -2.51 -6.84
C GLY A 1 10.23 -1.91 -7.15
N ARG A 2 9.20 -2.76 -7.16
CA ARG A 2 7.85 -2.30 -7.46
C ARG A 2 7.10 -1.98 -6.17
N VAL A 3 6.17 -1.03 -6.25
CA VAL A 3 5.39 -0.63 -5.09
C VAL A 3 4.01 -0.11 -5.51
N VAL A 4 3.03 -0.31 -4.64
CA VAL A 4 1.66 0.13 -4.92
C VAL A 4 1.06 0.85 -3.72
N VAL A 5 0.38 1.96 -3.97
CA VAL A 5 -0.25 2.74 -2.91
C VAL A 5 -1.76 2.57 -2.93
N VAL A 6 -2.33 2.25 -1.77
CA VAL A 6 -3.77 2.05 -1.65
C VAL A 6 -4.36 2.97 -0.58
N VAL A 7 -5.54 3.50 -0.85
CA VAL A 7 -6.22 4.39 0.10
C VAL A 7 -7.66 3.94 0.35
N THR A 8 -8.25 4.46 1.41
CA THR A 8 -9.63 4.11 1.76
C THR A 8 -10.61 5.13 1.19
N SER A 9 -10.11 6.33 0.91
CA SER A 9 -10.95 7.40 0.36
C SER A 9 -10.41 7.86 -0.99
N GLU A 10 -11.33 8.24 -1.88
CA GLU A 10 -10.95 8.70 -3.22
C GLU A 10 -10.11 9.97 -3.13
N GLN A 11 -10.39 10.79 -2.12
CA GLN A 11 -9.66 12.03 -1.92
C GLN A 11 -8.16 11.78 -1.83
N VAL A 12 -7.77 10.85 -0.97
CA VAL A 12 -6.36 10.50 -0.78
C VAL A 12 -5.76 9.95 -2.07
N LYS A 13 -6.57 9.21 -2.82
CA LYS A 13 -6.11 8.63 -4.08
C LYS A 13 -5.67 9.71 -5.05
N GLU A 14 -6.52 10.71 -5.25
CA GLU A 14 -6.21 11.81 -6.16
C GLU A 14 -4.92 12.51 -5.75
N GLU A 15 -4.75 12.71 -4.44
CA GLU A 15 -3.57 13.36 -3.91
C GLU A 15 -2.32 12.52 -4.16
N VAL A 16 -2.46 11.21 -4.00
CA VAL A 16 -1.35 10.29 -4.21
C VAL A 16 -0.98 10.19 -5.69
N ARG A 17 -1.97 9.95 -6.53
CA ARG A 17 -1.76 9.85 -7.97
C ARG A 17 -1.11 11.11 -8.52
N LYS A 18 -1.43 12.25 -7.91
CA LYS A 18 -0.88 13.53 -8.33
C LYS A 18 0.58 13.65 -7.92
N LYS A 19 0.90 13.18 -6.73
CA LYS A 19 2.26 13.23 -6.22
C LYS A 19 3.19 12.32 -7.03
N PHE A 20 2.70 11.12 -7.34
CA PHE A 20 3.47 10.16 -8.11
C PHE A 20 2.60 9.43 -9.11
N PRO A 21 2.28 10.10 -10.22
CA PRO A 21 1.44 9.53 -11.28
C PRO A 21 2.14 8.40 -12.04
N GLN A 22 3.48 8.45 -12.05
CA GLN A 22 4.27 7.44 -12.73
C GLN A 22 4.17 6.10 -12.01
N VAL A 23 3.93 6.14 -10.72
CA VAL A 23 3.83 4.93 -9.91
C VAL A 23 2.42 4.35 -9.98
N GLU A 24 2.27 3.12 -9.49
CA GLU A 24 0.98 2.44 -9.50
C GLU A 24 0.11 2.90 -8.33
N VAL A 25 -1.12 3.29 -8.63
CA VAL A 25 -2.05 3.75 -7.59
C VAL A 25 -3.41 3.07 -7.75
N ARG A 26 -3.87 2.44 -6.68
CA ARG A 26 -5.16 1.76 -6.69
C ARG A 26 -5.89 1.97 -5.37
N VAL A 27 -7.05 2.63 -5.43
CA VAL A 27 -7.85 2.90 -4.25
C VAL A 27 -8.89 1.79 -4.03
N VAL A 28 -8.97 1.30 -2.80
CA VAL A 28 -9.92 0.25 -2.45
C VAL A 28 -10.87 0.70 -1.36
N THR A 29 -12.13 0.28 -1.45
CA THR A 29 -13.13 0.63 -0.46
C THR A 29 -13.73 -0.60 0.19
N THR A 30 -13.86 -1.67 -0.59
CA THR A 30 -14.42 -2.92 -0.10
C THR A 30 -13.42 -4.07 -0.22
N GLU A 31 -13.76 -5.21 0.38
CA GLU A 31 -12.88 -6.37 0.33
C GLU A 31 -12.87 -6.99 -1.06
N GLU A 32 -14.06 -7.13 -1.66
CA GLU A 32 -14.18 -7.70 -2.99
C GLU A 32 -13.40 -6.87 -4.01
N ASP A 33 -13.46 -5.55 -3.87
CA ASP A 33 -12.78 -4.64 -4.77
C ASP A 33 -11.26 -4.87 -4.71
N ALA A 34 -10.74 -4.98 -3.50
CA ALA A 34 -9.31 -5.20 -3.31
C ALA A 34 -8.86 -6.49 -3.97
N LYS A 35 -9.69 -7.53 -3.86
CA LYS A 35 -9.37 -8.83 -4.45
C LYS A 35 -9.11 -8.70 -5.94
N GLN A 36 -10.07 -8.12 -6.66
CA GLN A 36 -9.94 -7.94 -8.11
C GLN A 36 -8.73 -7.08 -8.44
N VAL A 37 -8.45 -6.10 -7.58
CA VAL A 37 -7.32 -5.20 -7.78
C VAL A 37 -6.00 -5.94 -7.62
N VAL A 38 -5.86 -6.66 -6.52
CA VAL A 38 -4.65 -7.41 -6.24
C VAL A 38 -4.25 -8.28 -7.44
N LYS A 39 -5.21 -9.02 -7.96
CA LYS A 39 -4.96 -9.89 -9.11
C LYS A 39 -4.50 -9.07 -10.31
N GLU A 40 -5.19 -7.97 -10.58
CA GLU A 40 -4.85 -7.11 -11.70
C GLU A 40 -3.44 -6.55 -11.55
N VAL A 41 -3.11 -6.10 -10.35
CA VAL A 41 -1.79 -5.55 -10.07
C VAL A 41 -0.71 -6.63 -10.16
N GLN A 42 -1.00 -7.79 -9.58
CA GLN A 42 -0.05 -8.90 -9.59
C GLN A 42 0.37 -9.24 -11.02
N LYS A 43 -0.58 -9.18 -11.94
CA LYS A 43 -0.30 -9.48 -13.34
C LYS A 43 0.64 -8.43 -13.94
N LYS A 44 0.44 -7.18 -13.55
CA LYS A 44 1.27 -6.09 -14.06
C LYS A 44 2.72 -6.25 -13.59
N GLY A 45 2.89 -6.86 -12.43
CA GLY A 45 4.23 -7.07 -11.89
C GLY A 45 4.51 -6.19 -10.68
N VAL A 46 3.81 -6.47 -9.58
CA VAL A 46 3.99 -5.70 -8.36
C VAL A 46 4.96 -6.40 -7.40
N GLN A 47 5.59 -5.62 -6.53
CA GLN A 47 6.54 -6.17 -5.57
C GLN A 47 6.15 -5.78 -4.14
N LYS A 48 5.61 -4.58 -3.99
CA LYS A 48 5.20 -4.09 -2.68
C LYS A 48 3.72 -3.72 -2.68
N VAL A 49 3.14 -3.64 -1.49
CA VAL A 49 1.72 -3.30 -1.36
C VAL A 49 1.48 -2.43 -0.12
N VAL A 50 1.14 -1.17 -0.35
CA VAL A 50 0.88 -0.23 0.75
C VAL A 50 -0.58 0.21 0.76
N VAL A 51 -1.14 0.35 1.96
CA VAL A 51 -2.53 0.77 2.10
C VAL A 51 -2.67 1.83 3.19
N VAL A 52 -3.64 2.73 3.02
CA VAL A 52 -3.88 3.79 3.99
C VAL A 52 -5.30 3.74 4.51
N GLY A 53 -5.45 3.84 5.83
CA GLY A 53 -6.76 3.82 6.44
C GLY A 53 -7.50 2.51 6.18
N VAL A 54 -6.75 1.50 5.74
CA VAL A 54 -7.32 0.19 5.46
C VAL A 54 -7.04 -0.79 6.59
N SER A 55 -8.03 -1.62 6.91
CA SER A 55 -7.90 -2.61 7.98
C SER A 55 -6.78 -3.60 7.66
N GLU A 56 -5.97 -3.91 8.67
CA GLU A 56 -4.87 -4.84 8.49
C GLU A 56 -5.39 -6.26 8.28
N LYS A 57 -6.47 -6.60 8.96
CA LYS A 57 -7.07 -7.93 8.85
C LYS A 57 -7.48 -8.22 7.42
N VAL A 58 -7.96 -7.19 6.72
CA VAL A 58 -8.38 -7.33 5.34
C VAL A 58 -7.19 -7.52 4.41
N VAL A 59 -6.25 -6.59 4.45
CA VAL A 59 -5.06 -6.66 3.62
C VAL A 59 -4.23 -7.90 3.94
N GLN A 60 -4.20 -8.27 5.21
CA GLN A 60 -3.45 -9.43 5.66
C GLN A 60 -3.92 -10.69 4.93
N LYS A 61 -5.23 -10.92 4.91
CA LYS A 61 -5.81 -12.08 4.24
C LYS A 61 -5.41 -12.11 2.78
N VAL A 62 -5.86 -11.11 2.02
CA VAL A 62 -5.55 -11.02 0.60
C VAL A 62 -4.05 -11.16 0.35
N LYS A 63 -3.27 -10.38 1.09
CA LYS A 63 -1.82 -10.42 0.96
C LYS A 63 -1.29 -11.84 1.07
N GLN A 64 -1.85 -12.61 2.00
CA GLN A 64 -1.44 -13.99 2.20
C GLN A 64 -1.61 -14.80 0.92
N GLU A 65 -2.75 -14.63 0.26
CA GLU A 65 -3.04 -15.35 -0.98
C GLU A 65 -2.49 -14.58 -2.19
N ALA A 66 -1.89 -13.43 -1.92
CA ALA A 66 -1.32 -12.61 -2.99
C ALA A 66 0.18 -12.83 -3.10
N ASN A 67 0.81 -13.23 -2.00
CA ASN A 67 2.25 -13.47 -1.98
C ASN A 67 3.02 -12.15 -2.06
N VAL A 68 2.66 -11.22 -1.18
CA VAL A 68 3.32 -9.92 -1.16
C VAL A 68 3.45 -9.39 0.27
N GLN A 69 4.12 -8.26 0.42
CA GLN A 69 4.31 -7.65 1.74
C GLN A 69 3.37 -6.47 1.94
N VAL A 70 2.76 -6.39 3.11
CA VAL A 70 1.84 -5.31 3.42
C VAL A 70 2.56 -4.17 4.17
N TYR A 71 2.48 -2.97 3.61
CA TYR A 71 3.12 -1.82 4.23
C TYR A 71 2.08 -0.75 4.58
N ARG A 72 1.09 -1.14 5.37
CA ARG A 72 0.03 -0.23 5.78
C ARG A 72 0.63 1.08 6.32
N VAL A 73 -0.19 2.12 6.36
CA VAL A 73 0.25 3.42 6.85
C VAL A 73 -0.91 4.20 7.47
N THR A 74 -0.59 5.10 8.40
CA THR A 74 -1.60 5.90 9.07
C THR A 74 -1.43 7.38 8.72
N SER A 75 -0.20 7.80 8.51
CA SER A 75 0.09 9.19 8.18
C SER A 75 0.57 9.32 6.73
N ASN A 76 0.56 10.55 6.23
CA ASN A 76 1.00 10.80 4.86
C ASN A 76 2.51 10.63 4.72
N ASP A 77 3.23 10.97 5.77
CA ASP A 77 4.68 10.85 5.78
C ASP A 77 5.12 9.42 5.48
N GLU A 78 4.27 8.46 5.84
CA GLU A 78 4.56 7.06 5.62
C GLU A 78 4.37 6.69 4.15
N VAL A 79 3.44 7.37 3.50
CA VAL A 79 3.15 7.11 2.09
C VAL A 79 4.32 7.55 1.20
N GLU A 80 4.75 8.80 1.37
CA GLU A 80 5.85 9.33 0.60
C GLU A 80 7.17 8.63 0.95
N GLN A 81 7.28 8.20 2.20
CA GLN A 81 8.48 7.53 2.67
C GLN A 81 8.60 6.14 2.03
N VAL A 82 7.54 5.36 2.12
CA VAL A 82 7.53 4.01 1.55
C VAL A 82 7.86 4.04 0.07
N VAL A 83 7.17 4.91 -0.67
CA VAL A 83 7.40 5.03 -2.11
C VAL A 83 8.78 5.60 -2.40
N LYS A 84 9.21 6.56 -1.59
CA LYS A 84 10.51 7.18 -1.76
C LYS A 84 11.61 6.12 -1.91
N ASP A 85 11.86 5.39 -0.83
CA ASP A 85 12.87 4.33 -0.84
C ASP A 85 12.44 3.17 -1.73
N VAL A 86 11.13 2.99 -1.85
CA VAL A 86 10.59 1.92 -2.68
C VAL A 86 10.81 0.56 -2.02
N LYS A 87 12.06 0.12 -2.00
CA LYS A 87 12.41 -1.16 -1.39
C LYS A 87 13.09 -0.96 -0.04
N GLY A 88 13.18 -2.03 0.75
CA GLY A 88 13.81 -1.95 2.05
C GLY A 88 12.81 -1.98 3.18
N SER A 89 13.26 -2.42 4.35
CA SER A 89 12.40 -2.50 5.52
C SER A 89 12.71 -1.38 6.51
N GLY A 90 11.66 -0.80 7.09
CA GLY A 90 11.84 0.27 8.05
C GLY A 90 12.17 -0.23 9.43
N LEU A 91 11.71 0.49 10.45
CA LEU A 91 11.95 0.11 11.84
C LEU A 91 10.67 -0.36 12.52
N GLU A 92 10.81 -1.28 13.46
CA GLU A 92 9.65 -1.81 14.19
C GLU A 92 10.10 -2.49 15.48
N HIS A 93 9.12 -2.85 16.31
CA HIS A 93 9.40 -3.50 17.58
C HIS A 93 8.55 -4.77 17.74
N HIS A 94 9.12 -5.78 18.38
CA HIS A 94 8.41 -7.04 18.59
C HIS A 94 7.31 -6.87 19.63
N HIS A 95 6.24 -7.66 19.48
CA HIS A 95 5.12 -7.60 20.40
C HIS A 95 5.57 -7.84 21.84
N HIS A 96 4.63 -7.78 22.77
CA HIS A 96 4.94 -7.99 24.18
C HIS A 96 3.71 -8.51 24.93
N HIS A 97 3.93 -9.50 25.80
CA HIS A 97 2.84 -10.07 26.58
C HIS A 97 2.15 -9.00 27.43
N HIS A 98 0.96 -9.33 27.93
CA HIS A 98 0.21 -8.40 28.76
C HIS A 98 -0.13 -9.02 30.11
N GLY A 1 12.55 -2.10 -7.57
CA GLY A 1 11.49 -2.64 -6.74
C GLY A 1 10.14 -2.07 -7.08
N ARG A 2 9.11 -2.92 -7.08
CA ARG A 2 7.75 -2.49 -7.40
C ARG A 2 6.97 -2.19 -6.12
N VAL A 3 6.02 -1.28 -6.23
CA VAL A 3 5.19 -0.88 -5.09
C VAL A 3 3.88 -0.25 -5.55
N VAL A 4 2.84 -0.43 -4.74
CA VAL A 4 1.53 0.13 -5.06
C VAL A 4 0.91 0.82 -3.85
N VAL A 5 0.32 1.98 -4.07
CA VAL A 5 -0.31 2.75 -3.00
C VAL A 5 -1.83 2.61 -3.05
N VAL A 6 -2.42 2.35 -1.89
CA VAL A 6 -3.86 2.19 -1.79
C VAL A 6 -4.43 3.05 -0.67
N VAL A 7 -5.64 3.57 -0.88
CA VAL A 7 -6.30 4.41 0.11
C VAL A 7 -7.73 3.95 0.35
N THR A 8 -8.36 4.52 1.38
CA THR A 8 -9.74 4.17 1.72
C THR A 8 -10.71 5.21 1.20
N SER A 9 -10.21 6.41 0.96
CA SER A 9 -11.05 7.50 0.46
C SER A 9 -10.55 8.00 -0.89
N GLU A 10 -11.48 8.41 -1.75
CA GLU A 10 -11.13 8.91 -3.08
C GLU A 10 -10.26 10.16 -2.97
N GLN A 11 -10.52 10.97 -1.94
CA GLN A 11 -9.77 12.19 -1.74
C GLN A 11 -8.27 11.92 -1.66
N VAL A 12 -7.89 10.96 -0.82
CA VAL A 12 -6.49 10.60 -0.65
C VAL A 12 -5.91 10.05 -1.95
N LYS A 13 -6.72 9.32 -2.70
CA LYS A 13 -6.29 8.74 -3.97
C LYS A 13 -5.85 9.83 -4.94
N GLU A 14 -6.69 10.85 -5.11
CA GLU A 14 -6.39 11.95 -6.01
C GLU A 14 -5.08 12.64 -5.60
N GLU A 15 -4.91 12.82 -4.30
CA GLU A 15 -3.71 13.47 -3.78
C GLU A 15 -2.47 12.62 -4.04
N VAL A 16 -2.62 11.31 -3.92
CA VAL A 16 -1.52 10.39 -4.15
C VAL A 16 -1.17 10.30 -5.64
N ARG A 17 -2.19 10.06 -6.46
CA ARG A 17 -1.99 9.96 -7.90
C ARG A 17 -1.33 11.21 -8.46
N LYS A 18 -1.63 12.35 -7.84
CA LYS A 18 -1.06 13.62 -8.27
C LYS A 18 0.41 13.73 -7.86
N LYS A 19 0.71 13.29 -6.64
CA LYS A 19 2.08 13.33 -6.13
C LYS A 19 2.97 12.33 -6.87
N PHE A 20 2.44 11.14 -7.12
CA PHE A 20 3.19 10.10 -7.81
C PHE A 20 2.40 9.57 -9.00
N PRO A 21 2.40 10.34 -10.10
CA PRO A 21 1.68 9.98 -11.32
C PRO A 21 2.33 8.80 -12.04
N GLN A 22 3.66 8.74 -12.00
CA GLN A 22 4.40 7.67 -12.65
C GLN A 22 4.20 6.35 -11.91
N VAL A 23 3.92 6.44 -10.61
CA VAL A 23 3.71 5.26 -9.78
C VAL A 23 2.27 4.75 -9.91
N GLU A 24 2.05 3.51 -9.48
CA GLU A 24 0.73 2.91 -9.56
C GLU A 24 -0.13 3.33 -8.37
N VAL A 25 -1.37 3.71 -8.64
CA VAL A 25 -2.29 4.15 -7.59
C VAL A 25 -3.65 3.49 -7.75
N ARG A 26 -4.09 2.80 -6.71
CA ARG A 26 -5.38 2.12 -6.73
C ARG A 26 -6.09 2.24 -5.38
N VAL A 27 -7.25 2.90 -5.38
CA VAL A 27 -8.02 3.09 -4.17
C VAL A 27 -9.04 1.96 -3.97
N VAL A 28 -9.03 1.36 -2.80
CA VAL A 28 -9.94 0.27 -2.49
C VAL A 28 -10.91 0.67 -1.37
N THR A 29 -12.13 0.12 -1.43
CA THR A 29 -13.13 0.42 -0.42
C THR A 29 -13.71 -0.87 0.17
N THR A 30 -13.84 -1.88 -0.66
CA THR A 30 -14.38 -3.17 -0.22
C THR A 30 -13.37 -4.29 -0.43
N GLU A 31 -13.69 -5.47 0.09
CA GLU A 31 -12.80 -6.62 -0.04
C GLU A 31 -12.75 -7.10 -1.49
N GLU A 32 -13.88 -7.01 -2.18
CA GLU A 32 -13.97 -7.43 -3.57
C GLU A 32 -13.21 -6.48 -4.48
N ASP A 33 -13.35 -5.19 -4.22
CA ASP A 33 -12.68 -4.17 -5.01
C ASP A 33 -11.16 -4.34 -4.96
N ALA A 34 -10.63 -4.46 -3.75
CA ALA A 34 -9.20 -4.64 -3.57
C ALA A 34 -8.71 -5.91 -4.23
N LYS A 35 -9.49 -6.98 -4.09
CA LYS A 35 -9.14 -8.27 -4.68
C LYS A 35 -8.81 -8.12 -6.16
N GLN A 36 -9.70 -7.46 -6.89
CA GLN A 36 -9.50 -7.25 -8.33
C GLN A 36 -8.33 -6.31 -8.58
N VAL A 37 -8.10 -5.40 -7.64
CA VAL A 37 -7.01 -4.44 -7.76
C VAL A 37 -5.65 -5.13 -7.63
N VAL A 38 -5.46 -5.85 -6.54
CA VAL A 38 -4.21 -6.55 -6.29
C VAL A 38 -3.92 -7.54 -7.42
N LYS A 39 -4.97 -8.13 -7.97
CA LYS A 39 -4.82 -9.10 -9.05
C LYS A 39 -4.33 -8.42 -10.32
N GLU A 40 -4.84 -7.22 -10.58
CA GLU A 40 -4.45 -6.46 -11.77
C GLU A 40 -2.97 -6.14 -11.75
N VAL A 41 -2.51 -5.53 -10.65
CA VAL A 41 -1.10 -5.18 -10.51
C VAL A 41 -0.24 -6.42 -10.38
N GLN A 42 -0.79 -7.48 -9.79
CA GLN A 42 -0.06 -8.72 -9.60
C GLN A 42 0.36 -9.30 -10.95
N LYS A 43 -0.52 -9.24 -11.93
CA LYS A 43 -0.23 -9.76 -13.26
C LYS A 43 0.77 -8.88 -13.98
N LYS A 44 0.69 -7.58 -13.74
CA LYS A 44 1.60 -6.63 -14.37
C LYS A 44 3.02 -6.79 -13.84
N GLY A 45 3.13 -7.17 -12.57
CA GLY A 45 4.43 -7.36 -11.96
C GLY A 45 4.63 -6.50 -10.73
N VAL A 46 3.85 -6.77 -9.69
CA VAL A 46 3.94 -6.01 -8.45
C VAL A 46 4.93 -6.65 -7.48
N GLN A 47 5.44 -5.85 -6.56
CA GLN A 47 6.41 -6.34 -5.57
C GLN A 47 6.00 -5.94 -4.16
N LYS A 48 5.46 -4.73 -4.03
CA LYS A 48 5.03 -4.22 -2.74
C LYS A 48 3.56 -3.81 -2.77
N VAL A 49 2.96 -3.64 -1.60
CA VAL A 49 1.56 -3.25 -1.50
C VAL A 49 1.32 -2.41 -0.25
N VAL A 50 0.93 -1.15 -0.45
CA VAL A 50 0.66 -0.25 0.66
C VAL A 50 -0.80 0.19 0.66
N VAL A 51 -1.37 0.34 1.85
CA VAL A 51 -2.75 0.76 1.99
C VAL A 51 -2.90 1.83 3.07
N VAL A 52 -3.87 2.72 2.90
CA VAL A 52 -4.12 3.78 3.86
C VAL A 52 -5.53 3.71 4.41
N GLY A 53 -5.66 3.78 5.73
CA GLY A 53 -6.96 3.72 6.36
C GLY A 53 -7.61 2.36 6.22
N VAL A 54 -6.84 1.38 5.76
CA VAL A 54 -7.34 0.03 5.58
C VAL A 54 -7.00 -0.85 6.78
N SER A 55 -7.91 -1.75 7.13
CA SER A 55 -7.71 -2.65 8.26
C SER A 55 -6.56 -3.62 7.98
N GLU A 56 -5.78 -3.91 9.02
CA GLU A 56 -4.65 -4.82 8.89
C GLU A 56 -5.13 -6.25 8.65
N LYS A 57 -6.20 -6.63 9.34
CA LYS A 57 -6.77 -7.97 9.20
C LYS A 57 -7.16 -8.25 7.76
N VAL A 58 -7.61 -7.22 7.06
CA VAL A 58 -8.03 -7.35 5.67
C VAL A 58 -6.82 -7.55 4.75
N VAL A 59 -5.89 -6.60 4.80
CA VAL A 59 -4.69 -6.67 3.98
C VAL A 59 -3.85 -7.90 4.33
N GLN A 60 -3.81 -8.24 5.62
CA GLN A 60 -3.05 -9.39 6.08
C GLN A 60 -3.50 -10.66 5.37
N LYS A 61 -4.80 -10.90 5.35
CA LYS A 61 -5.37 -12.07 4.70
C LYS A 61 -4.97 -12.12 3.23
N VAL A 62 -5.43 -11.14 2.47
CA VAL A 62 -5.12 -11.07 1.05
C VAL A 62 -3.62 -11.19 0.80
N LYS A 63 -2.84 -10.42 1.56
CA LYS A 63 -1.39 -10.44 1.43
C LYS A 63 -0.86 -11.87 1.50
N GLN A 64 -1.40 -12.65 2.42
CA GLN A 64 -0.98 -14.04 2.59
C GLN A 64 -1.23 -14.84 1.32
N GLU A 65 -2.41 -14.68 0.74
CA GLU A 65 -2.77 -15.39 -0.48
C GLU A 65 -2.21 -14.69 -1.71
N ALA A 66 -1.54 -13.56 -1.49
CA ALA A 66 -0.95 -12.79 -2.57
C ALA A 66 0.55 -13.08 -2.71
N ASN A 67 1.17 -13.45 -1.59
CA ASN A 67 2.60 -13.74 -1.59
C ASN A 67 3.42 -12.50 -1.88
N VAL A 68 3.11 -11.41 -1.17
CA VAL A 68 3.82 -10.15 -1.36
C VAL A 68 3.96 -9.40 -0.05
N GLN A 69 4.73 -8.31 -0.06
CA GLN A 69 4.94 -7.51 1.13
C GLN A 69 3.86 -6.44 1.27
N VAL A 70 3.18 -6.46 2.41
CA VAL A 70 2.11 -5.49 2.67
C VAL A 70 2.52 -4.49 3.74
N TYR A 71 2.17 -3.23 3.54
CA TYR A 71 2.52 -2.17 4.48
C TYR A 71 1.33 -1.24 4.71
N ARG A 72 1.23 -0.72 5.94
CA ARG A 72 0.14 0.19 6.29
C ARG A 72 0.66 1.58 6.59
N VAL A 73 -0.17 2.59 6.37
CA VAL A 73 0.21 3.98 6.62
C VAL A 73 -0.99 4.80 7.05
N THR A 74 -0.75 5.76 7.94
CA THR A 74 -1.81 6.63 8.45
C THR A 74 -1.58 8.07 8.02
N SER A 75 -0.32 8.44 7.82
CA SER A 75 0.03 9.80 7.41
C SER A 75 0.53 9.82 5.97
N ASN A 76 0.64 11.02 5.40
CA ASN A 76 1.10 11.17 4.04
C ASN A 76 2.60 10.88 3.92
N ASP A 77 3.32 11.08 5.03
CA ASP A 77 4.75 10.83 5.06
C ASP A 77 5.04 9.34 5.13
N GLU A 78 4.08 8.58 5.63
CA GLU A 78 4.23 7.13 5.75
C GLU A 78 4.06 6.45 4.40
N VAL A 79 3.09 6.95 3.62
CA VAL A 79 2.81 6.39 2.31
C VAL A 79 3.92 6.73 1.31
N GLU A 80 4.38 7.98 1.37
CA GLU A 80 5.44 8.43 0.48
C GLU A 80 6.77 7.79 0.83
N GLN A 81 6.96 7.50 2.12
CA GLN A 81 8.19 6.88 2.59
C GLN A 81 8.28 5.43 2.14
N VAL A 82 7.20 4.68 2.37
CA VAL A 82 7.16 3.27 2.00
C VAL A 82 7.39 3.10 0.49
N VAL A 83 6.64 3.86 -0.30
CA VAL A 83 6.76 3.79 -1.75
C VAL A 83 8.13 4.28 -2.21
N LYS A 84 8.61 5.35 -1.60
CA LYS A 84 9.92 5.91 -1.94
C LYS A 84 10.98 4.82 -2.00
N ASP A 85 11.27 4.21 -0.86
CA ASP A 85 12.27 3.15 -0.80
C ASP A 85 11.79 1.91 -1.55
N VAL A 86 10.47 1.73 -1.62
CA VAL A 86 9.89 0.60 -2.32
C VAL A 86 10.74 -0.65 -2.12
N LYS A 87 10.53 -1.33 -0.99
CA LYS A 87 11.28 -2.55 -0.69
C LYS A 87 12.76 -2.25 -0.55
N GLY A 88 13.22 -2.04 0.69
CA GLY A 88 14.62 -1.76 0.92
C GLY A 88 15.07 -2.18 2.31
N SER A 89 15.65 -1.25 3.05
CA SER A 89 16.13 -1.53 4.40
C SER A 89 14.97 -1.53 5.41
N GLY A 90 14.94 -2.54 6.26
CA GLY A 90 13.88 -2.63 7.25
C GLY A 90 14.08 -1.66 8.40
N LEU A 91 14.61 -2.17 9.50
CA LEU A 91 14.86 -1.34 10.69
C LEU A 91 13.55 -0.80 11.25
N GLU A 92 13.02 -1.49 12.25
CA GLU A 92 11.76 -1.08 12.87
C GLU A 92 12.02 -0.51 14.26
N HIS A 93 11.52 0.70 14.51
CA HIS A 93 11.70 1.35 15.80
C HIS A 93 11.08 0.52 16.92
N HIS A 94 11.92 -0.09 17.74
CA HIS A 94 11.47 -0.92 18.85
C HIS A 94 11.69 -0.21 20.18
N HIS A 95 10.92 -0.61 21.19
CA HIS A 95 11.02 -0.01 22.52
C HIS A 95 12.12 -0.70 23.33
N HIS A 96 11.87 -1.93 23.73
CA HIS A 96 12.83 -2.70 24.51
C HIS A 96 12.39 -4.15 24.65
N HIS A 97 11.24 -4.35 25.29
CA HIS A 97 10.71 -5.70 25.50
C HIS A 97 9.23 -5.64 25.87
N HIS A 98 8.91 -4.85 26.89
CA HIS A 98 7.52 -4.70 27.34
C HIS A 98 7.31 -3.34 27.99
N GLY A 1 12.65 -2.01 -7.53
CA GLY A 1 11.57 -2.71 -6.89
C GLY A 1 10.21 -2.09 -7.19
N ARG A 2 9.17 -2.91 -7.18
CA ARG A 2 7.82 -2.43 -7.47
C ARG A 2 7.08 -2.12 -6.17
N VAL A 3 6.16 -1.17 -6.24
CA VAL A 3 5.38 -0.77 -5.07
C VAL A 3 4.01 -0.23 -5.48
N VAL A 4 3.01 -0.44 -4.62
CA VAL A 4 1.67 0.03 -4.90
C VAL A 4 1.06 0.71 -3.68
N VAL A 5 0.40 1.84 -3.90
CA VAL A 5 -0.23 2.58 -2.81
C VAL A 5 -1.75 2.43 -2.85
N VAL A 6 -2.33 2.15 -1.69
CA VAL A 6 -3.78 1.99 -1.59
C VAL A 6 -4.36 2.82 -0.45
N VAL A 7 -5.56 3.35 -0.66
CA VAL A 7 -6.22 4.17 0.35
C VAL A 7 -7.66 3.73 0.57
N THR A 8 -8.34 4.38 1.50
CA THR A 8 -9.73 4.05 1.80
C THR A 8 -10.68 5.07 1.19
N SER A 9 -10.16 6.25 0.88
CA SER A 9 -10.96 7.31 0.29
C SER A 9 -10.41 7.72 -1.08
N GLU A 10 -11.31 8.09 -1.99
CA GLU A 10 -10.90 8.50 -3.33
C GLU A 10 -10.09 9.79 -3.27
N GLN A 11 -10.39 10.63 -2.30
CA GLN A 11 -9.68 11.90 -2.14
C GLN A 11 -8.19 11.67 -1.97
N VAL A 12 -7.82 10.80 -1.05
CA VAL A 12 -6.42 10.49 -0.80
C VAL A 12 -5.74 9.95 -2.05
N LYS A 13 -6.45 9.08 -2.76
CA LYS A 13 -5.91 8.48 -3.99
C LYS A 13 -5.54 9.56 -5.00
N GLU A 14 -6.46 10.50 -5.22
CA GLU A 14 -6.21 11.58 -6.17
C GLU A 14 -4.93 12.33 -5.82
N GLU A 15 -4.76 12.65 -4.53
CA GLU A 15 -3.57 13.36 -4.07
C GLU A 15 -2.31 12.54 -4.30
N VAL A 16 -2.44 11.22 -4.15
CA VAL A 16 -1.31 10.32 -4.34
C VAL A 16 -0.94 10.21 -5.82
N ARG A 17 -1.94 10.03 -6.66
CA ARG A 17 -1.73 9.91 -8.09
C ARG A 17 -1.09 11.17 -8.65
N LYS A 18 -1.41 12.31 -8.05
CA LYS A 18 -0.86 13.59 -8.49
C LYS A 18 0.61 13.72 -8.07
N LYS A 19 0.92 13.27 -6.86
CA LYS A 19 2.28 13.34 -6.35
C LYS A 19 3.20 12.41 -7.13
N PHE A 20 2.72 11.21 -7.42
CA PHE A 20 3.50 10.22 -8.16
C PHE A 20 2.62 9.46 -9.14
N PRO A 21 2.30 10.11 -10.28
CA PRO A 21 1.48 9.50 -11.33
C PRO A 21 2.18 8.36 -12.05
N GLN A 22 3.50 8.38 -12.03
CA GLN A 22 4.30 7.35 -12.68
C GLN A 22 4.18 6.03 -11.94
N VAL A 23 3.93 6.11 -10.63
CA VAL A 23 3.80 4.92 -9.81
C VAL A 23 2.39 4.35 -9.88
N GLU A 24 2.22 3.12 -9.41
CA GLU A 24 0.92 2.45 -9.43
C GLU A 24 0.08 2.87 -8.23
N VAL A 25 -1.16 3.28 -8.50
CA VAL A 25 -2.07 3.70 -7.43
C VAL A 25 -3.44 3.05 -7.59
N ARG A 26 -3.88 2.37 -6.54
CA ARG A 26 -5.18 1.70 -6.56
C ARG A 26 -5.89 1.86 -5.21
N VAL A 27 -7.05 2.51 -5.24
CA VAL A 27 -7.83 2.74 -4.03
C VAL A 27 -8.85 1.61 -3.82
N VAL A 28 -8.91 1.10 -2.60
CA VAL A 28 -9.84 0.02 -2.28
C VAL A 28 -10.74 0.41 -1.11
N THR A 29 -12.00 0.00 -1.18
CA THR A 29 -12.97 0.31 -0.13
C THR A 29 -13.65 -0.97 0.38
N THR A 30 -13.88 -1.91 -0.52
CA THR A 30 -14.52 -3.17 -0.16
C THR A 30 -13.60 -4.36 -0.44
N GLU A 31 -14.01 -5.54 0.02
CA GLU A 31 -13.23 -6.75 -0.18
C GLU A 31 -13.17 -7.12 -1.66
N GLU A 32 -14.28 -6.97 -2.35
CA GLU A 32 -14.35 -7.30 -3.77
C GLU A 32 -13.48 -6.35 -4.59
N ASP A 33 -13.53 -5.06 -4.25
CA ASP A 33 -12.74 -4.06 -4.95
C ASP A 33 -11.26 -4.39 -4.89
N ALA A 34 -10.75 -4.60 -3.67
CA ALA A 34 -9.34 -4.92 -3.47
C ALA A 34 -8.95 -6.14 -4.28
N LYS A 35 -9.81 -7.15 -4.28
CA LYS A 35 -9.55 -8.38 -5.02
C LYS A 35 -9.16 -8.08 -6.46
N GLN A 36 -9.99 -7.30 -7.15
CA GLN A 36 -9.74 -6.94 -8.53
C GLN A 36 -8.48 -6.08 -8.65
N VAL A 37 -8.17 -5.34 -7.59
CA VAL A 37 -7.00 -4.48 -7.56
C VAL A 37 -5.71 -5.32 -7.48
N VAL A 38 -5.63 -6.14 -6.45
CA VAL A 38 -4.46 -6.99 -6.26
C VAL A 38 -4.18 -7.84 -7.49
N LYS A 39 -5.25 -8.26 -8.17
CA LYS A 39 -5.12 -9.08 -9.37
C LYS A 39 -4.55 -8.27 -10.52
N GLU A 40 -5.04 -7.04 -10.69
CA GLU A 40 -4.57 -6.16 -11.75
C GLU A 40 -3.07 -5.91 -11.64
N VAL A 41 -2.62 -5.58 -10.43
CA VAL A 41 -1.21 -5.32 -10.18
C VAL A 41 -0.39 -6.59 -10.31
N GLN A 42 -0.96 -7.70 -9.88
CA GLN A 42 -0.27 -8.99 -9.94
C GLN A 42 0.17 -9.30 -11.36
N LYS A 43 -0.70 -9.01 -12.33
CA LYS A 43 -0.40 -9.26 -13.73
C LYS A 43 0.60 -8.23 -14.26
N LYS A 44 0.49 -7.00 -13.78
CA LYS A 44 1.38 -5.93 -14.20
C LYS A 44 2.80 -6.19 -13.70
N GLY A 45 2.91 -6.74 -12.51
CA GLY A 45 4.22 -7.02 -11.95
C GLY A 45 4.51 -6.19 -10.71
N VAL A 46 3.81 -6.48 -9.61
CA VAL A 46 4.01 -5.75 -8.36
C VAL A 46 4.94 -6.51 -7.42
N GLN A 47 5.59 -5.77 -6.53
CA GLN A 47 6.51 -6.38 -5.57
C GLN A 47 6.09 -6.06 -4.14
N LYS A 48 5.53 -4.87 -3.95
CA LYS A 48 5.07 -4.45 -2.63
C LYS A 48 3.61 -4.01 -2.67
N VAL A 49 3.02 -3.85 -1.48
CA VAL A 49 1.63 -3.44 -1.38
C VAL A 49 1.38 -2.61 -0.13
N VAL A 50 1.04 -1.33 -0.32
CA VAL A 50 0.78 -0.43 0.79
C VAL A 50 -0.67 0.00 0.82
N VAL A 51 -1.24 0.07 2.02
CA VAL A 51 -2.63 0.48 2.19
C VAL A 51 -2.77 1.52 3.29
N VAL A 52 -3.74 2.42 3.14
CA VAL A 52 -3.98 3.47 4.11
C VAL A 52 -5.44 3.46 4.58
N GLY A 53 -5.63 3.64 5.88
CA GLY A 53 -6.97 3.66 6.44
C GLY A 53 -7.70 2.35 6.21
N VAL A 54 -6.95 1.27 6.08
CA VAL A 54 -7.53 -0.05 5.84
C VAL A 54 -7.22 -1.00 6.99
N SER A 55 -8.19 -1.84 7.35
CA SER A 55 -8.01 -2.80 8.44
C SER A 55 -6.86 -3.76 8.13
N GLU A 56 -6.06 -4.06 9.15
CA GLU A 56 -4.93 -4.96 8.99
C GLU A 56 -5.40 -6.38 8.71
N LYS A 57 -6.49 -6.78 9.37
CA LYS A 57 -7.05 -8.12 9.19
C LYS A 57 -7.46 -8.34 7.74
N VAL A 58 -7.87 -7.27 7.06
CA VAL A 58 -8.27 -7.35 5.67
C VAL A 58 -7.08 -7.57 4.75
N VAL A 59 -6.14 -6.63 4.81
CA VAL A 59 -4.93 -6.72 3.99
C VAL A 59 -4.11 -7.96 4.34
N GLN A 60 -4.09 -8.30 5.62
CA GLN A 60 -3.34 -9.46 6.08
C GLN A 60 -3.79 -10.73 5.36
N LYS A 61 -5.10 -10.96 5.34
CA LYS A 61 -5.66 -12.14 4.68
C LYS A 61 -5.26 -12.17 3.22
N VAL A 62 -5.70 -11.17 2.46
CA VAL A 62 -5.39 -11.09 1.04
C VAL A 62 -3.90 -11.23 0.79
N LYS A 63 -3.10 -10.48 1.57
CA LYS A 63 -1.66 -10.52 1.44
C LYS A 63 -1.14 -11.96 1.48
N GLN A 64 -1.69 -12.73 2.41
CA GLN A 64 -1.29 -14.13 2.57
C GLN A 64 -1.53 -14.92 1.28
N GLU A 65 -2.71 -14.73 0.69
CA GLU A 65 -3.06 -15.42 -0.54
C GLU A 65 -2.49 -14.70 -1.76
N ALA A 66 -1.80 -13.58 -1.51
CA ALA A 66 -1.20 -12.80 -2.58
C ALA A 66 0.28 -13.12 -2.72
N ASN A 67 0.91 -13.52 -1.62
CA ASN A 67 2.32 -13.85 -1.62
C ASN A 67 3.18 -12.62 -1.88
N VAL A 68 2.89 -11.54 -1.16
CA VAL A 68 3.62 -10.29 -1.31
C VAL A 68 3.75 -9.57 0.04
N GLN A 69 4.53 -8.49 0.04
CA GLN A 69 4.75 -7.72 1.25
C GLN A 69 3.66 -6.65 1.42
N VAL A 70 3.00 -6.66 2.57
CA VAL A 70 1.95 -5.69 2.85
C VAL A 70 2.39 -4.68 3.89
N TYR A 71 2.08 -3.41 3.65
CA TYR A 71 2.45 -2.34 4.55
C TYR A 71 1.27 -1.41 4.82
N ARG A 72 1.16 -0.93 6.06
CA ARG A 72 0.07 -0.04 6.44
C ARG A 72 0.58 1.38 6.62
N VAL A 73 -0.28 2.35 6.31
CA VAL A 73 0.09 3.76 6.43
C VAL A 73 -1.04 4.56 7.07
N THR A 74 -0.69 5.41 8.04
CA THR A 74 -1.67 6.24 8.73
C THR A 74 -1.45 7.72 8.44
N SER A 75 -0.19 8.10 8.24
CA SER A 75 0.16 9.48 7.96
C SER A 75 0.65 9.64 6.53
N ASN A 76 0.66 10.87 6.04
CA ASN A 76 1.11 11.15 4.68
C ASN A 76 2.61 10.92 4.55
N ASP A 77 3.34 11.18 5.63
CA ASP A 77 4.79 11.01 5.63
C ASP A 77 5.16 9.54 5.37
N GLU A 78 4.26 8.63 5.75
CA GLU A 78 4.50 7.21 5.55
C GLU A 78 4.28 6.82 4.10
N VAL A 79 3.38 7.52 3.42
CA VAL A 79 3.08 7.24 2.02
C VAL A 79 4.25 7.62 1.12
N GLU A 80 4.73 8.85 1.27
CA GLU A 80 5.84 9.35 0.48
C GLU A 80 7.14 8.63 0.86
N GLN A 81 7.25 8.27 2.13
CA GLN A 81 8.44 7.58 2.62
C GLN A 81 8.57 6.20 1.99
N VAL A 82 7.51 5.41 2.08
CA VAL A 82 7.50 4.07 1.51
C VAL A 82 7.77 4.10 0.01
N VAL A 83 7.05 4.95 -0.69
CA VAL A 83 7.22 5.08 -2.15
C VAL A 83 8.61 5.59 -2.49
N LYS A 84 9.07 6.60 -1.75
CA LYS A 84 10.38 7.18 -1.98
C LYS A 84 11.45 6.09 -2.11
N ASP A 85 11.69 5.38 -1.02
CA ASP A 85 12.69 4.31 -1.01
C ASP A 85 12.21 3.13 -1.86
N VAL A 86 10.90 2.98 -1.98
CA VAL A 86 10.32 1.90 -2.76
C VAL A 86 10.51 0.55 -2.07
N LYS A 87 11.75 0.09 -2.03
CA LYS A 87 12.08 -1.19 -1.40
C LYS A 87 12.19 -1.03 0.11
N GLY A 88 11.19 -1.52 0.84
CA GLY A 88 11.21 -1.42 2.29
C GLY A 88 12.44 -2.06 2.89
N SER A 89 12.55 -2.00 4.23
CA SER A 89 13.68 -2.57 4.94
C SER A 89 13.22 -3.35 6.16
N GLY A 90 14.18 -3.75 7.00
CA GLY A 90 13.85 -4.49 8.20
C GLY A 90 14.49 -3.89 9.44
N LEU A 91 14.16 -2.64 9.73
CA LEU A 91 14.70 -1.94 10.89
C LEU A 91 13.89 -2.25 12.14
N GLU A 92 14.47 -3.05 13.03
CA GLU A 92 13.80 -3.43 14.27
C GLU A 92 13.44 -2.20 15.09
N HIS A 93 14.43 -1.33 15.30
CA HIS A 93 14.23 -0.11 16.07
C HIS A 93 13.77 -0.44 17.49
N HIS A 94 13.54 0.61 18.29
CA HIS A 94 13.10 0.43 19.67
C HIS A 94 11.58 0.34 19.75
N HIS A 95 11.09 -0.18 20.87
CA HIS A 95 9.65 -0.32 21.07
C HIS A 95 9.32 -0.53 22.55
N HIS A 96 10.12 -1.37 23.21
CA HIS A 96 9.92 -1.64 24.63
C HIS A 96 10.96 -0.92 25.49
N HIS A 97 10.56 0.21 26.07
CA HIS A 97 11.45 1.00 26.90
C HIS A 97 11.56 0.39 28.30
N HIS A 98 12.80 0.07 28.70
CA HIS A 98 13.04 -0.51 30.01
C HIS A 98 12.68 0.46 31.12
N GLY A 1 11.54 -0.20 -8.47
CA GLY A 1 10.95 -1.41 -7.92
C GLY A 1 9.45 -1.45 -8.09
N ARG A 2 8.84 -2.58 -7.74
CA ARG A 2 7.41 -2.76 -7.87
C ARG A 2 6.70 -2.40 -6.55
N VAL A 3 5.83 -1.39 -6.61
CA VAL A 3 5.09 -0.96 -5.44
C VAL A 3 3.73 -0.40 -5.82
N VAL A 4 2.74 -0.59 -4.95
CA VAL A 4 1.39 -0.10 -5.19
C VAL A 4 0.82 0.56 -3.96
N VAL A 5 0.17 1.70 -4.14
CA VAL A 5 -0.44 2.43 -3.03
C VAL A 5 -1.95 2.26 -3.02
N VAL A 6 -2.49 1.84 -1.89
CA VAL A 6 -3.93 1.64 -1.75
C VAL A 6 -4.52 2.58 -0.72
N VAL A 7 -5.66 3.18 -1.04
CA VAL A 7 -6.33 4.10 -0.13
C VAL A 7 -7.78 3.67 0.12
N THR A 8 -8.32 4.08 1.26
CA THR A 8 -9.68 3.75 1.63
C THR A 8 -10.66 4.80 1.13
N SER A 9 -10.16 6.02 0.92
CA SER A 9 -11.00 7.11 0.43
C SER A 9 -10.45 7.67 -0.87
N GLU A 10 -11.36 8.10 -1.75
CA GLU A 10 -10.97 8.66 -3.04
C GLU A 10 -10.09 9.90 -2.86
N GLN A 11 -10.36 10.65 -1.79
CA GLN A 11 -9.60 11.86 -1.50
C GLN A 11 -8.11 11.56 -1.42
N VAL A 12 -7.76 10.56 -0.62
CA VAL A 12 -6.36 10.17 -0.46
C VAL A 12 -5.75 9.72 -1.78
N LYS A 13 -6.57 9.07 -2.60
CA LYS A 13 -6.11 8.58 -3.91
C LYS A 13 -5.62 9.75 -4.77
N GLU A 14 -6.46 10.77 -4.90
CA GLU A 14 -6.11 11.94 -5.71
C GLU A 14 -4.80 12.56 -5.22
N GLU A 15 -4.64 12.63 -3.90
CA GLU A 15 -3.44 13.20 -3.31
C GLU A 15 -2.21 12.33 -3.62
N VAL A 16 -2.40 11.02 -3.57
CA VAL A 16 -1.31 10.09 -3.83
C VAL A 16 -0.91 10.12 -5.31
N ARG A 17 -1.91 9.98 -6.18
CA ARG A 17 -1.67 9.98 -7.62
C ARG A 17 -0.98 11.28 -8.05
N LYS A 18 -1.29 12.37 -7.35
CA LYS A 18 -0.70 13.67 -7.66
C LYS A 18 0.76 13.71 -7.24
N LYS A 19 1.06 13.13 -6.08
CA LYS A 19 2.42 13.11 -5.57
C LYS A 19 3.31 12.23 -6.45
N PHE A 20 2.79 11.08 -6.87
CA PHE A 20 3.54 10.15 -7.71
C PHE A 20 2.63 9.52 -8.75
N PRO A 21 2.32 10.27 -9.82
CA PRO A 21 1.46 9.80 -10.91
C PRO A 21 2.13 8.71 -11.74
N GLN A 22 3.46 8.71 -11.75
CA GLN A 22 4.22 7.73 -12.51
C GLN A 22 4.09 6.34 -11.90
N VAL A 23 3.83 6.29 -10.59
CA VAL A 23 3.68 5.03 -9.89
C VAL A 23 2.25 4.51 -9.99
N GLU A 24 2.04 3.27 -9.56
CA GLU A 24 0.72 2.66 -9.61
C GLU A 24 -0.13 3.09 -8.41
N VAL A 25 -1.33 3.56 -8.68
CA VAL A 25 -2.24 4.00 -7.63
C VAL A 25 -3.64 3.43 -7.84
N ARG A 26 -4.15 2.74 -6.84
CA ARG A 26 -5.48 2.14 -6.90
C ARG A 26 -6.20 2.27 -5.57
N VAL A 27 -7.39 2.86 -5.59
CA VAL A 27 -8.19 3.03 -4.38
C VAL A 27 -9.21 1.92 -4.23
N VAL A 28 -9.25 1.32 -3.05
CA VAL A 28 -10.19 0.23 -2.78
C VAL A 28 -11.11 0.59 -1.61
N THR A 29 -12.38 0.20 -1.71
CA THR A 29 -13.36 0.47 -0.68
C THR A 29 -14.09 -0.80 -0.25
N THR A 30 -14.31 -1.69 -1.21
CA THR A 30 -14.99 -2.95 -0.93
C THR A 30 -14.04 -4.14 -1.06
N GLU A 31 -14.44 -5.28 -0.52
CA GLU A 31 -13.62 -6.49 -0.57
C GLU A 31 -13.49 -7.00 -2.00
N GLU A 32 -14.60 -6.95 -2.74
CA GLU A 32 -14.61 -7.40 -4.12
C GLU A 32 -13.68 -6.56 -4.99
N ASP A 33 -13.62 -5.26 -4.69
CA ASP A 33 -12.77 -4.35 -5.44
C ASP A 33 -11.30 -4.72 -5.28
N ALA A 34 -10.86 -4.85 -4.04
CA ALA A 34 -9.47 -5.21 -3.76
C ALA A 34 -9.07 -6.49 -4.48
N LYS A 35 -9.96 -7.47 -4.46
CA LYS A 35 -9.71 -8.75 -5.11
C LYS A 35 -9.33 -8.55 -6.58
N GLN A 36 -10.20 -7.87 -7.32
CA GLN A 36 -9.95 -7.60 -8.74
C GLN A 36 -8.62 -6.89 -8.93
N VAL A 37 -8.25 -6.05 -7.96
CA VAL A 37 -7.01 -5.30 -8.03
C VAL A 37 -5.81 -6.22 -7.85
N VAL A 38 -5.86 -7.07 -6.83
CA VAL A 38 -4.78 -8.01 -6.57
C VAL A 38 -4.37 -8.76 -7.82
N LYS A 39 -5.37 -9.22 -8.57
CA LYS A 39 -5.12 -9.96 -9.80
C LYS A 39 -4.56 -9.05 -10.88
N GLU A 40 -5.10 -7.83 -10.97
CA GLU A 40 -4.66 -6.86 -11.95
C GLU A 40 -3.18 -6.52 -11.76
N VAL A 41 -2.81 -6.22 -10.53
CA VAL A 41 -1.43 -5.88 -10.20
C VAL A 41 -0.51 -7.09 -10.36
N GLN A 42 -1.04 -8.27 -10.06
CA GLN A 42 -0.27 -9.50 -10.17
C GLN A 42 0.25 -9.69 -11.59
N LYS A 43 -0.59 -9.39 -12.57
CA LYS A 43 -0.21 -9.52 -13.97
C LYS A 43 0.74 -8.40 -14.39
N LYS A 44 0.53 -7.22 -13.83
CA LYS A 44 1.38 -6.07 -14.14
C LYS A 44 2.78 -6.26 -13.58
N GLY A 45 2.86 -6.76 -12.36
CA GLY A 45 4.16 -6.99 -11.74
C GLY A 45 4.33 -6.17 -10.46
N VAL A 46 3.57 -6.50 -9.44
CA VAL A 46 3.64 -5.81 -8.16
C VAL A 46 4.38 -6.63 -7.12
N GLN A 47 5.11 -5.94 -6.24
CA GLN A 47 5.86 -6.62 -5.19
C GLN A 47 5.55 -6.02 -3.82
N LYS A 48 5.32 -4.71 -3.79
CA LYS A 48 5.01 -4.03 -2.54
C LYS A 48 3.58 -3.46 -2.58
N VAL A 49 3.02 -3.23 -1.40
CA VAL A 49 1.66 -2.69 -1.30
C VAL A 49 1.49 -1.86 -0.03
N VAL A 50 1.30 -0.56 -0.21
CA VAL A 50 1.12 0.35 0.91
C VAL A 50 -0.31 0.84 1.01
N VAL A 51 -1.05 0.32 1.98
CA VAL A 51 -2.44 0.70 2.18
C VAL A 51 -2.57 1.82 3.20
N VAL A 52 -3.46 2.76 2.95
CA VAL A 52 -3.68 3.88 3.86
C VAL A 52 -5.11 3.90 4.39
N GLY A 53 -5.23 3.96 5.71
CA GLY A 53 -6.55 3.97 6.33
C GLY A 53 -7.32 2.69 6.08
N VAL A 54 -6.60 1.58 5.95
CA VAL A 54 -7.22 0.29 5.71
C VAL A 54 -7.00 -0.65 6.89
N SER A 55 -8.04 -1.44 7.22
CA SER A 55 -7.96 -2.37 8.33
C SER A 55 -6.83 -3.38 8.11
N GLU A 56 -6.16 -3.73 9.20
CA GLU A 56 -5.05 -4.68 9.13
C GLU A 56 -5.56 -6.09 8.83
N LYS A 57 -6.72 -6.44 9.40
CA LYS A 57 -7.30 -7.75 9.19
C LYS A 57 -7.60 -7.98 7.71
N VAL A 58 -7.95 -6.91 7.00
CA VAL A 58 -8.25 -7.00 5.58
C VAL A 58 -6.97 -7.21 4.76
N VAL A 59 -6.02 -6.29 4.91
CA VAL A 59 -4.76 -6.37 4.18
C VAL A 59 -4.00 -7.64 4.56
N GLN A 60 -4.07 -8.01 5.83
CA GLN A 60 -3.39 -9.20 6.31
C GLN A 60 -3.83 -10.43 5.53
N LYS A 61 -5.13 -10.63 5.44
CA LYS A 61 -5.68 -11.78 4.71
C LYS A 61 -5.16 -11.81 3.29
N VAL A 62 -5.53 -10.81 2.50
CA VAL A 62 -5.10 -10.72 1.10
C VAL A 62 -3.59 -10.87 0.99
N LYS A 63 -2.87 -10.18 1.87
CA LYS A 63 -1.41 -10.23 1.87
C LYS A 63 -0.91 -11.68 1.89
N GLN A 64 -1.52 -12.50 2.74
CA GLN A 64 -1.14 -13.90 2.85
C GLN A 64 -1.36 -14.63 1.53
N GLU A 65 -2.52 -14.40 0.92
CA GLU A 65 -2.86 -15.04 -0.35
C GLU A 65 -2.15 -14.34 -1.51
N ALA A 66 -1.43 -13.27 -1.20
CA ALA A 66 -0.71 -12.52 -2.21
C ALA A 66 0.74 -12.97 -2.31
N ASN A 67 1.31 -13.38 -1.17
CA ASN A 67 2.69 -13.84 -1.12
C ASN A 67 3.65 -12.71 -1.47
N VAL A 68 3.42 -11.53 -0.88
CA VAL A 68 4.27 -10.38 -1.12
C VAL A 68 4.43 -9.54 0.15
N GLN A 69 5.29 -8.52 0.08
CA GLN A 69 5.54 -7.65 1.22
C GLN A 69 4.52 -6.50 1.25
N VAL A 70 3.72 -6.45 2.30
CA VAL A 70 2.71 -5.41 2.44
C VAL A 70 3.06 -4.47 3.60
N TYR A 71 2.68 -3.21 3.46
CA TYR A 71 2.95 -2.21 4.49
C TYR A 71 1.73 -1.33 4.74
N ARG A 72 1.58 -0.87 5.97
CA ARG A 72 0.45 0.00 6.33
C ARG A 72 0.92 1.41 6.63
N VAL A 73 0.08 2.40 6.33
CA VAL A 73 0.41 3.79 6.57
C VAL A 73 -0.80 4.56 7.06
N THR A 74 -0.57 5.50 7.98
CA THR A 74 -1.64 6.32 8.55
C THR A 74 -1.49 7.78 8.16
N SER A 75 -0.23 8.21 7.98
CA SER A 75 0.05 9.58 7.61
C SER A 75 0.56 9.67 6.18
N ASN A 76 0.58 10.88 5.63
CA ASN A 76 1.05 11.10 4.27
C ASN A 76 2.55 10.92 4.16
N ASP A 77 3.26 11.27 5.24
CA ASP A 77 4.71 11.14 5.27
C ASP A 77 5.13 9.68 5.23
N GLU A 78 4.25 8.81 5.72
CA GLU A 78 4.53 7.37 5.74
C GLU A 78 4.36 6.76 4.36
N VAL A 79 3.45 7.33 3.58
CA VAL A 79 3.19 6.83 2.22
C VAL A 79 4.35 7.18 1.29
N GLU A 80 4.80 8.43 1.35
CA GLU A 80 5.89 8.89 0.51
C GLU A 80 7.21 8.27 0.95
N GLN A 81 7.33 8.02 2.25
CA GLN A 81 8.55 7.43 2.80
C GLN A 81 8.73 6.00 2.31
N VAL A 82 7.71 5.17 2.53
CA VAL A 82 7.76 3.77 2.11
C VAL A 82 7.93 3.65 0.60
N VAL A 83 7.17 4.46 -0.14
CA VAL A 83 7.25 4.45 -1.60
C VAL A 83 8.61 4.94 -2.09
N LYS A 84 9.08 6.04 -1.51
CA LYS A 84 10.37 6.61 -1.89
C LYS A 84 11.44 5.53 -1.97
N ASP A 85 11.64 4.83 -0.85
CA ASP A 85 12.63 3.75 -0.79
C ASP A 85 12.23 2.58 -1.68
N VAL A 86 10.92 2.44 -1.90
CA VAL A 86 10.40 1.36 -2.73
C VAL A 86 10.60 0.00 -2.06
N LYS A 87 10.10 -0.12 -0.83
CA LYS A 87 10.22 -1.37 -0.08
C LYS A 87 9.56 -1.24 1.29
N GLY A 88 9.75 -0.09 1.92
CA GLY A 88 9.17 0.14 3.23
C GLY A 88 10.10 0.91 4.15
N SER A 89 9.69 1.07 5.41
CA SER A 89 10.50 1.79 6.39
C SER A 89 10.34 1.17 7.78
N GLY A 90 11.23 1.54 8.68
CA GLY A 90 11.18 1.02 10.04
C GLY A 90 11.74 1.98 11.07
N LEU A 91 11.53 3.28 10.82
CA LEU A 91 12.03 4.30 11.73
C LEU A 91 10.92 4.81 12.64
N GLU A 92 11.13 4.68 13.95
CA GLU A 92 10.14 5.14 14.93
C GLU A 92 10.75 5.20 16.32
N HIS A 93 11.51 4.16 16.69
CA HIS A 93 12.15 4.10 17.99
C HIS A 93 13.14 5.25 18.16
N HIS A 94 12.97 6.01 19.25
CA HIS A 94 13.85 7.14 19.53
C HIS A 94 14.71 6.87 20.76
N HIS A 95 15.96 7.29 20.71
CA HIS A 95 16.89 7.10 21.82
C HIS A 95 17.58 8.41 22.19
N HIS A 96 17.52 8.77 23.46
CA HIS A 96 18.14 10.01 23.95
C HIS A 96 19.65 9.93 23.78
N HIS A 97 20.29 11.10 23.70
CA HIS A 97 21.74 11.18 23.55
C HIS A 97 22.22 12.63 23.66
N HIS A 98 21.51 13.54 23.00
CA HIS A 98 21.86 14.95 23.04
C HIS A 98 23.24 15.17 22.42
N GLY A 1 11.86 -3.57 -7.86
CA GLY A 1 11.42 -2.63 -6.84
C GLY A 1 10.06 -2.04 -7.14
N ARG A 2 9.03 -2.88 -7.13
CA ARG A 2 7.67 -2.43 -7.41
C ARG A 2 6.94 -2.08 -6.12
N VAL A 3 6.06 -1.08 -6.20
CA VAL A 3 5.30 -0.64 -5.04
C VAL A 3 3.94 -0.11 -5.45
N VAL A 4 2.94 -0.34 -4.60
CA VAL A 4 1.58 0.13 -4.87
C VAL A 4 0.96 0.77 -3.64
N VAL A 5 0.29 1.90 -3.84
CA VAL A 5 -0.36 2.61 -2.74
C VAL A 5 -1.87 2.39 -2.75
N VAL A 6 -2.40 1.95 -1.62
CA VAL A 6 -3.83 1.69 -1.50
C VAL A 6 -4.47 2.62 -0.47
N VAL A 7 -5.63 3.17 -0.81
CA VAL A 7 -6.34 4.07 0.08
C VAL A 7 -7.78 3.62 0.28
N THR A 8 -8.38 4.03 1.40
CA THR A 8 -9.76 3.67 1.72
C THR A 8 -10.74 4.68 1.11
N SER A 9 -10.24 5.88 0.82
CA SER A 9 -11.07 6.93 0.25
C SER A 9 -10.49 7.41 -1.09
N GLU A 10 -11.37 7.79 -2.00
CA GLU A 10 -10.95 8.27 -3.31
C GLU A 10 -10.15 9.55 -3.19
N GLN A 11 -10.48 10.36 -2.17
CA GLN A 11 -9.79 11.62 -1.94
C GLN A 11 -8.29 11.40 -1.80
N VAL A 12 -7.92 10.46 -0.93
CA VAL A 12 -6.52 10.16 -0.69
C VAL A 12 -5.82 9.71 -1.97
N LYS A 13 -6.52 8.91 -2.78
CA LYS A 13 -5.98 8.42 -4.04
C LYS A 13 -5.56 9.57 -4.94
N GLU A 14 -6.45 10.55 -5.09
CA GLU A 14 -6.17 11.71 -5.92
C GLU A 14 -4.91 12.43 -5.45
N GLU A 15 -4.79 12.60 -4.14
CA GLU A 15 -3.63 13.27 -3.56
C GLU A 15 -2.35 12.47 -3.81
N VAL A 16 -2.47 11.14 -3.72
CA VAL A 16 -1.32 10.27 -3.94
C VAL A 16 -0.89 10.27 -5.41
N ARG A 17 -1.86 10.09 -6.29
CA ARG A 17 -1.60 10.07 -7.72
C ARG A 17 -0.95 11.38 -8.18
N LYS A 18 -1.30 12.47 -7.50
CA LYS A 18 -0.76 13.79 -7.84
C LYS A 18 0.68 13.90 -7.38
N LYS A 19 0.97 13.39 -6.19
CA LYS A 19 2.33 13.44 -5.64
C LYS A 19 3.27 12.55 -6.45
N PHE A 20 2.79 11.35 -6.80
CA PHE A 20 3.59 10.41 -7.57
C PHE A 20 2.73 9.67 -8.59
N PRO A 21 2.43 10.35 -9.70
CA PRO A 21 1.61 9.77 -10.78
C PRO A 21 2.33 8.67 -11.53
N GLN A 22 3.67 8.69 -11.48
CA GLN A 22 4.47 7.69 -12.16
C GLN A 22 4.34 6.32 -11.48
N VAL A 23 4.04 6.35 -10.18
CA VAL A 23 3.88 5.11 -9.42
C VAL A 23 2.47 4.54 -9.58
N GLU A 24 2.31 3.29 -9.17
CA GLU A 24 1.01 2.62 -9.28
C GLU A 24 0.11 3.01 -8.10
N VAL A 25 -1.13 3.37 -8.41
CA VAL A 25 -2.09 3.77 -7.39
C VAL A 25 -3.43 3.07 -7.59
N ARG A 26 -3.90 2.39 -6.55
CA ARG A 26 -5.18 1.67 -6.62
C ARG A 26 -5.98 1.86 -5.34
N VAL A 27 -7.15 2.48 -5.46
CA VAL A 27 -8.02 2.72 -4.31
C VAL A 27 -9.04 1.60 -4.14
N VAL A 28 -9.11 1.05 -2.94
CA VAL A 28 -10.04 -0.03 -2.65
C VAL A 28 -10.90 0.29 -1.43
N THR A 29 -12.19 -0.02 -1.52
CA THR A 29 -13.11 0.24 -0.42
C THR A 29 -13.84 -1.03 -0.01
N THR A 30 -14.08 -1.91 -0.97
CA THR A 30 -14.78 -3.17 -0.70
C THR A 30 -13.85 -4.36 -0.91
N GLU A 31 -14.29 -5.53 -0.44
CA GLU A 31 -13.49 -6.74 -0.56
C GLU A 31 -13.41 -7.18 -2.03
N GLU A 32 -14.54 -7.13 -2.73
CA GLU A 32 -14.58 -7.52 -4.13
C GLU A 32 -13.69 -6.63 -4.98
N ASP A 33 -13.65 -5.34 -4.63
CA ASP A 33 -12.83 -4.38 -5.36
C ASP A 33 -11.36 -4.72 -5.25
N ALA A 34 -10.88 -4.88 -4.01
CA ALA A 34 -9.49 -5.21 -3.77
C ALA A 34 -9.08 -6.45 -4.54
N LYS A 35 -9.95 -7.45 -4.57
CA LYS A 35 -9.68 -8.69 -5.27
C LYS A 35 -9.34 -8.43 -6.73
N GLN A 36 -10.24 -7.73 -7.43
CA GLN A 36 -10.04 -7.42 -8.83
C GLN A 36 -8.71 -6.71 -9.05
N VAL A 37 -8.34 -5.86 -8.10
CA VAL A 37 -7.07 -5.12 -8.18
C VAL A 37 -5.88 -6.05 -8.00
N VAL A 38 -5.97 -6.94 -7.02
CA VAL A 38 -4.89 -7.89 -6.75
C VAL A 38 -4.46 -8.61 -8.01
N LYS A 39 -5.43 -9.04 -8.81
CA LYS A 39 -5.15 -9.74 -10.06
C LYS A 39 -4.60 -8.78 -11.10
N GLU A 40 -5.17 -7.59 -11.17
CA GLU A 40 -4.73 -6.57 -12.13
C GLU A 40 -3.25 -6.23 -11.90
N VAL A 41 -2.91 -5.97 -10.65
CA VAL A 41 -1.53 -5.61 -10.30
C VAL A 41 -0.59 -6.81 -10.47
N GLN A 42 -1.12 -8.01 -10.23
CA GLN A 42 -0.34 -9.23 -10.36
C GLN A 42 0.23 -9.37 -11.78
N LYS A 43 -0.59 -9.03 -12.77
CA LYS A 43 -0.17 -9.11 -14.17
C LYS A 43 0.75 -7.95 -14.52
N LYS A 44 0.52 -6.80 -13.91
CA LYS A 44 1.34 -5.62 -14.16
C LYS A 44 2.75 -5.80 -13.60
N GLY A 45 2.82 -6.26 -12.35
CA GLY A 45 4.11 -6.46 -11.72
C GLY A 45 4.24 -5.72 -10.41
N VAL A 46 3.46 -6.12 -9.41
CA VAL A 46 3.48 -5.47 -8.10
C VAL A 46 4.34 -6.26 -7.11
N GLN A 47 5.02 -5.55 -6.24
CA GLN A 47 5.88 -6.19 -5.24
C GLN A 47 5.57 -5.67 -3.83
N LYS A 48 5.27 -4.38 -3.74
CA LYS A 48 4.96 -3.76 -2.46
C LYS A 48 3.52 -3.24 -2.45
N VAL A 49 2.97 -3.06 -1.26
CA VAL A 49 1.61 -2.58 -1.11
C VAL A 49 1.43 -1.80 0.19
N VAL A 50 1.21 -0.49 0.06
CA VAL A 50 1.04 0.37 1.23
C VAL A 50 -0.40 0.86 1.33
N VAL A 51 -1.16 0.25 2.23
CA VAL A 51 -2.56 0.63 2.43
C VAL A 51 -2.68 1.75 3.46
N VAL A 52 -3.58 2.69 3.20
CA VAL A 52 -3.80 3.81 4.11
C VAL A 52 -5.23 3.81 4.64
N GLY A 53 -5.35 3.86 5.96
CA GLY A 53 -6.66 3.86 6.59
C GLY A 53 -7.38 2.53 6.45
N VAL A 54 -6.64 1.50 6.04
CA VAL A 54 -7.21 0.17 5.86
C VAL A 54 -6.98 -0.69 7.10
N SER A 55 -7.95 -1.53 7.43
CA SER A 55 -7.86 -2.41 8.58
C SER A 55 -6.75 -3.44 8.39
N GLU A 56 -6.11 -3.83 9.48
CA GLU A 56 -5.04 -4.81 9.43
C GLU A 56 -5.58 -6.21 9.09
N LYS A 57 -6.75 -6.52 9.63
CA LYS A 57 -7.39 -7.81 9.39
C LYS A 57 -7.71 -7.99 7.91
N VAL A 58 -8.01 -6.89 7.24
CA VAL A 58 -8.33 -6.93 5.81
C VAL A 58 -7.09 -7.17 4.98
N VAL A 59 -6.10 -6.29 5.13
CA VAL A 59 -4.85 -6.41 4.39
C VAL A 59 -4.13 -7.70 4.74
N GLN A 60 -4.23 -8.11 5.99
CA GLN A 60 -3.58 -9.33 6.46
C GLN A 60 -4.04 -10.54 5.64
N LYS A 61 -5.36 -10.70 5.52
CA LYS A 61 -5.93 -11.81 4.77
C LYS A 61 -5.42 -11.81 3.33
N VAL A 62 -5.76 -10.75 2.59
CA VAL A 62 -5.32 -10.63 1.20
C VAL A 62 -3.82 -10.84 1.07
N LYS A 63 -3.05 -10.16 1.91
CA LYS A 63 -1.60 -10.27 1.89
C LYS A 63 -1.16 -11.73 1.96
N GLN A 64 -1.86 -12.50 2.79
CA GLN A 64 -1.54 -13.92 2.95
C GLN A 64 -1.71 -14.67 1.63
N GLU A 65 -2.84 -14.41 0.96
CA GLU A 65 -3.13 -15.06 -0.31
C GLU A 65 -2.43 -14.35 -1.46
N ALA A 66 -1.71 -13.28 -1.14
CA ALA A 66 -1.00 -12.51 -2.14
C ALA A 66 0.44 -12.99 -2.28
N ASN A 67 1.03 -13.43 -1.18
CA ASN A 67 2.40 -13.92 -1.18
C ASN A 67 3.38 -12.82 -1.57
N VAL A 68 3.15 -11.62 -1.03
CA VAL A 68 4.01 -10.48 -1.31
C VAL A 68 4.23 -9.62 -0.07
N GLN A 69 5.09 -8.62 -0.19
CA GLN A 69 5.39 -7.74 0.92
C GLN A 69 4.37 -6.60 1.01
N VAL A 70 3.62 -6.57 2.11
CA VAL A 70 2.60 -5.54 2.31
C VAL A 70 2.89 -4.73 3.57
N TYR A 71 2.45 -3.48 3.57
CA TYR A 71 2.66 -2.60 4.72
C TYR A 71 1.47 -1.66 4.90
N ARG A 72 1.32 -1.13 6.11
CA ARG A 72 0.23 -0.22 6.42
C ARG A 72 0.76 1.16 6.78
N VAL A 73 -0.06 2.19 6.55
CA VAL A 73 0.33 3.56 6.84
C VAL A 73 -0.87 4.38 7.31
N THR A 74 -0.61 5.36 8.16
CA THR A 74 -1.68 6.22 8.68
C THR A 74 -1.49 7.66 8.22
N SER A 75 -0.24 8.04 7.97
CA SER A 75 0.08 9.39 7.53
C SER A 75 0.53 9.40 6.07
N ASN A 76 0.45 10.56 5.44
CA ASN A 76 0.86 10.69 4.04
C ASN A 76 2.37 10.60 3.91
N ASP A 77 3.09 11.03 4.93
CA ASP A 77 4.55 10.99 4.93
C ASP A 77 5.05 9.56 4.81
N GLU A 78 4.24 8.62 5.28
CA GLU A 78 4.61 7.21 5.23
C GLU A 78 4.45 6.65 3.81
N VAL A 79 3.50 7.21 3.07
CA VAL A 79 3.24 6.78 1.70
C VAL A 79 4.38 7.19 0.77
N GLU A 80 4.73 8.48 0.82
CA GLU A 80 5.80 9.00 -0.02
C GLU A 80 7.14 8.42 0.38
N GLN A 81 7.29 8.13 1.67
CA GLN A 81 8.53 7.57 2.21
C GLN A 81 8.76 6.17 1.68
N VAL A 82 7.76 5.31 1.83
CA VAL A 82 7.85 3.93 1.36
C VAL A 82 8.20 3.87 -0.12
N VAL A 83 7.44 4.62 -0.93
CA VAL A 83 7.67 4.65 -2.37
C VAL A 83 9.01 5.30 -2.70
N LYS A 84 9.35 6.35 -1.96
CA LYS A 84 10.61 7.06 -2.17
C LYS A 84 11.78 6.08 -2.27
N ASP A 85 12.06 5.38 -1.18
CA ASP A 85 13.15 4.42 -1.16
C ASP A 85 12.83 3.20 -2.03
N VAL A 86 11.54 2.91 -2.17
CA VAL A 86 11.09 1.78 -2.97
C VAL A 86 11.43 0.46 -2.29
N LYS A 87 12.71 0.13 -2.25
CA LYS A 87 13.16 -1.12 -1.62
C LYS A 87 13.56 -0.88 -0.18
N GLY A 88 12.90 -1.58 0.74
CA GLY A 88 13.21 -1.43 2.15
C GLY A 88 12.18 -2.10 3.04
N SER A 89 12.64 -2.67 4.15
CA SER A 89 11.75 -3.36 5.08
C SER A 89 10.97 -2.35 5.92
N GLY A 90 11.69 -1.48 6.63
CA GLY A 90 11.04 -0.49 7.46
C GLY A 90 11.92 -0.02 8.60
N LEU A 91 12.24 1.26 8.62
CA LEU A 91 13.08 1.84 9.66
C LEU A 91 12.34 2.91 10.44
N GLU A 92 12.51 2.91 11.76
CA GLU A 92 11.86 3.90 12.61
C GLU A 92 12.88 4.81 13.27
N HIS A 93 13.75 4.24 14.08
CA HIS A 93 14.79 5.01 14.77
C HIS A 93 14.17 6.14 15.57
N HIS A 94 13.33 5.78 16.55
CA HIS A 94 12.68 6.77 17.39
C HIS A 94 12.43 6.22 18.80
N HIS A 95 13.13 6.77 19.78
CA HIS A 95 12.98 6.34 21.17
C HIS A 95 11.81 7.04 21.84
N HIS A 96 11.06 6.29 22.65
CA HIS A 96 9.91 6.84 23.35
C HIS A 96 10.30 7.25 24.78
N HIS A 97 9.36 7.90 25.48
CA HIS A 97 9.60 8.33 26.85
C HIS A 97 8.86 7.44 27.84
N HIS A 98 7.56 7.24 27.60
CA HIS A 98 6.73 6.41 28.47
C HIS A 98 6.57 5.01 27.89
N GLY A 1 12.77 -1.30 -6.95
CA GLY A 1 11.69 -2.24 -6.75
C GLY A 1 10.33 -1.65 -7.07
N ARG A 2 9.30 -2.48 -7.09
CA ARG A 2 7.95 -2.03 -7.38
C ARG A 2 7.20 -1.71 -6.09
N VAL A 3 6.28 -0.75 -6.18
CA VAL A 3 5.49 -0.34 -5.02
C VAL A 3 4.13 0.19 -5.44
N VAL A 4 3.13 -0.02 -4.60
CA VAL A 4 1.78 0.46 -4.89
C VAL A 4 1.17 1.16 -3.68
N VAL A 5 0.44 2.24 -3.93
CA VAL A 5 -0.19 3.00 -2.86
C VAL A 5 -1.71 2.82 -2.89
N VAL A 6 -2.28 2.47 -1.74
CA VAL A 6 -3.72 2.27 -1.62
C VAL A 6 -4.29 3.04 -0.44
N VAL A 7 -5.51 3.53 -0.59
CA VAL A 7 -6.19 4.28 0.47
C VAL A 7 -7.64 3.85 0.62
N THR A 8 -8.33 4.45 1.59
CA THR A 8 -9.73 4.12 1.84
C THR A 8 -10.64 5.09 1.10
N SER A 9 -10.10 6.23 0.69
CA SER A 9 -10.87 7.24 -0.02
C SER A 9 -10.26 7.53 -1.39
N GLU A 10 -11.11 7.85 -2.35
CA GLU A 10 -10.66 8.15 -3.71
C GLU A 10 -9.90 9.48 -3.75
N GLN A 11 -10.24 10.38 -2.85
CA GLN A 11 -9.59 11.68 -2.77
C GLN A 11 -8.10 11.54 -2.52
N VAL A 12 -7.75 10.77 -1.49
CA VAL A 12 -6.36 10.54 -1.13
C VAL A 12 -5.60 9.88 -2.28
N LYS A 13 -6.23 8.90 -2.90
CA LYS A 13 -5.62 8.18 -4.02
C LYS A 13 -5.25 9.13 -5.14
N GLU A 14 -6.17 10.04 -5.47
CA GLU A 14 -5.94 11.02 -6.53
C GLU A 14 -4.67 11.82 -6.26
N GLU A 15 -4.53 12.29 -5.02
CA GLU A 15 -3.36 13.07 -4.64
C GLU A 15 -2.08 12.26 -4.78
N VAL A 16 -2.19 10.95 -4.53
CA VAL A 16 -1.04 10.06 -4.63
C VAL A 16 -0.71 9.75 -6.09
N ARG A 17 -1.75 9.53 -6.89
CA ARG A 17 -1.57 9.23 -8.30
C ARG A 17 -0.93 10.40 -9.04
N LYS A 18 -1.24 11.62 -8.59
CA LYS A 18 -0.70 12.82 -9.20
C LYS A 18 0.71 13.10 -8.71
N LYS A 19 0.98 12.73 -7.46
CA LYS A 19 2.30 12.94 -6.88
C LYS A 19 3.32 11.96 -7.46
N PHE A 20 2.91 10.70 -7.58
CA PHE A 20 3.79 9.67 -8.14
C PHE A 20 3.06 8.82 -9.17
N PRO A 21 2.90 9.38 -10.38
CA PRO A 21 2.22 8.70 -11.48
C PRO A 21 3.02 7.51 -12.02
N GLN A 22 4.33 7.53 -11.77
CA GLN A 22 5.20 6.46 -12.24
C GLN A 22 4.87 5.14 -11.52
N VAL A 23 4.36 5.25 -10.31
CA VAL A 23 4.00 4.07 -9.52
C VAL A 23 2.51 3.77 -9.64
N GLU A 24 2.15 2.52 -9.39
CA GLU A 24 0.76 2.09 -9.47
C GLU A 24 -0.01 2.53 -8.22
N VAL A 25 -1.21 3.06 -8.43
CA VAL A 25 -2.05 3.52 -7.32
C VAL A 25 -3.48 3.00 -7.48
N ARG A 26 -3.98 2.33 -6.45
CA ARG A 26 -5.33 1.78 -6.46
C ARG A 26 -6.01 1.96 -5.11
N VAL A 27 -7.19 2.57 -5.11
CA VAL A 27 -7.94 2.79 -3.89
C VAL A 27 -8.91 1.65 -3.61
N VAL A 28 -8.91 1.18 -2.37
CA VAL A 28 -9.78 0.08 -1.97
C VAL A 28 -10.61 0.46 -0.75
N THR A 29 -11.90 0.11 -0.79
CA THR A 29 -12.81 0.42 0.31
C THR A 29 -13.51 -0.84 0.80
N THR A 30 -13.78 -1.77 -0.12
CA THR A 30 -14.45 -3.01 0.21
C THR A 30 -13.57 -4.21 -0.09
N GLU A 31 -14.02 -5.39 0.33
CA GLU A 31 -13.27 -6.62 0.09
C GLU A 31 -13.20 -6.94 -1.39
N GLU A 32 -14.31 -6.74 -2.09
CA GLU A 32 -14.38 -7.01 -3.52
C GLU A 32 -13.45 -6.07 -4.29
N ASP A 33 -13.41 -4.80 -3.87
CA ASP A 33 -12.57 -3.81 -4.52
C ASP A 33 -11.10 -4.22 -4.47
N ALA A 34 -10.61 -4.48 -3.26
CA ALA A 34 -9.22 -4.89 -3.07
C ALA A 34 -8.87 -6.08 -3.95
N LYS A 35 -9.78 -7.05 -4.02
CA LYS A 35 -9.57 -8.25 -4.82
C LYS A 35 -9.20 -7.88 -6.26
N GLN A 36 -10.05 -7.08 -6.89
CA GLN A 36 -9.81 -6.66 -8.26
C GLN A 36 -8.48 -5.92 -8.38
N VAL A 37 -8.11 -5.22 -7.32
CA VAL A 37 -6.85 -4.47 -7.31
C VAL A 37 -5.66 -5.41 -7.25
N VAL A 38 -5.69 -6.35 -6.31
CA VAL A 38 -4.60 -7.31 -6.15
C VAL A 38 -4.26 -7.98 -7.48
N LYS A 39 -5.28 -8.35 -8.23
CA LYS A 39 -5.09 -9.00 -9.52
C LYS A 39 -4.54 -8.01 -10.55
N GLU A 40 -5.05 -6.78 -10.52
CA GLU A 40 -4.60 -5.76 -11.44
C GLU A 40 -3.10 -5.50 -11.29
N VAL A 41 -2.66 -5.32 -10.06
CA VAL A 41 -1.24 -5.08 -9.78
C VAL A 41 -0.41 -6.32 -10.05
N GLN A 42 -0.98 -7.49 -9.78
CA GLN A 42 -0.28 -8.76 -9.99
C GLN A 42 0.17 -8.88 -11.45
N LYS A 43 -0.68 -8.46 -12.37
CA LYS A 43 -0.37 -8.52 -13.80
C LYS A 43 0.58 -7.40 -14.19
N LYS A 44 0.42 -6.23 -13.57
CA LYS A 44 1.26 -5.09 -13.85
C LYS A 44 2.70 -5.33 -13.39
N GLY A 45 2.83 -5.98 -12.23
CA GLY A 45 4.15 -6.27 -11.71
C GLY A 45 4.45 -5.49 -10.44
N VAL A 46 3.74 -5.84 -9.36
CA VAL A 46 3.94 -5.18 -8.07
C VAL A 46 4.82 -6.00 -7.15
N GLN A 47 5.64 -5.31 -6.36
CA GLN A 47 6.54 -5.98 -5.43
C GLN A 47 6.13 -5.71 -3.98
N LYS A 48 5.57 -4.52 -3.74
CA LYS A 48 5.14 -4.14 -2.41
C LYS A 48 3.86 -3.32 -2.47
N VAL A 49 2.79 -3.84 -1.88
CA VAL A 49 1.50 -3.15 -1.86
C VAL A 49 1.29 -2.42 -0.55
N VAL A 50 0.97 -1.13 -0.64
CA VAL A 50 0.74 -0.32 0.54
C VAL A 50 -0.72 0.14 0.62
N VAL A 51 -1.25 0.19 1.84
CA VAL A 51 -2.63 0.61 2.05
C VAL A 51 -2.73 1.61 3.20
N VAL A 52 -3.67 2.54 3.08
CA VAL A 52 -3.86 3.55 4.11
C VAL A 52 -5.30 3.51 4.64
N GLY A 53 -5.43 3.60 5.96
CA GLY A 53 -6.74 3.58 6.58
C GLY A 53 -7.48 2.28 6.31
N VAL A 54 -6.73 1.19 6.15
CA VAL A 54 -7.33 -0.10 5.89
C VAL A 54 -7.06 -1.08 7.04
N SER A 55 -8.06 -1.90 7.36
CA SER A 55 -7.93 -2.86 8.44
C SER A 55 -6.81 -3.86 8.15
N GLU A 56 -6.06 -4.21 9.19
CA GLU A 56 -4.95 -5.15 9.05
C GLU A 56 -5.47 -6.55 8.77
N LYS A 57 -6.57 -6.92 9.41
CA LYS A 57 -7.16 -8.24 9.23
C LYS A 57 -7.55 -8.45 7.77
N VAL A 58 -7.96 -7.38 7.10
CA VAL A 58 -8.36 -7.46 5.70
C VAL A 58 -7.15 -7.65 4.79
N VAL A 59 -6.19 -6.74 4.89
CA VAL A 59 -4.98 -6.81 4.08
C VAL A 59 -4.18 -8.07 4.40
N GLN A 60 -4.17 -8.45 5.66
CA GLN A 60 -3.44 -9.64 6.09
C GLN A 60 -3.92 -10.87 5.35
N LYS A 61 -5.23 -11.07 5.32
CA LYS A 61 -5.83 -12.21 4.64
C LYS A 61 -5.43 -12.23 3.17
N VAL A 62 -5.86 -11.22 2.43
CA VAL A 62 -5.54 -11.11 1.01
C VAL A 62 -4.05 -11.27 0.77
N LYS A 63 -3.25 -10.56 1.55
CA LYS A 63 -1.80 -10.61 1.43
C LYS A 63 -1.31 -12.06 1.45
N GLN A 64 -1.90 -12.87 2.32
CA GLN A 64 -1.53 -14.27 2.43
C GLN A 64 -1.82 -15.03 1.13
N GLU A 65 -3.01 -14.80 0.59
CA GLU A 65 -3.42 -15.45 -0.65
C GLU A 65 -2.82 -14.74 -1.87
N ALA A 66 -2.09 -13.66 -1.61
CA ALA A 66 -1.47 -12.89 -2.68
C ALA A 66 0.00 -13.25 -2.84
N ASN A 67 0.62 -13.68 -1.75
CA ASN A 67 2.03 -14.06 -1.76
C ASN A 67 2.91 -12.84 -2.03
N VAL A 68 2.63 -11.74 -1.33
CA VAL A 68 3.40 -10.52 -1.49
C VAL A 68 3.56 -9.78 -0.17
N GLN A 69 4.37 -8.73 -0.17
CA GLN A 69 4.60 -7.95 1.04
C GLN A 69 3.58 -6.83 1.18
N VAL A 70 2.83 -6.86 2.28
CA VAL A 70 1.81 -5.85 2.53
C VAL A 70 2.33 -4.78 3.49
N TYR A 71 2.10 -3.51 3.13
CA TYR A 71 2.54 -2.40 3.97
C TYR A 71 1.36 -1.55 4.41
N ARG A 72 1.28 -1.30 5.72
CA ARG A 72 0.19 -0.50 6.28
C ARG A 72 0.65 0.94 6.53
N VAL A 73 -0.25 1.89 6.28
CA VAL A 73 0.06 3.30 6.49
C VAL A 73 -0.71 3.86 7.66
N THR A 74 -0.05 4.71 8.45
CA THR A 74 -0.68 5.32 9.62
C THR A 74 -0.80 6.83 9.44
N SER A 75 0.00 7.38 8.54
CA SER A 75 -0.01 8.81 8.28
C SER A 75 0.50 9.12 6.87
N ASN A 76 0.18 10.31 6.38
CA ASN A 76 0.61 10.73 5.04
C ASN A 76 2.12 10.58 4.90
N ASP A 77 2.85 10.81 5.98
CA ASP A 77 4.30 10.70 5.98
C ASP A 77 4.73 9.30 5.57
N GLU A 78 3.90 8.31 5.86
CA GLU A 78 4.20 6.92 5.53
C GLU A 78 3.99 6.67 4.04
N VAL A 79 3.06 7.41 3.43
CA VAL A 79 2.77 7.26 2.02
C VAL A 79 3.92 7.78 1.16
N GLU A 80 4.32 9.02 1.41
CA GLU A 80 5.41 9.63 0.65
C GLU A 80 6.74 8.94 0.97
N GLN A 81 6.88 8.47 2.20
CA GLN A 81 8.10 7.80 2.63
C GLN A 81 8.30 6.50 1.86
N VAL A 82 7.28 5.64 1.86
CA VAL A 82 7.35 4.37 1.15
C VAL A 82 7.60 4.58 -0.34
N VAL A 83 6.81 5.45 -0.95
CA VAL A 83 6.95 5.74 -2.37
C VAL A 83 8.33 6.34 -2.67
N LYS A 84 8.74 7.30 -1.85
CA LYS A 84 10.03 7.95 -2.03
C LYS A 84 11.13 6.93 -2.27
N ASP A 85 11.40 6.12 -1.25
CA ASP A 85 12.43 5.09 -1.34
C ASP A 85 12.01 3.98 -2.32
N VAL A 86 10.71 3.86 -2.53
CA VAL A 86 10.18 2.84 -3.43
C VAL A 86 10.43 1.44 -2.89
N LYS A 87 9.87 1.14 -1.73
CA LYS A 87 10.03 -0.16 -1.11
C LYS A 87 9.26 -0.25 0.20
N GLY A 88 9.60 0.64 1.14
CA GLY A 88 8.94 0.65 2.42
C GLY A 88 9.84 0.25 3.55
N SER A 89 10.24 1.23 4.37
CA SER A 89 11.13 0.96 5.50
C SER A 89 10.50 -0.03 6.47
N GLY A 90 9.42 0.38 7.12
CA GLY A 90 8.74 -0.48 8.07
C GLY A 90 9.64 -0.89 9.23
N LEU A 91 10.45 0.05 9.71
CA LEU A 91 11.36 -0.23 10.81
C LEU A 91 11.87 1.07 11.43
N GLU A 92 11.79 1.17 12.75
CA GLU A 92 12.25 2.35 13.46
C GLU A 92 11.57 3.61 12.92
N HIS A 93 10.26 3.72 13.17
CA HIS A 93 9.49 4.87 12.71
C HIS A 93 9.69 6.06 13.64
N HIS A 94 9.12 7.20 13.26
CA HIS A 94 9.24 8.41 14.06
C HIS A 94 7.92 9.19 14.06
N HIS A 95 7.41 9.48 15.25
CA HIS A 95 6.16 10.22 15.39
C HIS A 95 6.37 11.49 16.20
N HIS A 96 6.04 12.63 15.59
CA HIS A 96 6.18 13.93 16.27
C HIS A 96 7.63 14.15 16.68
N HIS A 97 7.87 15.23 17.43
CA HIS A 97 9.21 15.56 17.89
C HIS A 97 9.31 15.37 19.41
N HIS A 98 10.53 15.12 19.88
CA HIS A 98 10.77 14.92 21.30
C HIS A 98 10.62 16.24 22.07
N GLY A 1 12.24 -1.88 -6.79
CA GLY A 1 11.15 -2.80 -6.48
C GLY A 1 9.79 -2.22 -6.81
N ARG A 2 8.80 -3.09 -6.95
CA ARG A 2 7.45 -2.66 -7.27
C ARG A 2 6.63 -2.42 -6.01
N VAL A 3 5.68 -1.50 -6.08
CA VAL A 3 4.83 -1.18 -4.94
C VAL A 3 3.53 -0.51 -5.39
N VAL A 4 2.48 -0.68 -4.59
CA VAL A 4 1.18 -0.09 -4.91
C VAL A 4 0.58 0.59 -3.68
N VAL A 5 0.13 1.83 -3.86
CA VAL A 5 -0.47 2.58 -2.78
C VAL A 5 -1.99 2.46 -2.79
N VAL A 6 -2.56 2.01 -1.67
CA VAL A 6 -4.00 1.84 -1.55
C VAL A 6 -4.58 2.78 -0.51
N VAL A 7 -5.72 3.38 -0.82
CA VAL A 7 -6.38 4.30 0.09
C VAL A 7 -7.85 3.93 0.31
N THR A 8 -8.40 4.35 1.43
CA THR A 8 -9.79 4.06 1.75
C THR A 8 -10.73 5.12 1.17
N SER A 9 -10.18 6.29 0.88
CA SER A 9 -10.96 7.39 0.33
C SER A 9 -10.40 7.85 -1.00
N GLU A 10 -11.28 8.27 -1.90
CA GLU A 10 -10.85 8.74 -3.22
C GLU A 10 -9.98 9.99 -3.10
N GLN A 11 -10.26 10.80 -2.08
CA GLN A 11 -9.50 12.03 -1.86
C GLN A 11 -8.01 11.73 -1.74
N VAL A 12 -7.67 10.75 -0.90
CA VAL A 12 -6.27 10.37 -0.70
C VAL A 12 -5.65 9.86 -2.00
N LYS A 13 -6.44 9.14 -2.78
CA LYS A 13 -5.97 8.59 -4.05
C LYS A 13 -5.49 9.70 -4.98
N GLU A 14 -6.32 10.72 -5.14
CA GLU A 14 -5.99 11.85 -6.00
C GLU A 14 -4.70 12.52 -5.56
N GLU A 15 -4.55 12.69 -4.24
CA GLU A 15 -3.35 13.30 -3.68
C GLU A 15 -2.12 12.45 -3.94
N VAL A 16 -2.28 11.13 -3.85
CA VAL A 16 -1.19 10.19 -4.09
C VAL A 16 -0.81 10.16 -5.56
N ARG A 17 -1.79 9.98 -6.42
CA ARG A 17 -1.57 9.92 -7.86
C ARG A 17 -0.87 11.18 -8.34
N LYS A 18 -1.16 12.30 -7.69
CA LYS A 18 -0.57 13.58 -8.06
C LYS A 18 0.89 13.66 -7.61
N LYS A 19 1.16 13.15 -6.42
CA LYS A 19 2.52 13.14 -5.88
C LYS A 19 3.43 12.22 -6.69
N PHE A 20 2.92 11.04 -7.03
CA PHE A 20 3.68 10.07 -7.80
C PHE A 20 2.80 9.36 -8.81
N PRO A 21 2.50 10.03 -9.92
CA PRO A 21 1.65 9.47 -10.99
C PRO A 21 2.34 8.35 -11.74
N GLN A 22 3.67 8.34 -11.71
CA GLN A 22 4.44 7.30 -12.39
C GLN A 22 4.30 5.97 -11.68
N VAL A 23 4.03 6.01 -10.39
CA VAL A 23 3.86 4.80 -9.59
C VAL A 23 2.45 4.24 -9.73
N GLU A 24 2.25 3.02 -9.25
CA GLU A 24 0.95 2.37 -9.31
C GLU A 24 0.05 2.83 -8.15
N VAL A 25 -1.16 3.25 -8.49
CA VAL A 25 -2.11 3.71 -7.48
C VAL A 25 -3.48 3.07 -7.69
N ARG A 26 -3.99 2.43 -6.65
CA ARG A 26 -5.29 1.78 -6.71
C ARG A 26 -6.05 1.97 -5.40
N VAL A 27 -7.22 2.63 -5.50
CA VAL A 27 -8.05 2.88 -4.33
C VAL A 27 -9.08 1.76 -4.14
N VAL A 28 -9.19 1.28 -2.90
CA VAL A 28 -10.14 0.21 -2.59
C VAL A 28 -11.05 0.61 -1.43
N THR A 29 -12.32 0.23 -1.53
CA THR A 29 -13.30 0.56 -0.50
C THR A 29 -13.96 -0.70 0.05
N THR A 30 -14.13 -1.70 -0.82
CA THR A 30 -14.75 -2.96 -0.43
C THR A 30 -13.79 -4.13 -0.64
N GLU A 31 -14.18 -5.30 -0.15
CA GLU A 31 -13.36 -6.50 -0.29
C GLU A 31 -13.26 -6.92 -1.76
N GLU A 32 -14.34 -6.72 -2.49
CA GLU A 32 -14.38 -7.07 -3.91
C GLU A 32 -13.49 -6.14 -4.74
N ASP A 33 -13.46 -4.88 -4.34
CA ASP A 33 -12.65 -3.88 -5.04
C ASP A 33 -11.16 -4.22 -4.95
N ALA A 34 -10.69 -4.40 -3.72
CA ALA A 34 -9.28 -4.73 -3.50
C ALA A 34 -8.90 -6.02 -4.21
N LYS A 35 -9.80 -7.01 -4.18
CA LYS A 35 -9.56 -8.29 -4.83
C LYS A 35 -9.19 -8.10 -6.29
N GLN A 36 -10.03 -7.38 -7.02
CA GLN A 36 -9.79 -7.12 -8.44
C GLN A 36 -8.49 -6.36 -8.64
N VAL A 37 -8.15 -5.51 -7.67
CA VAL A 37 -6.93 -4.71 -7.74
C VAL A 37 -5.70 -5.59 -7.58
N VAL A 38 -5.68 -6.39 -6.51
CA VAL A 38 -4.55 -7.28 -6.25
C VAL A 38 -4.22 -8.13 -7.47
N LYS A 39 -5.25 -8.67 -8.11
CA LYS A 39 -5.06 -9.50 -9.30
C LYS A 39 -4.49 -8.66 -10.45
N GLU A 40 -4.99 -7.45 -10.60
CA GLU A 40 -4.52 -6.56 -11.65
C GLU A 40 -3.02 -6.30 -11.53
N VAL A 41 -2.58 -5.90 -10.34
CA VAL A 41 -1.17 -5.62 -10.10
C VAL A 41 -0.36 -6.91 -10.10
N GLN A 42 -0.96 -7.99 -9.60
CA GLN A 42 -0.28 -9.28 -9.54
C GLN A 42 0.18 -9.72 -10.93
N LYS A 43 -0.64 -9.42 -11.94
CA LYS A 43 -0.32 -9.78 -13.31
C LYS A 43 0.70 -8.83 -13.91
N LYS A 44 0.61 -7.55 -13.52
CA LYS A 44 1.53 -6.54 -14.01
C LYS A 44 2.94 -6.76 -13.45
N GLY A 45 3.01 -7.25 -12.22
CA GLY A 45 4.29 -7.49 -11.59
C GLY A 45 4.52 -6.62 -10.37
N VAL A 46 3.72 -6.85 -9.32
CA VAL A 46 3.83 -6.08 -8.09
C VAL A 46 4.82 -6.73 -7.13
N GLN A 47 5.32 -5.94 -6.17
CA GLN A 47 6.27 -6.44 -5.20
C GLN A 47 5.83 -6.08 -3.77
N LYS A 48 5.29 -4.88 -3.61
CA LYS A 48 4.83 -4.41 -2.32
C LYS A 48 3.48 -3.71 -2.43
N VAL A 49 2.95 -3.28 -1.29
CA VAL A 49 1.67 -2.59 -1.27
C VAL A 49 1.47 -1.83 0.04
N VAL A 50 1.21 -0.53 -0.06
CA VAL A 50 1.00 0.30 1.11
C VAL A 50 -0.44 0.81 1.18
N VAL A 51 -1.23 0.23 2.06
CA VAL A 51 -2.63 0.63 2.23
C VAL A 51 -2.77 1.68 3.32
N VAL A 52 -3.72 2.59 3.13
CA VAL A 52 -3.97 3.65 4.11
C VAL A 52 -5.40 3.59 4.63
N GLY A 53 -5.54 3.62 5.95
CA GLY A 53 -6.86 3.57 6.55
C GLY A 53 -7.54 2.23 6.36
N VAL A 54 -6.79 1.26 5.87
CA VAL A 54 -7.33 -0.08 5.63
C VAL A 54 -7.02 -1.01 6.79
N SER A 55 -7.95 -1.93 7.07
CA SER A 55 -7.78 -2.88 8.16
C SER A 55 -6.64 -3.84 7.88
N GLU A 56 -5.89 -4.18 8.91
CA GLU A 56 -4.76 -5.09 8.78
C GLU A 56 -5.24 -6.51 8.49
N LYS A 57 -6.34 -6.90 9.14
CA LYS A 57 -6.90 -8.23 8.96
C LYS A 57 -7.29 -8.47 7.50
N VAL A 58 -7.74 -7.41 6.83
CA VAL A 58 -8.13 -7.50 5.43
C VAL A 58 -6.91 -7.67 4.53
N VAL A 59 -5.98 -6.73 4.62
CA VAL A 59 -4.77 -6.77 3.81
C VAL A 59 -3.94 -8.02 4.12
N GLN A 60 -3.92 -8.40 5.40
CA GLN A 60 -3.17 -9.58 5.83
C GLN A 60 -3.61 -10.82 5.06
N LYS A 61 -4.92 -11.03 5.03
CA LYS A 61 -5.48 -12.19 4.33
C LYS A 61 -5.06 -12.19 2.85
N VAL A 62 -5.50 -11.17 2.12
CA VAL A 62 -5.17 -11.06 0.71
C VAL A 62 -3.67 -11.17 0.48
N LYS A 63 -2.89 -10.43 1.27
CA LYS A 63 -1.44 -10.46 1.17
C LYS A 63 -0.92 -11.89 1.20
N GLN A 64 -1.47 -12.70 2.09
CA GLN A 64 -1.06 -14.09 2.22
C GLN A 64 -1.28 -14.85 0.92
N GLU A 65 -2.45 -14.65 0.32
CA GLU A 65 -2.78 -15.32 -0.94
C GLU A 65 -2.21 -14.56 -2.13
N ALA A 66 -1.53 -13.45 -1.85
CA ALA A 66 -0.93 -12.64 -2.90
C ALA A 66 0.57 -12.90 -3.01
N ASN A 67 1.17 -13.33 -1.90
CA ASN A 67 2.60 -13.62 -1.87
C ASN A 67 3.41 -12.35 -2.03
N VAL A 68 3.08 -11.32 -1.26
CA VAL A 68 3.78 -10.05 -1.32
C VAL A 68 3.86 -9.40 0.06
N GLN A 69 4.61 -8.30 0.15
CA GLN A 69 4.78 -7.59 1.41
C GLN A 69 3.67 -6.56 1.60
N VAL A 70 3.00 -6.62 2.75
CA VAL A 70 1.92 -5.69 3.05
C VAL A 70 2.37 -4.63 4.05
N TYR A 71 2.10 -3.37 3.71
CA TYR A 71 2.48 -2.25 4.58
C TYR A 71 1.29 -1.34 4.85
N ARG A 72 1.17 -0.89 6.10
CA ARG A 72 0.07 -0.01 6.49
C ARG A 72 0.57 1.43 6.65
N VAL A 73 -0.26 2.38 6.22
CA VAL A 73 0.10 3.79 6.32
C VAL A 73 -0.51 4.41 7.57
N THR A 74 0.25 5.32 8.21
CA THR A 74 -0.22 5.99 9.41
C THR A 74 -0.42 7.48 9.16
N SER A 75 0.30 8.02 8.19
CA SER A 75 0.21 9.43 7.86
C SER A 75 0.71 9.69 6.44
N ASN A 76 0.46 10.90 5.94
CA ASN A 76 0.88 11.27 4.59
C ASN A 76 2.38 11.03 4.41
N ASP A 77 3.16 11.34 5.45
CA ASP A 77 4.60 11.16 5.39
C ASP A 77 4.95 9.69 5.16
N GLU A 78 4.05 8.80 5.53
CA GLU A 78 4.27 7.36 5.37
C GLU A 78 4.06 6.94 3.92
N VAL A 79 3.16 7.65 3.23
CA VAL A 79 2.87 7.35 1.83
C VAL A 79 4.03 7.75 0.94
N GLU A 80 4.54 8.97 1.12
CA GLU A 80 5.65 9.47 0.33
C GLU A 80 6.94 8.74 0.69
N GLN A 81 7.06 8.32 1.95
CA GLN A 81 8.24 7.63 2.42
C GLN A 81 8.35 6.26 1.77
N VAL A 82 7.30 5.46 1.89
CA VAL A 82 7.27 4.11 1.32
C VAL A 82 7.45 4.16 -0.20
N VAL A 83 6.76 5.10 -0.84
CA VAL A 83 6.84 5.25 -2.28
C VAL A 83 8.22 5.74 -2.70
N LYS A 84 8.73 6.75 -2.01
CA LYS A 84 10.04 7.30 -2.32
C LYS A 84 11.07 6.19 -2.50
N ASP A 85 11.26 5.38 -1.47
CA ASP A 85 12.21 4.28 -1.52
C ASP A 85 11.66 3.12 -2.35
N VAL A 86 10.35 3.13 -2.56
CA VAL A 86 9.70 2.08 -3.34
C VAL A 86 10.35 0.73 -3.10
N LYS A 87 10.02 0.11 -1.97
CA LYS A 87 10.57 -1.20 -1.62
C LYS A 87 10.03 -1.68 -0.28
N GLY A 88 10.17 -2.97 -0.01
CA GLY A 88 9.69 -3.53 1.24
C GLY A 88 10.63 -4.58 1.80
N SER A 89 11.74 -4.12 2.39
CA SER A 89 12.72 -5.02 2.97
C SER A 89 13.16 -4.54 4.35
N GLY A 90 12.21 -4.47 5.27
CA GLY A 90 12.51 -4.02 6.61
C GLY A 90 11.46 -3.07 7.17
N LEU A 91 11.00 -3.35 8.39
CA LEU A 91 9.99 -2.52 9.03
C LEU A 91 10.60 -1.65 10.12
N GLU A 92 11.82 -1.19 9.88
CA GLU A 92 12.52 -0.34 10.84
C GLU A 92 13.68 0.39 10.18
N HIS A 93 14.22 1.39 10.88
CA HIS A 93 15.33 2.17 10.36
C HIS A 93 16.60 1.32 10.27
N HIS A 94 17.71 1.98 9.96
CA HIS A 94 19.00 1.29 9.83
C HIS A 94 20.02 1.87 10.81
N HIS A 95 21.27 1.43 10.68
CA HIS A 95 22.34 1.90 11.54
C HIS A 95 22.01 1.64 13.01
N HIS A 96 22.88 2.10 13.91
CA HIS A 96 22.69 1.92 15.34
C HIS A 96 22.55 0.43 15.67
N HIS A 97 22.25 0.14 16.94
CA HIS A 97 22.09 -1.23 17.39
C HIS A 97 23.33 -2.06 17.05
N HIS A 98 24.49 -1.45 17.20
CA HIS A 98 25.75 -2.14 16.91
C HIS A 98 26.70 -2.04 18.10
N GLY A 1 11.45 -3.43 -5.91
CA GLY A 1 11.43 -2.72 -7.18
C GLY A 1 10.09 -2.08 -7.46
N ARG A 2 9.04 -2.89 -7.49
CA ARG A 2 7.70 -2.40 -7.76
C ARG A 2 6.97 -2.05 -6.45
N VAL A 3 6.08 -1.06 -6.53
CA VAL A 3 5.33 -0.62 -5.36
C VAL A 3 3.97 -0.08 -5.76
N VAL A 4 2.97 -0.30 -4.91
CA VAL A 4 1.62 0.18 -5.18
C VAL A 4 1.01 0.82 -3.94
N VAL A 5 0.35 1.96 -4.13
CA VAL A 5 -0.28 2.68 -3.03
C VAL A 5 -1.79 2.51 -3.07
N VAL A 6 -2.38 2.20 -1.92
CA VAL A 6 -3.83 2.01 -1.81
C VAL A 6 -4.41 2.87 -0.69
N VAL A 7 -5.62 3.38 -0.93
CA VAL A 7 -6.28 4.23 0.06
C VAL A 7 -7.73 3.78 0.26
N THR A 8 -8.38 4.33 1.29
CA THR A 8 -9.76 3.99 1.59
C THR A 8 -10.71 5.09 1.15
N SER A 9 -10.16 6.28 0.91
CA SER A 9 -10.96 7.42 0.49
C SER A 9 -10.45 7.97 -0.84
N GLU A 10 -11.37 8.44 -1.68
CA GLU A 10 -11.02 8.99 -2.98
C GLU A 10 -10.12 10.22 -2.82
N GLN A 11 -10.34 10.98 -1.75
CA GLN A 11 -9.56 12.17 -1.49
C GLN A 11 -8.07 11.85 -1.45
N VAL A 12 -7.71 10.86 -0.63
CA VAL A 12 -6.32 10.44 -0.49
C VAL A 12 -5.76 9.91 -1.81
N LYS A 13 -6.62 9.25 -2.58
CA LYS A 13 -6.21 8.70 -3.87
C LYS A 13 -5.73 9.80 -4.81
N GLU A 14 -6.55 10.84 -4.96
CA GLU A 14 -6.20 11.96 -5.83
C GLU A 14 -4.88 12.60 -5.40
N GLU A 15 -4.68 12.71 -4.09
CA GLU A 15 -3.46 13.29 -3.54
C GLU A 15 -2.26 12.41 -3.84
N VAL A 16 -2.45 11.10 -3.72
CA VAL A 16 -1.38 10.15 -3.97
C VAL A 16 -1.02 10.09 -5.45
N ARG A 17 -2.03 9.92 -6.29
CA ARG A 17 -1.83 9.85 -7.73
C ARG A 17 -1.15 11.11 -8.24
N LYS A 18 -1.44 12.24 -7.60
CA LYS A 18 -0.86 13.52 -7.99
C LYS A 18 0.62 13.59 -7.59
N LYS A 19 0.93 13.04 -6.42
CA LYS A 19 2.31 13.04 -5.92
C LYS A 19 3.20 12.15 -6.79
N PHE A 20 2.68 10.99 -7.16
CA PHE A 20 3.42 10.04 -7.99
C PHE A 20 2.53 9.42 -9.05
N PRO A 21 2.27 10.19 -10.13
CA PRO A 21 1.41 9.73 -11.23
C PRO A 21 2.08 8.64 -12.05
N GLN A 22 3.40 8.65 -12.10
CA GLN A 22 4.16 7.65 -12.85
C GLN A 22 4.06 6.28 -12.19
N VAL A 23 3.85 6.28 -10.88
CA VAL A 23 3.73 5.03 -10.13
C VAL A 23 2.32 4.47 -10.21
N GLU A 24 2.15 3.24 -9.73
CA GLU A 24 0.84 2.58 -9.75
C GLU A 24 0.01 2.99 -8.53
N VAL A 25 -1.23 3.39 -8.78
CA VAL A 25 -2.13 3.81 -7.70
C VAL A 25 -3.49 3.16 -7.86
N ARG A 26 -3.94 2.48 -6.81
CA ARG A 26 -5.24 1.81 -6.82
C ARG A 26 -5.95 1.98 -5.48
N VAL A 27 -7.10 2.65 -5.52
CA VAL A 27 -7.88 2.88 -4.30
C VAL A 27 -8.92 1.77 -4.10
N VAL A 28 -8.98 1.25 -2.89
CA VAL A 28 -9.93 0.19 -2.56
C VAL A 28 -10.80 0.57 -1.38
N THR A 29 -12.07 0.18 -1.42
CA THR A 29 -13.01 0.48 -0.35
C THR A 29 -13.64 -0.79 0.21
N THR A 30 -13.78 -1.79 -0.65
CA THR A 30 -14.37 -3.06 -0.23
C THR A 30 -13.40 -4.23 -0.48
N GLU A 31 -13.77 -5.40 0.01
CA GLU A 31 -12.94 -6.59 -0.15
C GLU A 31 -12.92 -7.04 -1.61
N GLU A 32 -14.08 -7.05 -2.23
CA GLU A 32 -14.20 -7.46 -3.63
C GLU A 32 -13.33 -6.61 -4.53
N ASP A 33 -13.29 -5.31 -4.24
CA ASP A 33 -12.48 -4.38 -5.02
C ASP A 33 -11.00 -4.74 -4.95
N ALA A 34 -10.50 -4.94 -3.72
CA ALA A 34 -9.11 -5.29 -3.51
C ALA A 34 -8.73 -6.52 -4.33
N LYS A 35 -9.61 -7.51 -4.35
CA LYS A 35 -9.36 -8.74 -5.09
C LYS A 35 -9.06 -8.44 -6.56
N GLN A 36 -9.95 -7.72 -7.21
CA GLN A 36 -9.78 -7.37 -8.61
C GLN A 36 -8.48 -6.59 -8.82
N VAL A 37 -8.13 -5.77 -7.84
CA VAL A 37 -6.91 -4.97 -7.92
C VAL A 37 -5.67 -5.86 -7.80
N VAL A 38 -5.65 -6.72 -6.80
CA VAL A 38 -4.53 -7.63 -6.59
C VAL A 38 -4.17 -8.38 -7.87
N LYS A 39 -5.19 -8.81 -8.60
CA LYS A 39 -5.00 -9.54 -9.84
C LYS A 39 -4.43 -8.62 -10.93
N GLU A 40 -4.97 -7.41 -11.02
CA GLU A 40 -4.53 -6.44 -12.00
C GLU A 40 -3.04 -6.14 -11.84
N VAL A 41 -2.64 -5.84 -10.60
CA VAL A 41 -1.25 -5.55 -10.30
C VAL A 41 -0.37 -6.77 -10.47
N GLN A 42 -0.90 -7.92 -10.09
CA GLN A 42 -0.16 -9.19 -10.20
C GLN A 42 0.33 -9.40 -11.63
N LYS A 43 -0.51 -9.05 -12.60
CA LYS A 43 -0.18 -9.22 -14.00
C LYS A 43 0.84 -8.17 -14.44
N LYS A 44 0.73 -6.97 -13.87
CA LYS A 44 1.64 -5.89 -14.20
C LYS A 44 3.06 -6.21 -13.74
N GLY A 45 3.17 -6.84 -12.58
CA GLY A 45 4.47 -7.19 -12.05
C GLY A 45 4.76 -6.51 -10.72
N VAL A 46 3.71 -6.11 -10.02
CA VAL A 46 3.86 -5.45 -8.73
C VAL A 46 4.72 -6.27 -7.78
N GLN A 47 5.42 -5.59 -6.89
CA GLN A 47 6.28 -6.26 -5.92
C GLN A 47 5.90 -5.88 -4.49
N LYS A 48 5.44 -4.64 -4.31
CA LYS A 48 5.04 -4.15 -3.01
C LYS A 48 3.57 -3.74 -3.00
N VAL A 49 2.98 -3.67 -1.81
CA VAL A 49 1.58 -3.29 -1.67
C VAL A 49 1.35 -2.50 -0.38
N VAL A 50 1.02 -1.22 -0.53
CA VAL A 50 0.77 -0.37 0.62
C VAL A 50 -0.68 0.11 0.64
N VAL A 51 -1.23 0.23 1.84
CA VAL A 51 -2.61 0.67 2.01
C VAL A 51 -2.72 1.75 3.09
N VAL A 52 -3.66 2.67 2.89
CA VAL A 52 -3.86 3.75 3.84
C VAL A 52 -5.28 3.75 4.39
N GLY A 53 -5.42 3.86 5.71
CA GLY A 53 -6.73 3.87 6.33
C GLY A 53 -7.44 2.54 6.19
N VAL A 54 -6.70 1.52 5.74
CA VAL A 54 -7.28 0.19 5.56
C VAL A 54 -7.02 -0.69 6.77
N SER A 55 -8.01 -1.51 7.12
CA SER A 55 -7.89 -2.40 8.27
C SER A 55 -6.79 -3.43 8.03
N GLU A 56 -6.07 -3.77 9.10
CA GLU A 56 -4.99 -4.75 9.01
C GLU A 56 -5.54 -6.15 8.77
N LYS A 57 -6.68 -6.45 9.39
CA LYS A 57 -7.31 -7.76 9.24
C LYS A 57 -7.65 -8.04 7.78
N VAL A 58 -7.99 -6.98 7.05
CA VAL A 58 -8.33 -7.11 5.64
C VAL A 58 -7.09 -7.37 4.80
N VAL A 59 -6.11 -6.48 4.89
CA VAL A 59 -4.88 -6.62 4.13
C VAL A 59 -4.13 -7.89 4.52
N GLN A 60 -4.16 -8.22 5.82
CA GLN A 60 -3.49 -9.40 6.32
C GLN A 60 -3.99 -10.66 5.61
N LYS A 61 -5.31 -10.83 5.57
CA LYS A 61 -5.91 -11.98 4.91
C LYS A 61 -5.44 -12.09 3.47
N VAL A 62 -5.81 -11.12 2.65
CA VAL A 62 -5.42 -11.10 1.25
C VAL A 62 -3.92 -11.27 1.09
N LYS A 63 -3.15 -10.63 1.96
CA LYS A 63 -1.70 -10.73 1.92
C LYS A 63 -1.25 -12.18 1.99
N GLN A 64 -1.86 -12.94 2.89
CA GLN A 64 -1.51 -14.36 3.06
C GLN A 64 -1.77 -15.12 1.77
N GLU A 65 -2.93 -14.89 1.16
CA GLU A 65 -3.30 -15.57 -0.07
C GLU A 65 -2.67 -14.89 -1.28
N ALA A 66 -1.94 -13.81 -1.03
CA ALA A 66 -1.28 -13.06 -2.09
C ALA A 66 0.20 -13.45 -2.21
N ASN A 67 0.80 -13.80 -1.07
CA ASN A 67 2.21 -14.20 -1.05
C ASN A 67 3.10 -13.01 -1.40
N VAL A 68 2.83 -11.86 -0.79
CA VAL A 68 3.62 -10.67 -1.03
C VAL A 68 3.79 -9.84 0.24
N GLN A 69 4.61 -8.80 0.17
CA GLN A 69 4.86 -7.94 1.32
C GLN A 69 3.89 -6.75 1.33
N VAL A 70 3.13 -6.64 2.41
CA VAL A 70 2.16 -5.55 2.55
C VAL A 70 2.61 -4.54 3.59
N TYR A 71 2.31 -3.28 3.36
CA TYR A 71 2.69 -2.22 4.29
C TYR A 71 1.49 -1.34 4.63
N ARG A 72 1.38 -0.95 5.90
CA ARG A 72 0.28 -0.11 6.34
C ARG A 72 0.77 1.30 6.68
N VAL A 73 -0.08 2.29 6.48
CA VAL A 73 0.26 3.68 6.76
C VAL A 73 -0.95 4.46 7.24
N THR A 74 -0.73 5.33 8.22
CA THR A 74 -1.81 6.15 8.77
C THR A 74 -1.59 7.62 8.47
N SER A 75 -0.33 8.01 8.31
CA SER A 75 0.02 9.40 8.02
C SER A 75 0.52 9.55 6.59
N ASN A 76 0.56 10.79 6.11
CA ASN A 76 1.02 11.07 4.76
C ASN A 76 2.53 10.87 4.64
N ASP A 77 3.24 11.15 5.72
CA ASP A 77 4.69 11.00 5.75
C ASP A 77 5.09 9.55 5.50
N GLU A 78 4.21 8.62 5.89
CA GLU A 78 4.47 7.20 5.71
C GLU A 78 4.26 6.78 4.25
N VAL A 79 3.34 7.47 3.58
CA VAL A 79 3.05 7.18 2.18
C VAL A 79 4.21 7.57 1.27
N GLU A 80 4.66 8.82 1.41
CA GLU A 80 5.77 9.30 0.60
C GLU A 80 7.07 8.62 0.99
N GLN A 81 7.21 8.28 2.26
CA GLN A 81 8.41 7.62 2.76
C GLN A 81 8.57 6.23 2.13
N VAL A 82 7.52 5.43 2.21
CA VAL A 82 7.54 4.08 1.64
C VAL A 82 7.81 4.13 0.14
N VAL A 83 7.04 4.95 -0.56
CA VAL A 83 7.20 5.08 -2.01
C VAL A 83 8.57 5.61 -2.37
N LYS A 84 9.02 6.63 -1.65
CA LYS A 84 10.33 7.23 -1.89
C LYS A 84 11.41 6.16 -2.02
N ASP A 85 11.65 5.44 -0.93
CA ASP A 85 12.65 4.37 -0.94
C ASP A 85 12.30 3.30 -1.96
N VAL A 86 11.02 3.14 -2.24
CA VAL A 86 10.56 2.15 -3.21
C VAL A 86 11.34 0.84 -3.07
N LYS A 87 11.66 0.49 -1.83
CA LYS A 87 12.42 -0.74 -1.58
C LYS A 87 12.64 -0.93 -0.08
N GLY A 88 11.98 -1.94 0.50
CA GLY A 88 12.13 -2.20 1.92
C GLY A 88 11.74 -1.02 2.78
N SER A 89 12.41 -0.88 3.92
CA SER A 89 12.12 0.23 4.83
C SER A 89 13.26 0.40 5.83
N GLY A 90 13.68 1.64 6.05
CA GLY A 90 14.75 1.92 6.98
C GLY A 90 14.25 2.04 8.41
N LEU A 91 14.72 3.07 9.11
CA LEU A 91 14.32 3.29 10.50
C LEU A 91 14.75 4.69 10.97
N GLU A 92 13.79 5.46 11.46
CA GLU A 92 14.07 6.81 11.95
C GLU A 92 13.28 7.09 13.23
N HIS A 93 13.71 8.13 13.94
CA HIS A 93 13.05 8.51 15.19
C HIS A 93 12.48 9.92 15.10
N HIS A 94 11.21 10.02 14.69
CA HIS A 94 10.55 11.31 14.55
C HIS A 94 9.66 11.59 15.76
N HIS A 95 9.50 12.88 16.08
CA HIS A 95 8.67 13.28 17.20
C HIS A 95 7.63 14.32 16.78
N HIS A 96 6.52 14.36 17.51
CA HIS A 96 5.45 15.30 17.20
C HIS A 96 5.67 16.63 17.89
N HIS A 97 5.48 17.73 17.16
CA HIS A 97 5.67 19.07 17.71
C HIS A 97 4.35 19.61 18.26
N HIS A 98 3.94 19.10 19.41
CA HIS A 98 2.70 19.54 20.05
C HIS A 98 2.90 19.75 21.55
#